data_5QGO
# 
_entry.id   5QGO 
# 
_audit_conform.dict_name       mmcif_pdbx.dic 
_audit_conform.dict_version    5.381 
_audit_conform.dict_location   http://mmcif.pdb.org/dictionaries/ascii/mmcif_pdbx.dic 
# 
loop_
_database_2.database_id 
_database_2.database_code 
_database_2.pdbx_database_accession 
_database_2.pdbx_DOI 
PDB   5QGO         pdb_00005qgo 10.2210/pdb5qgo/pdb 
WWPDB D_1001401925 ?            ?                   
# 
_pdbx_database_status.entry_id                        5QGO 
_pdbx_database_status.status_code                     REL 
_pdbx_database_status.status_code_sf                  REL 
_pdbx_database_status.status_code_mr                  ? 
_pdbx_database_status.status_code_cs                  ? 
_pdbx_database_status.recvd_initial_deposition_date   2018-05-15 
_pdbx_database_status.deposit_site                    RCSB 
_pdbx_database_status.process_site                    RCSB 
_pdbx_database_status.SG_entry                        ? 
_pdbx_database_status.pdb_format_compatible           Y 
_pdbx_database_status.methods_development_category    ? 
_pdbx_database_status.status_code_nmr_data            ? 
# 
loop_
_audit_author.name 
_audit_author.pdbx_ordinal 
_audit_author.identifier_ORCID 
'Krojer, T.'         1  ? 
'Talon, R.'          2  ? 
'Fairhead, M.'       3  ? 
'Diaz Saez, L.'      4  ? 
'Bradley, A.R.'      5  ? 
'Aimon, A.'          6  ? 
'Collins, P.'        7  ? 
'Brandao-Neto, J.'   8  ? 
'Douangamath, A.'    9  ? 
'Ruda, G.F.'         10 ? 
'Szommer, T.'        11 ? 
'Srikannathasan, V.' 12 ? 
'Elkins, J.'         13 ? 
'Spencer, J.'        14 ? 
'London, N.'         15 ? 
'Nelson, A.'         16 ? 
'Brennan, P.E.'      17 ? 
'Huber, K.'          18 ? 
'Bountra, C.'        19 ? 
'Arrowsmith, C.H.'   20 ? 
'Edwards, A.'        21 ? 
'von Delft, F.'      22 ? 
# 
_citation.id                        primary 
_citation.title                     'PanDDA analysis group deposition of models with modelled events (e.g. bound ligands)' 
_citation.journal_abbrev            'To Be Published' 
_citation.journal_volume            ? 
_citation.page_first                ? 
_citation.page_last                 ? 
_citation.year                      ? 
_citation.journal_id_ASTM           ? 
_citation.country                   ? 
_citation.journal_id_ISSN           ? 
_citation.journal_id_CSD            0353 
_citation.book_publisher            ? 
_citation.pdbx_database_id_PubMed   ? 
_citation.pdbx_database_id_DOI      ? 
# 
loop_
_citation_author.citation_id 
_citation_author.name 
_citation_author.identifier_ORCID 
_citation_author.ordinal 
primary 'Krojer, T.'         ? 1  
primary 'Talon, R.'          ? 2  
primary 'Fairhead, M.'       ? 3  
primary 'Diaz Saez, L.'      ? 4  
primary 'Bradley, A.R.'      ? 5  
primary 'Aimon, A.'          ? 6  
primary 'Collins, P.'        ? 7  
primary 'Brandao-Neto, J.'   ? 8  
primary 'Douangamath, A.'    ? 9  
primary 'Ruda, G.F.'         ? 10 
primary 'Szommer, T.'        ? 11 
primary 'Srikannathasan, V.' ? 12 
primary 'Elkins, J.'         ? 13 
primary 'Spencer, J.'        ? 14 
primary 'London, N.'         ? 15 
primary 'Nelson, A.'         ? 16 
primary 'Brennan, P.E.'      ? 17 
primary 'Huber, K.'          ? 18 
primary 'Bountra, C.'        ? 19 
primary 'Arrowsmith, C.H.'   ? 20 
primary 'Edwards, A.'        ? 21 
primary 'von Delft, F.'      ? 22 
# 
_cell.entry_id           5QGO 
_cell.length_a           126.326 
_cell.length_b           126.326 
_cell.length_c           41.648 
_cell.angle_alpha        90.000 
_cell.angle_beta         90.000 
_cell.angle_gamma        120.000 
_cell.Z_PDB              6 
_cell.pdbx_unique_axis   ? 
# 
_symmetry.entry_id                         5QGO 
_symmetry.space_group_name_H-M             'P 3 2 1' 
_symmetry.pdbx_full_space_group_name_H-M   ? 
_symmetry.cell_setting                     ? 
_symmetry.Int_Tables_number                150 
# 
loop_
_entity.id 
_entity.type 
_entity.src_method 
_entity.pdbx_description 
_entity.formula_weight 
_entity.pdbx_number_of_molecules 
_entity.pdbx_ec 
_entity.pdbx_mutation 
_entity.pdbx_fragment 
_entity.details 
1 polymer     man 'Peroxisomal coenzyme A diphosphatase NUDT7'                                   22197.600 1   3.6.1.- ? ? ? 
2 non-polymer syn '(3aR,4R,6R,7R,8aR)-6-phenyloctahydro-1H-3a,7-epiminocyclohepta[c]pyrrol-4-ol' 244.332   1   ?       ? ? ? 
3 non-polymer syn 'ACETATE ION'                                                                  59.044    2   ?       ? ? ? 
4 non-polymer syn 'DIMETHYL SULFOXIDE'                                                           78.133    2   ?       ? ? ? 
5 water       nat water                                                                          18.015    170 ?       ? ? ? 
# 
_entity_name_com.entity_id   1 
_entity_name_com.name        'Nucleoside diphosphate-linked moiety X motif 7,Nudix motif 7' 
# 
_entity_poly.entity_id                      1 
_entity_poly.type                           'polypeptide(L)' 
_entity_poly.nstd_linkage                   no 
_entity_poly.nstd_monomer                   yes 
_entity_poly.pdbx_seq_one_letter_code       
;SMLDDAKARLRKYDIGGKYSHLPYNKYSVLLPLVAKEGKLHLLFTVRSEKLRRAPGEVCFPGGKRDPTDMDDAATALREA
QEEVGLR(HYP)HQVEVV(CSO)CLVPCLIDTDTLITPFVGLIDHNFQAQPNPAEVKDVFLVPLAYFLHPQVHDQHYVTR
LGHRFINHIFEYTNPEDGVTYQIKGMTANLAVLVAFIILEKKPT
;
_entity_poly.pdbx_seq_one_letter_code_can   
;SMLDDAKARLRKYDIGGKYSHLPYNKYSVLLPLVAKEGKLHLLFTVRSEKLRRAPGEVCFPGGKRDPTDMDDAATALREA
QEEVGLRPHQVEVVCCLVPCLIDTDTLITPFVGLIDHNFQAQPNPAEVKDVFLVPLAYFLHPQVHDQHYVTRLGHRFINH
IFEYTNPEDGVTYQIKGMTANLAVLVAFIILEKKPT
;
_entity_poly.pdbx_strand_id                 A 
_entity_poly.pdbx_target_identifier         ? 
# 
loop_
_entity_poly_seq.entity_id 
_entity_poly_seq.num 
_entity_poly_seq.mon_id 
_entity_poly_seq.hetero 
1 1   SER n 
1 2   MET n 
1 3   LEU n 
1 4   ASP n 
1 5   ASP n 
1 6   ALA n 
1 7   LYS n 
1 8   ALA n 
1 9   ARG n 
1 10  LEU n 
1 11  ARG n 
1 12  LYS n 
1 13  TYR n 
1 14  ASP n 
1 15  ILE n 
1 16  GLY n 
1 17  GLY n 
1 18  LYS n 
1 19  TYR n 
1 20  SER n 
1 21  HIS n 
1 22  LEU n 
1 23  PRO n 
1 24  TYR n 
1 25  ASN n 
1 26  LYS n 
1 27  TYR n 
1 28  SER n 
1 29  VAL n 
1 30  LEU n 
1 31  LEU n 
1 32  PRO n 
1 33  LEU n 
1 34  VAL n 
1 35  ALA n 
1 36  LYS n 
1 37  GLU n 
1 38  GLY n 
1 39  LYS n 
1 40  LEU n 
1 41  HIS n 
1 42  LEU n 
1 43  LEU n 
1 44  PHE n 
1 45  THR n 
1 46  VAL n 
1 47  ARG n 
1 48  SER n 
1 49  GLU n 
1 50  LYS n 
1 51  LEU n 
1 52  ARG n 
1 53  ARG n 
1 54  ALA n 
1 55  PRO n 
1 56  GLY n 
1 57  GLU n 
1 58  VAL n 
1 59  CYS n 
1 60  PHE n 
1 61  PRO n 
1 62  GLY n 
1 63  GLY n 
1 64  LYS n 
1 65  ARG n 
1 66  ASP n 
1 67  PRO n 
1 68  THR n 
1 69  ASP n 
1 70  MET n 
1 71  ASP n 
1 72  ASP n 
1 73  ALA n 
1 74  ALA n 
1 75  THR n 
1 76  ALA n 
1 77  LEU n 
1 78  ARG n 
1 79  GLU n 
1 80  ALA n 
1 81  GLN n 
1 82  GLU n 
1 83  GLU n 
1 84  VAL n 
1 85  GLY n 
1 86  LEU n 
1 87  ARG n 
1 88  HYP n 
1 89  HIS n 
1 90  GLN n 
1 91  VAL n 
1 92  GLU n 
1 93  VAL n 
1 94  VAL n 
1 95  CSO n 
1 96  CYS n 
1 97  LEU n 
1 98  VAL n 
1 99  PRO n 
1 100 CYS n 
1 101 LEU n 
1 102 ILE n 
1 103 ASP n 
1 104 THR n 
1 105 ASP n 
1 106 THR n 
1 107 LEU n 
1 108 ILE n 
1 109 THR n 
1 110 PRO n 
1 111 PHE n 
1 112 VAL n 
1 113 GLY n 
1 114 LEU n 
1 115 ILE n 
1 116 ASP n 
1 117 HIS n 
1 118 ASN n 
1 119 PHE n 
1 120 GLN n 
1 121 ALA n 
1 122 GLN n 
1 123 PRO n 
1 124 ASN n 
1 125 PRO n 
1 126 ALA n 
1 127 GLU n 
1 128 VAL n 
1 129 LYS n 
1 130 ASP n 
1 131 VAL n 
1 132 PHE n 
1 133 LEU n 
1 134 VAL n 
1 135 PRO n 
1 136 LEU n 
1 137 ALA n 
1 138 TYR n 
1 139 PHE n 
1 140 LEU n 
1 141 HIS n 
1 142 PRO n 
1 143 GLN n 
1 144 VAL n 
1 145 HIS n 
1 146 ASP n 
1 147 GLN n 
1 148 HIS n 
1 149 TYR n 
1 150 VAL n 
1 151 THR n 
1 152 ARG n 
1 153 LEU n 
1 154 GLY n 
1 155 HIS n 
1 156 ARG n 
1 157 PHE n 
1 158 ILE n 
1 159 ASN n 
1 160 HIS n 
1 161 ILE n 
1 162 PHE n 
1 163 GLU n 
1 164 TYR n 
1 165 THR n 
1 166 ASN n 
1 167 PRO n 
1 168 GLU n 
1 169 ASP n 
1 170 GLY n 
1 171 VAL n 
1 172 THR n 
1 173 TYR n 
1 174 GLN n 
1 175 ILE n 
1 176 LYS n 
1 177 GLY n 
1 178 MET n 
1 179 THR n 
1 180 ALA n 
1 181 ASN n 
1 182 LEU n 
1 183 ALA n 
1 184 VAL n 
1 185 LEU n 
1 186 VAL n 
1 187 ALA n 
1 188 PHE n 
1 189 ILE n 
1 190 ILE n 
1 191 LEU n 
1 192 GLU n 
1 193 LYS n 
1 194 LYS n 
1 195 PRO n 
1 196 THR n 
# 
_entity_src_gen.entity_id                          1 
_entity_src_gen.pdbx_src_id                        1 
_entity_src_gen.pdbx_alt_source_flag               sample 
_entity_src_gen.pdbx_seq_type                      'Biological sequence' 
_entity_src_gen.pdbx_beg_seq_num                   1 
_entity_src_gen.pdbx_end_seq_num                   196 
_entity_src_gen.gene_src_common_name               Human 
_entity_src_gen.gene_src_genus                     ? 
_entity_src_gen.pdbx_gene_src_gene                 NUDT7 
_entity_src_gen.gene_src_species                   ? 
_entity_src_gen.gene_src_strain                    ? 
_entity_src_gen.gene_src_tissue                    ? 
_entity_src_gen.gene_src_tissue_fraction           ? 
_entity_src_gen.gene_src_details                   ? 
_entity_src_gen.pdbx_gene_src_fragment             ? 
_entity_src_gen.pdbx_gene_src_scientific_name      'Homo sapiens' 
_entity_src_gen.pdbx_gene_src_ncbi_taxonomy_id     9606 
_entity_src_gen.pdbx_gene_src_variant              ? 
_entity_src_gen.pdbx_gene_src_cell_line            ? 
_entity_src_gen.pdbx_gene_src_atcc                 ? 
_entity_src_gen.pdbx_gene_src_organ                ? 
_entity_src_gen.pdbx_gene_src_organelle            ? 
_entity_src_gen.pdbx_gene_src_cell                 ? 
_entity_src_gen.pdbx_gene_src_cellular_location    ? 
_entity_src_gen.host_org_common_name               ? 
_entity_src_gen.pdbx_host_org_scientific_name      'Escherichia coli' 
_entity_src_gen.pdbx_host_org_ncbi_taxonomy_id     562 
_entity_src_gen.host_org_genus                     ? 
_entity_src_gen.pdbx_host_org_gene                 ? 
_entity_src_gen.pdbx_host_org_organ                ? 
_entity_src_gen.host_org_species                   ? 
_entity_src_gen.pdbx_host_org_tissue               ? 
_entity_src_gen.pdbx_host_org_tissue_fraction      ? 
_entity_src_gen.pdbx_host_org_strain               ? 
_entity_src_gen.pdbx_host_org_variant              ? 
_entity_src_gen.pdbx_host_org_cell_line            ? 
_entity_src_gen.pdbx_host_org_atcc                 ? 
_entity_src_gen.pdbx_host_org_culture_collection   ? 
_entity_src_gen.pdbx_host_org_cell                 ? 
_entity_src_gen.pdbx_host_org_organelle            ? 
_entity_src_gen.pdbx_host_org_cellular_location    ? 
_entity_src_gen.pdbx_host_org_vector_type          ? 
_entity_src_gen.pdbx_host_org_vector               ? 
_entity_src_gen.host_org_details                   ? 
_entity_src_gen.expression_system_id               ? 
_entity_src_gen.plasmid_name                       ? 
_entity_src_gen.plasmid_details                    ? 
_entity_src_gen.pdbx_description                   ? 
# 
_struct_ref.id                         1 
_struct_ref.db_name                    UNP 
_struct_ref.db_code                    NUDT7_HUMAN 
_struct_ref.pdbx_db_accession          P0C024 
_struct_ref.pdbx_db_isoform            ? 
_struct_ref.entity_id                  1 
_struct_ref.pdbx_seq_one_letter_code   
;SLLDDAKARLRKYDIGGKYSHLPYNKYSVLLPLVAKEGKLHLLFTVRSEKLRRAPGEVCFPGGKRDPTDMDDAATALREA
QEEVGLRPHQVEVVCCLVPCLIDTDTLITPFVGLIDHNFQAQPNPAEVKDVFLVPLAYFLHPQVHDQHYVTRLGHRFINH
IFEYTNPEDGVTYQIKGMTANLAVLVAFIILEKKPT
;
_struct_ref.pdbx_align_begin           14 
# 
_struct_ref_seq.align_id                      1 
_struct_ref_seq.ref_id                        1 
_struct_ref_seq.pdbx_PDB_id_code              5QGO 
_struct_ref_seq.pdbx_strand_id                A 
_struct_ref_seq.seq_align_beg                 1 
_struct_ref_seq.pdbx_seq_align_beg_ins_code   ? 
_struct_ref_seq.seq_align_end                 196 
_struct_ref_seq.pdbx_seq_align_end_ins_code   ? 
_struct_ref_seq.pdbx_db_accession             P0C024 
_struct_ref_seq.db_align_beg                  14 
_struct_ref_seq.pdbx_db_align_beg_ins_code    ? 
_struct_ref_seq.db_align_end                  209 
_struct_ref_seq.pdbx_db_align_end_ins_code    ? 
_struct_ref_seq.pdbx_auth_seq_align_beg       15 
_struct_ref_seq.pdbx_auth_seq_align_end       210 
# 
_struct_ref_seq_dif.align_id                     1 
_struct_ref_seq_dif.pdbx_pdb_id_code             5QGO 
_struct_ref_seq_dif.mon_id                       MET 
_struct_ref_seq_dif.pdbx_pdb_strand_id           A 
_struct_ref_seq_dif.seq_num                      2 
_struct_ref_seq_dif.pdbx_pdb_ins_code            ? 
_struct_ref_seq_dif.pdbx_seq_db_name             UNP 
_struct_ref_seq_dif.pdbx_seq_db_accession_code   P0C024 
_struct_ref_seq_dif.db_mon_id                    LEU 
_struct_ref_seq_dif.pdbx_seq_db_seq_num          15 
_struct_ref_seq_dif.details                      conflict 
_struct_ref_seq_dif.pdbx_auth_seq_num            16 
_struct_ref_seq_dif.pdbx_ordinal                 1 
# 
loop_
_chem_comp.id 
_chem_comp.type 
_chem_comp.mon_nstd_flag 
_chem_comp.name 
_chem_comp.pdbx_synonyms 
_chem_comp.formula 
_chem_comp.formula_weight 
ACT non-polymer         . 'ACETATE ION'                                                                  ?              
'C2 H3 O2 -1'    59.044  
ALA 'L-peptide linking' y ALANINE                                                                        ?              
'C3 H7 N O2'     89.093  
ARG 'L-peptide linking' y ARGININE                                                                       ?              
'C6 H15 N4 O2 1' 175.209 
ASN 'L-peptide linking' y ASPARAGINE                                                                     ?              
'C4 H8 N2 O3'    132.118 
ASP 'L-peptide linking' y 'ASPARTIC ACID'                                                                ?              
'C4 H7 N O4'     133.103 
CSO 'L-peptide linking' n S-HYDROXYCYSTEINE                                                              ?              
'C3 H7 N O3 S'   137.158 
CYS 'L-peptide linking' y CYSTEINE                                                                       ?              
'C3 H7 N O2 S'   121.158 
DMS non-polymer         . 'DIMETHYL SULFOXIDE'                                                           ?              
'C2 H6 O S'      78.133  
GLN 'L-peptide linking' y GLUTAMINE                                                                      ?              
'C5 H10 N2 O3'   146.144 
GLU 'L-peptide linking' y 'GLUTAMIC ACID'                                                                ?              
'C5 H9 N O4'     147.129 
GLY 'peptide linking'   y GLYCINE                                                                        ?              
'C2 H5 N O2'     75.067  
H4A non-polymer         . '(3aR,4R,6R,7R,8aR)-6-phenyloctahydro-1H-3a,7-epiminocyclohepta[c]pyrrol-4-ol' ?              
'C15 H20 N2 O'   244.332 
HIS 'L-peptide linking' y HISTIDINE                                                                      ?              
'C6 H10 N3 O2 1' 156.162 
HOH non-polymer         . WATER                                                                          ?              'H2 O' 
18.015  
HYP 'L-peptide linking' n 4-HYDROXYPROLINE                                                               HYDROXYPROLINE 
'C5 H9 N O3'     131.130 
ILE 'L-peptide linking' y ISOLEUCINE                                                                     ?              
'C6 H13 N O2'    131.173 
LEU 'L-peptide linking' y LEUCINE                                                                        ?              
'C6 H13 N O2'    131.173 
LYS 'L-peptide linking' y LYSINE                                                                         ?              
'C6 H15 N2 O2 1' 147.195 
MET 'L-peptide linking' y METHIONINE                                                                     ?              
'C5 H11 N O2 S'  149.211 
PHE 'L-peptide linking' y PHENYLALANINE                                                                  ?              
'C9 H11 N O2'    165.189 
PRO 'L-peptide linking' y PROLINE                                                                        ?              
'C5 H9 N O2'     115.130 
SER 'L-peptide linking' y SERINE                                                                         ?              
'C3 H7 N O3'     105.093 
THR 'L-peptide linking' y THREONINE                                                                      ?              
'C4 H9 N O3'     119.119 
TYR 'L-peptide linking' y TYROSINE                                                                       ?              
'C9 H11 N O3'    181.189 
VAL 'L-peptide linking' y VALINE                                                                         ?              
'C5 H11 N O2'    117.146 
# 
_exptl.crystals_number   1 
_exptl.entry_id          5QGO 
_exptl.method            'X-RAY DIFFRACTION' 
# 
_exptl_crystal.id                    1 
_exptl_crystal.pdbx_mosaicity        0.070 
_exptl_crystal.pdbx_mosaicity_esd    ? 
_exptl_crystal.density_Matthews      4.32 
_exptl_crystal.density_diffrn        ? 
_exptl_crystal.density_meas          ? 
_exptl_crystal.density_meas_temp     ? 
_exptl_crystal.density_percent_sol   71.54 
_exptl_crystal.size_max              ? 
_exptl_crystal.size_mid              ? 
_exptl_crystal.size_min              ? 
_exptl_crystal.size_rad              ? 
_exptl_crystal.description           ? 
_exptl_crystal.preparation           ? 
# 
_exptl_crystal_grow.crystal_id      1 
_exptl_crystal_grow.method          'VAPOR DIFFUSION, SITTING DROP' 
_exptl_crystal_grow.pH              5.5 
_exptl_crystal_grow.temp            293 
_exptl_crystal_grow.pdbx_details    '0.1M bis-tris pH 5.5 -- 0.1M ammonium acetate -- 5%(w/v) PEG10K' 
_exptl_crystal_grow.temp_details    ? 
_exptl_crystal_grow.pdbx_pH_range   ? 
# 
_diffrn.id                     1 
_diffrn.ambient_temp           100 
_diffrn.crystal_id             1 
_diffrn.ambient_temp_details   ? 
# 
_diffrn_detector.detector               PIXEL 
_diffrn_detector.type                   'DECTRIS PILATUS 6M' 
_diffrn_detector.pdbx_collection_date   2017-05-11 
_diffrn_detector.diffrn_id              1 
_diffrn_detector.details                ? 
# 
_diffrn_radiation.diffrn_id                        1 
_diffrn_radiation.wavelength_id                    1 
_diffrn_radiation.pdbx_diffrn_protocol             'SINGLE WAVELENGTH' 
_diffrn_radiation.pdbx_monochromatic_or_laue_m_l   ? 
_diffrn_radiation.monochromator                    ? 
_diffrn_radiation.pdbx_scattering_type             x-ray 
# 
_diffrn_radiation_wavelength.id           1 
_diffrn_radiation_wavelength.wavelength   0.92819 
_diffrn_radiation_wavelength.wt           1.0 
# 
_diffrn_source.diffrn_id                   1 
_diffrn_source.source                      SYNCHROTRON 
_diffrn_source.type                        'DIAMOND BEAMLINE I04-1' 
_diffrn_source.pdbx_wavelength_list        0.92819 
_diffrn_source.pdbx_synchrotron_site       Diamond 
_diffrn_source.pdbx_synchrotron_beamline   I04-1 
_diffrn_source.pdbx_wavelength             ? 
# 
_reflns.entry_id                     5QGO 
_reflns.pdbx_diffrn_id               1 
_reflns.pdbx_ordinal                 1 
_reflns.observed_criterion_sigma_I   ? 
_reflns.observed_criterion_sigma_F   ? 
_reflns.d_resolution_low             29.340 
_reflns.d_resolution_high            1.820 
_reflns.number_obs                   34551 
_reflns.number_all                   ? 
_reflns.percent_possible_obs         99.900 
_reflns.pdbx_Rmerge_I_obs            0.054 
_reflns.pdbx_Rsym_value              ? 
_reflns.pdbx_netI_over_sigmaI        24.700 
_reflns.B_iso_Wilson_estimate        ? 
_reflns.pdbx_redundancy              10.100 
_reflns.pdbx_Rrim_I_all              0.057 
_reflns.pdbx_Rpim_I_all              0.018 
_reflns.pdbx_CC_half                 1.000 
_reflns.pdbx_netI_over_av_sigmaI     ? 
_reflns.pdbx_number_measured_all     349933 
_reflns.pdbx_scaling_rejects         2 
_reflns.pdbx_chi_squared             ? 
_reflns.Rmerge_F_all                 ? 
_reflns.Rmerge_F_obs                 ? 
_reflns.observed_criterion_F_max     ? 
_reflns.observed_criterion_F_min     ? 
_reflns.observed_criterion_I_max     ? 
_reflns.observed_criterion_I_min     ? 
_reflns.pdbx_d_res_high_opt          ? 
_reflns.pdbx_d_res_low_opt           ? 
_reflns.details                      ? 
# 
loop_
_reflns_shell.pdbx_diffrn_id 
_reflns_shell.pdbx_ordinal 
_reflns_shell.d_res_high 
_reflns_shell.d_res_low 
_reflns_shell.number_measured_obs 
_reflns_shell.number_measured_all 
_reflns_shell.number_unique_obs 
_reflns_shell.pdbx_rejects 
_reflns_shell.Rmerge_I_obs 
_reflns_shell.meanI_over_sigI_obs 
_reflns_shell.pdbx_Rsym_value 
_reflns_shell.pdbx_chi_squared 
_reflns_shell.pdbx_redundancy 
_reflns_shell.percent_possible_obs 
_reflns_shell.pdbx_netI_over_sigmaI_obs 
_reflns_shell.number_possible 
_reflns_shell.number_unique_all 
_reflns_shell.Rmerge_F_all 
_reflns_shell.Rmerge_F_obs 
_reflns_shell.Rmerge_I_all 
_reflns_shell.meanI_over_sigI_all 
_reflns_shell.percent_possible_all 
_reflns_shell.pdbx_Rrim_I_all 
_reflns_shell.pdbx_Rpim_I_all 
_reflns_shell.pdbx_CC_half 
1 1 1.820 1.860  ? 25193 ? ? 0.983 ? ? ? 10.000 ? 2.300  ? 2507 ? ? ? ? 99.300 1.036 0.323 0.808 
1 2 8.130 29.340 ? 4106  ? ? 0.022 ? ? ? 9.800  ? 93.800 ? 418  ? ? ? ? 97.600 0.024 0.007 1.000 
# 
_refine.entry_id                                 5QGO 
_refine.pdbx_refine_id                           'X-RAY DIFFRACTION' 
_refine.ls_d_res_high                            1.8200 
_refine.ls_d_res_low                             109.4000 
_refine.pdbx_ls_sigma_F                          0.000 
_refine.pdbx_data_cutoff_high_absF               ? 
_refine.pdbx_data_cutoff_low_absF                ? 
_refine.ls_percent_reflns_obs                    97.6700 
_refine.ls_number_reflns_obs                     32082 
_refine.ls_number_reflns_all                     ? 
_refine.pdbx_ls_cross_valid_method               THROUGHOUT 
_refine.ls_matrix_type                           ? 
_refine.pdbx_R_Free_selection_details            RANDOM 
_refine.details                                  
'HYDROGENS HAVE BEEN ADDED IN THE RIDING POSITIONS U VALUES      : REFINED INDIVIDUALLY' 
_refine.ls_R_factor_all                          ? 
_refine.ls_R_factor_obs                          0.2016 
_refine.ls_R_factor_R_work                       0.2004 
_refine.ls_wR_factor_R_work                      ? 
_refine.ls_R_factor_R_free                       0.2235 
_refine.ls_wR_factor_R_free                      ? 
_refine.ls_percent_reflns_R_free                 5.0000 
_refine.ls_number_reflns_R_free                  1696 
_refine.ls_number_reflns_R_work                  ? 
_refine.ls_R_factor_R_free_error                 ? 
_refine.B_iso_mean                               40.0400 
_refine.solvent_model_param_bsol                 ? 
_refine.solvent_model_param_ksol                 ? 
_refine.pdbx_isotropic_thermal_model             ? 
_refine.aniso_B[1][1]                            0.3400 
_refine.aniso_B[2][2]                            0.3400 
_refine.aniso_B[3][3]                            -1.0900 
_refine.aniso_B[1][2]                            0.1700 
_refine.aniso_B[1][3]                            0.0000 
_refine.aniso_B[2][3]                            -0.0000 
_refine.correlation_coeff_Fo_to_Fc               0.9600 
_refine.correlation_coeff_Fo_to_Fc_free          0.9520 
_refine.overall_SU_R_Cruickshank_DPI             ? 
_refine.pdbx_overall_SU_R_free_Cruickshank_DPI   ? 
_refine.pdbx_overall_SU_R_Blow_DPI               ? 
_refine.pdbx_overall_SU_R_free_Blow_DPI          ? 
_refine.overall_SU_R_free                        ? 
_refine.pdbx_overall_ESU_R                       0.0960 
_refine.pdbx_overall_ESU_R_Free                  0.0950 
_refine.overall_SU_ML                            0.0770 
_refine.overall_SU_B                             2.5990 
_refine.solvent_model_details                    MASK 
_refine.pdbx_solvent_vdw_probe_radii             1.2000 
_refine.pdbx_solvent_ion_probe_radii             0.8000 
_refine.pdbx_solvent_shrinkage_radii             0.8000 
_refine.ls_number_parameters                     ? 
_refine.ls_number_restraints                     ? 
_refine.pdbx_starting_model                      5T3P 
_refine.pdbx_method_to_determine_struct          'FOURIER SYNTHESIS' 
_refine.pdbx_stereochemistry_target_values       'MAXIMUM LIKELIHOOD' 
_refine.pdbx_stereochem_target_val_spec_case     ? 
_refine.overall_FOM_work_R_set                   ? 
_refine.B_iso_max                                116.870 
_refine.B_iso_min                                20.480 
_refine.pdbx_overall_phase_error                 ? 
_refine.occupancy_max                            ? 
_refine.occupancy_min                            ? 
_refine.pdbx_diffrn_id                           1 
_refine.pdbx_TLS_residual_ADP_flag               ? 
_refine.pdbx_ls_sigma_I                          ? 
_refine.pdbx_data_cutoff_high_rms_absF           ? 
_refine.ls_R_factor_R_free_error_details         ? 
# 
_refine_hist.cycle_id                         final 
_refine_hist.pdbx_refine_id                   'X-RAY DIFFRACTION' 
_refine_hist.d_res_high                       1.8200 
_refine_hist.d_res_low                        109.4000 
_refine_hist.pdbx_number_atoms_ligand         34 
_refine_hist.number_atoms_solvent             170 
_refine_hist.number_atoms_total               1671 
_refine_hist.pdbx_number_residues_total       186 
_refine_hist.pdbx_B_iso_mean_ligand           55.08 
_refine_hist.pdbx_B_iso_mean_solvent          49.63 
_refine_hist.pdbx_number_atoms_protein        1467 
_refine_hist.pdbx_number_atoms_nucleic_acid   0 
# 
loop_
_refine_ls_restr.pdbx_refine_id 
_refine_ls_restr.type 
_refine_ls_restr.number 
_refine_ls_restr.dev_ideal 
_refine_ls_restr.dev_ideal_target 
_refine_ls_restr.weight 
_refine_ls_restr.pdbx_restraint_function 
'X-RAY DIFFRACTION' r_bond_refined_d       1534 0.015  0.019  ? ? 
'X-RAY DIFFRACTION' r_bond_other_d         1461 0.002  0.020  ? ? 
'X-RAY DIFFRACTION' r_angle_refined_deg    2085 1.722  1.996  ? ? 
'X-RAY DIFFRACTION' r_angle_other_deg      3389 0.999  2.982  ? ? 
'X-RAY DIFFRACTION' r_dihedral_angle_1_deg 184  6.299  5.000  ? ? 
'X-RAY DIFFRACTION' r_dihedral_angle_2_deg 66   32.448 24.242 ? ? 
'X-RAY DIFFRACTION' r_dihedral_angle_3_deg 252  14.789 15.000 ? ? 
'X-RAY DIFFRACTION' r_dihedral_angle_4_deg 8    14.569 15.000 ? ? 
'X-RAY DIFFRACTION' r_chiral_restr         242  0.108  0.200  ? ? 
'X-RAY DIFFRACTION' r_gen_planes_refined   1655 0.008  0.021  ? ? 
'X-RAY DIFFRACTION' r_gen_planes_other     289  0.001  0.020  ? ? 
'X-RAY DIFFRACTION' r_mcbond_it            744  3.027  3.597  ? ? 
'X-RAY DIFFRACTION' r_mcbond_other         741  3.018  3.585  ? ? 
'X-RAY DIFFRACTION' r_mcangle_it           924  4.358  5.343  ? ? 
# 
_refine_ls_shell.d_res_high                       1.8170 
_refine_ls_shell.d_res_low                        1.8650 
_refine_ls_shell.pdbx_total_number_of_bins_used   20 
_refine_ls_shell.percent_reflns_obs               99.2900 
_refine_ls_shell.number_reflns_R_work             2349 
_refine_ls_shell.R_factor_all                     ? 
_refine_ls_shell.R_factor_R_work                  0.2530 
_refine_ls_shell.R_factor_R_free                  0.3000 
_refine_ls_shell.percent_reflns_R_free            ? 
_refine_ls_shell.number_reflns_R_free             151 
_refine_ls_shell.R_factor_R_free_error            ? 
_refine_ls_shell.number_reflns_all                2500 
_refine_ls_shell.number_reflns_obs                ? 
_refine_ls_shell.pdbx_refine_id                   'X-RAY DIFFRACTION' 
# 
_struct.entry_id                  5QGO 
_struct.title                     
;PanDDA analysis group deposition of models with modelled events (e.g. bound ligands) -- Crystal Structure of NUDT7 in complex with OX-220
;
_struct.pdbx_model_details        ? 
_struct.pdbx_CASP_flag            ? 
_struct.pdbx_model_type_details   ? 
# 
_struct_keywords.entry_id        5QGO 
_struct_keywords.text            'PanDDA, SGC - Diamond I04-1 fragment screening, NUDIX domain, XChemExplorer, HYDROLASE' 
_struct_keywords.pdbx_keywords   HYDROLASE 
# 
loop_
_struct_asym.id 
_struct_asym.pdbx_blank_PDB_chainid_flag 
_struct_asym.pdbx_modified 
_struct_asym.entity_id 
_struct_asym.details 
A N N 1 ? 
B N N 2 ? 
C N N 3 ? 
D N N 3 ? 
E N N 4 ? 
F N N 4 ? 
G N N 5 ? 
# 
loop_
_struct_conf.conf_type_id 
_struct_conf.id 
_struct_conf.pdbx_PDB_helix_id 
_struct_conf.beg_label_comp_id 
_struct_conf.beg_label_asym_id 
_struct_conf.beg_label_seq_id 
_struct_conf.pdbx_beg_PDB_ins_code 
_struct_conf.end_label_comp_id 
_struct_conf.end_label_asym_id 
_struct_conf.end_label_seq_id 
_struct_conf.pdbx_end_PDB_ins_code 
_struct_conf.beg_auth_comp_id 
_struct_conf.beg_auth_asym_id 
_struct_conf.beg_auth_seq_id 
_struct_conf.end_auth_comp_id 
_struct_conf.end_auth_asym_id 
_struct_conf.end_auth_seq_id 
_struct_conf.pdbx_PDB_helix_class 
_struct_conf.details 
_struct_conf.pdbx_PDB_helix_length 
HELX_P HELX_P1 AA1 SER A 1   ? LYS A 12  ? SER A 15  LYS A 26  1 ? 12 
HELX_P HELX_P2 AA2 ASP A 71  ? GLY A 85  ? ASP A 85  GLY A 99  1 ? 15 
HELX_P HELX_P3 AA3 ARG A 87  ? HIS A 89  ? ARG A 101 HIS A 103 5 ? 3  
HELX_P HELX_P4 AA4 ALA A 137 ? HIS A 141 ? ALA A 151 HIS A 155 5 ? 5  
HELX_P HELX_P5 AA5 LYS A 176 ? GLU A 192 ? LYS A 190 GLU A 206 1 ? 17 
# 
_struct_conf_type.id          HELX_P 
_struct_conf_type.criteria    ? 
_struct_conf_type.reference   ? 
# 
loop_
_struct_conn.id 
_struct_conn.conn_type_id 
_struct_conn.pdbx_leaving_atom_flag 
_struct_conn.pdbx_PDB_id 
_struct_conn.ptnr1_label_asym_id 
_struct_conn.ptnr1_label_comp_id 
_struct_conn.ptnr1_label_seq_id 
_struct_conn.ptnr1_label_atom_id 
_struct_conn.pdbx_ptnr1_label_alt_id 
_struct_conn.pdbx_ptnr1_PDB_ins_code 
_struct_conn.pdbx_ptnr1_standard_comp_id 
_struct_conn.ptnr1_symmetry 
_struct_conn.ptnr2_label_asym_id 
_struct_conn.ptnr2_label_comp_id 
_struct_conn.ptnr2_label_seq_id 
_struct_conn.ptnr2_label_atom_id 
_struct_conn.pdbx_ptnr2_label_alt_id 
_struct_conn.pdbx_ptnr2_PDB_ins_code 
_struct_conn.ptnr1_auth_asym_id 
_struct_conn.ptnr1_auth_comp_id 
_struct_conn.ptnr1_auth_seq_id 
_struct_conn.ptnr2_auth_asym_id 
_struct_conn.ptnr2_auth_comp_id 
_struct_conn.ptnr2_auth_seq_id 
_struct_conn.ptnr2_symmetry 
_struct_conn.pdbx_ptnr3_label_atom_id 
_struct_conn.pdbx_ptnr3_label_seq_id 
_struct_conn.pdbx_ptnr3_label_comp_id 
_struct_conn.pdbx_ptnr3_label_asym_id 
_struct_conn.pdbx_ptnr3_label_alt_id 
_struct_conn.pdbx_ptnr3_PDB_ins_code 
_struct_conn.details 
_struct_conn.pdbx_dist_value 
_struct_conn.pdbx_value_order 
_struct_conn.pdbx_role 
covale1 covale both ? A ARG 87 C ? ? ? 1_555 A HYP 88 N ? ? A ARG 101 A HYP 102 1_555 ? ? ? ? ? ? ? 1.339 ? ? 
covale2 covale both ? A HYP 88 C ? ? ? 1_555 A HIS 89 N ? ? A HYP 102 A HIS 103 1_555 ? ? ? ? ? ? ? 1.328 ? ? 
covale3 covale both ? A VAL 94 C ? ? ? 1_555 A CSO 95 N ? ? A VAL 108 A CSO 109 1_555 ? ? ? ? ? ? ? 1.333 ? ? 
covale4 covale both ? A CSO 95 C ? ? ? 1_555 A CYS 96 N ? ? A CSO 109 A CYS 110 1_555 ? ? ? ? ? ? ? 1.327 ? ? 
# 
_struct_conn_type.id          covale 
_struct_conn_type.criteria    ? 
_struct_conn_type.reference   ? 
# 
loop_
_struct_sheet.id 
_struct_sheet.type 
_struct_sheet.number_strands 
_struct_sheet.details 
AA1 ? 4 ? 
AA2 ? 4 ? 
AA3 ? 3 ? 
AA4 ? 3 ? 
# 
loop_
_struct_sheet_order.sheet_id 
_struct_sheet_order.range_id_1 
_struct_sheet_order.range_id_2 
_struct_sheet_order.offset 
_struct_sheet_order.sense 
AA1 1 2 ? anti-parallel 
AA1 2 3 ? parallel      
AA1 3 4 ? anti-parallel 
AA2 1 2 ? anti-parallel 
AA2 2 3 ? parallel      
AA2 3 4 ? anti-parallel 
AA3 1 2 ? anti-parallel 
AA3 2 3 ? anti-parallel 
AA4 1 2 ? anti-parallel 
AA4 2 3 ? anti-parallel 
# 
loop_
_struct_sheet_range.sheet_id 
_struct_sheet_range.id 
_struct_sheet_range.beg_label_comp_id 
_struct_sheet_range.beg_label_asym_id 
_struct_sheet_range.beg_label_seq_id 
_struct_sheet_range.pdbx_beg_PDB_ins_code 
_struct_sheet_range.end_label_comp_id 
_struct_sheet_range.end_label_asym_id 
_struct_sheet_range.end_label_seq_id 
_struct_sheet_range.pdbx_end_PDB_ins_code 
_struct_sheet_range.beg_auth_comp_id 
_struct_sheet_range.beg_auth_asym_id 
_struct_sheet_range.beg_auth_seq_id 
_struct_sheet_range.end_auth_comp_id 
_struct_sheet_range.end_auth_asym_id 
_struct_sheet_range.end_auth_seq_id 
AA1 1 VAL A 91  ? CYS A 96  ? VAL A 105 CYS A 110 
AA1 2 THR A 106 ? ILE A 115 ? THR A 120 ILE A 129 
AA1 3 ASN A 25  ? LYS A 36  ? ASN A 39  LYS A 50  
AA1 4 LYS A 39  ? ARG A 47  ? LYS A 53  ARG A 61  
AA2 1 CYS A 100 ? ILE A 102 ? CYS A 114 ILE A 116 
AA2 2 THR A 106 ? ILE A 115 ? THR A 120 ILE A 129 
AA2 3 ASN A 25  ? LYS A 36  ? ASN A 39  LYS A 50  
AA2 4 GLY A 62  ? LYS A 64  ? GLY A 76  LYS A 78  
AA3 1 VAL A 128 ? PRO A 135 ? VAL A 142 PRO A 149 
AA3 2 LYS A 39  ? ARG A 47  ? LYS A 53  ARG A 61  
AA3 3 VAL A 58  ? CYS A 59  ? VAL A 72  CYS A 73  
AA4 1 GLN A 143 ? ASP A 146 ? GLN A 157 ASP A 160 
AA4 2 HIS A 160 ? THR A 165 ? HIS A 174 THR A 179 
AA4 3 THR A 172 ? ILE A 175 ? THR A 186 ILE A 189 
# 
loop_
_pdbx_struct_sheet_hbond.sheet_id 
_pdbx_struct_sheet_hbond.range_id_1 
_pdbx_struct_sheet_hbond.range_id_2 
_pdbx_struct_sheet_hbond.range_1_label_atom_id 
_pdbx_struct_sheet_hbond.range_1_label_comp_id 
_pdbx_struct_sheet_hbond.range_1_label_asym_id 
_pdbx_struct_sheet_hbond.range_1_label_seq_id 
_pdbx_struct_sheet_hbond.range_1_PDB_ins_code 
_pdbx_struct_sheet_hbond.range_1_auth_atom_id 
_pdbx_struct_sheet_hbond.range_1_auth_comp_id 
_pdbx_struct_sheet_hbond.range_1_auth_asym_id 
_pdbx_struct_sheet_hbond.range_1_auth_seq_id 
_pdbx_struct_sheet_hbond.range_2_label_atom_id 
_pdbx_struct_sheet_hbond.range_2_label_comp_id 
_pdbx_struct_sheet_hbond.range_2_label_asym_id 
_pdbx_struct_sheet_hbond.range_2_label_seq_id 
_pdbx_struct_sheet_hbond.range_2_PDB_ins_code 
_pdbx_struct_sheet_hbond.range_2_auth_atom_id 
_pdbx_struct_sheet_hbond.range_2_auth_comp_id 
_pdbx_struct_sheet_hbond.range_2_auth_asym_id 
_pdbx_struct_sheet_hbond.range_2_auth_seq_id 
AA1 1 2 N VAL A 94  ? N VAL A 108 O VAL A 112 ? O VAL A 126 
AA1 2 3 O PHE A 111 ? O PHE A 125 N LEU A 31  ? N LEU A 45  
AA1 3 4 N LYS A 36  ? N LYS A 50  O LYS A 39  ? O LYS A 53  
AA2 1 2 N CYS A 100 ? N CYS A 114 O ILE A 108 ? O ILE A 122 
AA2 2 3 O PHE A 111 ? O PHE A 125 N LEU A 31  ? N LEU A 45  
AA2 3 4 N SER A 28  ? N SER A 42  O GLY A 63  ? O GLY A 77  
AA3 1 2 O PHE A 132 ? O PHE A 146 N PHE A 44  ? N PHE A 58  
AA3 2 3 N THR A 45  ? N THR A 59  O CYS A 59  ? O CYS A 73  
AA4 1 2 N HIS A 145 ? N HIS A 159 O ILE A 161 ? O ILE A 175 
AA4 2 3 N TYR A 164 ? N TYR A 178 O TYR A 173 ? O TYR A 187 
# 
loop_
_struct_site.id 
_struct_site.pdbx_evidence_code 
_struct_site.pdbx_auth_asym_id 
_struct_site.pdbx_auth_comp_id 
_struct_site.pdbx_auth_seq_id 
_struct_site.pdbx_auth_ins_code 
_struct_site.pdbx_num_residues 
_struct_site.details 
AC1 Software A H4A 301 ? 8 'binding site for residue H4A A 301' 
AC2 Software A ACT 302 ? 5 'binding site for residue ACT A 302' 
AC3 Software A ACT 303 ? 2 'binding site for residue ACT A 303' 
AC4 Software A DMS 304 ? 6 'binding site for residue DMS A 304' 
AC5 Software A DMS 305 ? 3 'binding site for residue DMS A 305' 
# 
loop_
_struct_site_gen.id 
_struct_site_gen.site_id 
_struct_site_gen.pdbx_num_res 
_struct_site_gen.label_comp_id 
_struct_site_gen.label_asym_id 
_struct_site_gen.label_seq_id 
_struct_site_gen.pdbx_auth_ins_code 
_struct_site_gen.auth_comp_id 
_struct_site_gen.auth_asym_id 
_struct_site_gen.auth_seq_id 
_struct_site_gen.label_atom_id 
_struct_site_gen.label_alt_id 
_struct_site_gen.symmetry 
_struct_site_gen.details 
1  AC1 8 TYR A 27  ? TYR A 41  . ? 1_555 ? 
2  AC1 8 ARG A 53  ? ARG A 67  . ? 1_555 ? 
3  AC1 8 CYS A 59  ? CYS A 73  . ? 1_555 ? 
4  AC1 8 ILE A 102 ? ILE A 116 . ? 1_555 ? 
5  AC1 8 ASP A 103 ? ASP A 117 . ? 1_555 ? 
6  AC1 8 MET A 178 ? MET A 192 . ? 1_555 ? 
7  AC1 8 HOH G .   ? HOH A 408 . ? 1_555 ? 
8  AC1 8 HOH G .   ? HOH A 424 . ? 1_555 ? 
9  AC2 5 GLY A 56  ? GLY A 70  . ? 1_555 ? 
10 AC2 5 VAL A 58  ? VAL A 72  . ? 1_555 ? 
11 AC2 5 TYR A 173 ? TYR A 187 . ? 1_555 ? 
12 AC2 5 GLN A 174 ? GLN A 188 . ? 1_555 ? 
13 AC2 5 HOH G .   ? HOH A 479 . ? 1_555 ? 
14 AC3 2 HYP A 88  ? HYP A 102 . ? 1_555 ? 
15 AC3 2 VAL A 91  ? VAL A 105 . ? 1_555 ? 
16 AC4 6 GLY A 85  ? GLY A 99  . ? 1_555 ? 
17 AC4 6 ARG A 87  ? ARG A 101 . ? 1_555 ? 
18 AC4 6 GLN A 90  ? GLN A 104 . ? 1_555 ? 
19 AC4 6 PHE A 119 ? PHE A 133 . ? 1_555 ? 
20 AC4 6 GLN A 120 ? GLN A 134 . ? 1_555 ? 
21 AC4 6 GLN A 122 ? GLN A 136 . ? 1_555 ? 
22 AC5 3 ASP A 116 ? ASP A 130 . ? 1_555 ? 
23 AC5 3 HIS A 117 ? HIS A 131 . ? 1_555 ? 
24 AC5 3 ASP A 130 ? ASP A 144 . ? 2_545 ? 
# 
_atom_sites.entry_id                    5QGO 
_atom_sites.fract_transf_matrix[1][1]   -0.00077616 
_atom_sites.fract_transf_matrix[1][2]   0.00633506 
_atom_sites.fract_transf_matrix[1][3]   0.00654313 
_atom_sites.fract_transf_matrix[2][1]   -0.00392765 
_atom_sites.fract_transf_matrix[2][2]   0.00804044 
_atom_sites.fract_transf_matrix[2][3]   -0.00186620 
_atom_sites.fract_transf_matrix[3][1]   -0.02138029 
_atom_sites.fract_transf_matrix[3][2]   -0.00900828 
_atom_sites.fract_transf_matrix[3][3]   0.00618565 
_atom_sites.fract_transf_vector[1]      0.137238 
_atom_sites.fract_transf_vector[2]      -0.433417 
_atom_sites.fract_transf_vector[3]      1.978957 
# 
loop_
_atom_type.symbol 
C 
N 
O 
S 
# 
loop_
_atom_site.group_PDB 
_atom_site.id 
_atom_site.type_symbol 
_atom_site.label_atom_id 
_atom_site.label_alt_id 
_atom_site.label_comp_id 
_atom_site.label_asym_id 
_atom_site.label_entity_id 
_atom_site.label_seq_id 
_atom_site.pdbx_PDB_ins_code 
_atom_site.Cartn_x 
_atom_site.Cartn_y 
_atom_site.Cartn_z 
_atom_site.occupancy 
_atom_site.B_iso_or_equiv 
_atom_site.pdbx_formal_charge 
_atom_site.auth_seq_id 
_atom_site.auth_comp_id 
_atom_site.auth_asym_id 
_atom_site.auth_atom_id 
_atom_site.pdbx_PDB_model_num 
ATOM   1    N N   . SER A 1 1   ? -3.634  -10.651 20.332  1.00 59.43  ? 15  SER A N   1 
ATOM   2    C CA  . SER A 1 1   ? -4.030  -9.242  20.062  1.00 56.42  ? 15  SER A CA  1 
ATOM   3    C C   . SER A 1 1   ? -4.308  -9.060  18.555  1.00 54.48  ? 15  SER A C   1 
ATOM   4    O O   . SER A 1 1   ? -3.990  -9.957  17.754  1.00 53.17  ? 15  SER A O   1 
ATOM   5    C CB  . SER A 1 1   ? -2.945  -8.289  20.592  1.00 57.92  ? 15  SER A CB  1 
ATOM   6    O OG  . SER A 1 1   ? -1.730  -8.352  19.836  1.00 50.66  ? 15  SER A OG  1 
ATOM   7    N N   . MET A 1 2   ? -4.948  -7.940  18.211  1.00 50.96  ? 16  MET A N   1 
ATOM   8    C CA  . MET A 1 2   ? -5.253  -7.532  16.819  1.00 54.20  ? 16  MET A CA  1 
ATOM   9    C C   . MET A 1 2   ? -4.016  -7.460  15.917  1.00 56.42  ? 16  MET A C   1 
ATOM   10   O O   . MET A 1 2   ? -4.050  -7.899  14.749  1.00 46.90  ? 16  MET A O   1 
ATOM   11   C CB  . MET A 1 2   ? -5.969  -6.167  16.804  1.00 56.21  ? 16  MET A CB  1 
ATOM   12   C CG  . MET A 1 2   ? -6.077  -5.458  15.450  1.00 58.16  ? 16  MET A CG  1 
ATOM   13   S SD  . MET A 1 2   ? -7.252  -4.066  15.520  1.00 63.85  ? 16  MET A SD  1 
ATOM   14   C CE  . MET A 1 2   ? -6.397  -2.940  16.598  1.00 59.49  ? 16  MET A CE  1 
ATOM   15   N N   . LEU A 1 3   ? -2.938  -6.900  16.448  1.00 52.84  ? 17  LEU A N   1 
ATOM   16   C CA  . LEU A 1 3   ? -1.745  -6.679  15.623  1.00 54.78  ? 17  LEU A CA  1 
ATOM   17   C C   . LEU A 1 3   ? -0.909  -7.942  15.434  1.00 53.54  ? 17  LEU A C   1 
ATOM   18   O O   . LEU A 1 3   ? -0.331  -8.157  14.370  1.00 53.33  ? 17  LEU A O   1 
ATOM   19   C CB  . LEU A 1 3   ? -0.904  -5.568  16.214  1.00 52.49  ? 17  LEU A CB  1 
ATOM   20   C CG  . LEU A 1 3   ? -1.460  -4.189  15.875  1.00 56.12  ? 17  LEU A CG  1 
ATOM   21   C CD1 . LEU A 1 3   ? -0.945  -3.164  16.894  1.00 53.73  ? 17  LEU A CD1 1 
ATOM   22   C CD2 . LEU A 1 3   ? -1.088  -3.796  14.441  1.00 58.12  ? 17  LEU A CD2 1 
ATOM   23   N N   . ASP A 1 4   ? -0.866  -8.762  16.474  1.00 52.66  ? 18  ASP A N   1 
ATOM   24   C CA  . ASP A 1 4   ? -0.179  -10.032 16.438  1.00 52.51  ? 18  ASP A CA  1 
ATOM   25   C C   . ASP A 1 4   ? -0.903  -11.040 15.572  1.00 50.67  ? 18  ASP A C   1 
ATOM   26   O O   . ASP A 1 4   ? -0.262  -11.865 14.918  1.00 46.31  ? 18  ASP A O   1 
ATOM   27   C CB  . ASP A 1 4   ? -0.035  -10.606 17.856  1.00 54.79  ? 18  ASP A CB  1 
ATOM   28   C CG  . ASP A 1 4   ? 0.987   -9.845  18.696  1.00 62.17  ? 18  ASP A CG  1 
ATOM   29   O OD1 . ASP A 1 4   ? 1.523   -8.798  18.253  1.00 63.44  ? 18  ASP A OD1 1 
ATOM   30   O OD2 . ASP A 1 4   ? 1.254   -10.310 19.818  1.00 68.76  ? 18  ASP A OD2 1 
ATOM   31   N N   . ASP A 1 5   ? -2.231  -10.992 15.626  1.00 45.34  ? 19  ASP A N   1 
ATOM   32   C CA  . ASP A 1 5   ? -3.086  -11.795 14.782  1.00 48.33  ? 19  ASP A CA  1 
ATOM   33   C C   . ASP A 1 5   ? -2.859  -11.454 13.289  1.00 40.58  ? 19  ASP A C   1 
ATOM   34   O O   . ASP A 1 5   ? -2.694  -12.363 12.478  1.00 40.97  ? 19  ASP A O   1 
ATOM   35   C CB  . ASP A 1 5   ? -4.559  -11.598 15.177  1.00 51.27  ? 19  ASP A CB  1 
ATOM   36   C CG  . ASP A 1 5   ? -4.962  -12.399 16.445  1.00 58.56  ? 19  ASP A CG  1 
ATOM   37   O OD1 . ASP A 1 5   ? -4.210  -13.294 16.907  1.00 59.07  ? 19  ASP A OD1 1 
ATOM   38   O OD2 . ASP A 1 5   ? -6.057  -12.119 16.986  1.00 69.26  ? 19  ASP A OD2 1 
ATOM   39   N N   . ALA A 1 6   ? -2.826  -10.169 12.967  1.00 35.59  ? 20  ALA A N   1 
ATOM   40   C CA  . ALA A 1 6   ? -2.529  -9.701  11.585  1.00 34.82  ? 20  ALA A CA  1 
ATOM   41   C C   . ALA A 1 6   ? -1.179  -10.147 11.067  1.00 33.94  ? 20  ALA A C   1 
ATOM   42   O O   . ALA A 1 6   ? -1.103  -10.710 9.968   1.00 29.04  ? 20  ALA A O   1 
ATOM   43   C CB  . ALA A 1 6   ? -2.619  -8.208  11.481  1.00 35.24  ? 20  ALA A CB  1 
ATOM   44   N N   . LYS A 1 7   ? -0.104  -9.898  11.829  1.00 33.38  ? 21  LYS A N   1 
ATOM   45   C CA  . LYS A 1 7   ? 1.230   -10.341 11.418  1.00 35.91  ? 21  LYS A CA  1 
ATOM   46   C C   . LYS A 1 7   ? 1.319   -11.875 11.222  1.00 33.49  ? 21  LYS A C   1 
ATOM   47   O O   . LYS A 1 7   ? 1.953   -12.377 10.267  1.00 31.40  ? 21  LYS A O   1 
ATOM   48   C CB  . LYS A 1 7   ? 2.284   -9.987  12.461  1.00 42.83  ? 21  LYS A CB  1 
ATOM   49   C CG  . LYS A 1 7   ? 2.529   -8.528  12.648  1.00 49.59  ? 21  LYS A CG  1 
ATOM   50   C CD  . LYS A 1 7   ? 3.586   -8.290  13.739  1.00 58.99  ? 21  LYS A CD  1 
ATOM   51   C CE  . LYS A 1 7   ? 3.011   -7.729  15.034  1.00 61.87  ? 21  LYS A CE  1 
ATOM   52   N NZ  . LYS A 1 7   ? 4.120   -7.143  15.848  1.00 67.14  ? 21  LYS A NZ  1 
ATOM   53   N N   . ALA A 1 8   ? 0.691   -12.623 12.114  1.00 33.09  ? 22  ALA A N   1 
ATOM   54   C CA  . ALA A 1 8   ? 0.711   -14.090 11.999  1.00 34.71  ? 22  ALA A CA  1 
ATOM   55   C C   . ALA A 1 8   ? -0.013  -14.591 10.708  1.00 32.19  ? 22  ALA A C   1 
ATOM   56   O O   . ALA A 1 8   ? 0.466   -15.494 10.013  1.00 33.80  ? 22  ALA A O   1 
ATOM   57   C CB  . ALA A 1 8   ? 0.129   -14.723 13.256  1.00 37.40  ? 22  ALA A CB  1 
ATOM   58   N N   . ARG A 1 9   ? -1.121  -13.955 10.367  1.00 29.07  ? 23  ARG A N   1 
ATOM   59   C CA  . ARG A 1 9   ? -1.840  -14.241 9.102   1.00 30.37  ? 23  ARG A CA  1 
ATOM   60   C C   . ARG A 1 9   ? -0.974  -13.909 7.884   1.00 31.79  ? 23  ARG A C   1 
ATOM   61   O O   . ARG A 1 9   ? -0.860  -14.723 6.953   1.00 29.82  ? 23  ARG A O   1 
ATOM   62   C CB  . ARG A 1 9   ? -3.134  -13.431 8.987   1.00 32.89  ? 23  ARG A CB  1 
ATOM   63   C CG  . ARG A 1 9   ? -4.299  -13.825 9.889   1.00 37.79  ? 23  ARG A CG  1 
ATOM   64   C CD  . ARG A 1 9   ? -4.933  -15.117 9.426   1.00 42.66  ? 23  ARG A CD  1 
ATOM   65   N NE  . ARG A 1 9   ? -6.212  -15.374 10.136  1.00 48.76  ? 23  ARG A NE  1 
ATOM   66   C CZ  . ARG A 1 9   ? -7.431  -14.939 9.777   1.00 47.00  ? 23  ARG A CZ  1 
ATOM   67   N NH1 . ARG A 1 9   ? -7.633  -14.211 8.682   1.00 37.94  ? 23  ARG A NH1 1 
ATOM   68   N NH2 . ARG A 1 9   ? -8.493  -15.287 10.527  1.00 49.79  ? 23  ARG A NH2 1 
ATOM   69   N N   . LEU A 1 10  ? -0.437  -12.680 7.871   1.00 27.47  ? 24  LEU A N   1 
ATOM   70   C CA  . LEU A 1 10  ? 0.426   -12.182 6.775   1.00 27.76  ? 24  LEU A CA  1 
ATOM   71   C C   . LEU A 1 10  ? 1.658   -13.035 6.514   1.00 30.55  ? 24  LEU A C   1 
ATOM   72   O O   . LEU A 1 10  ? 2.037   -13.238 5.359   1.00 29.26  ? 24  LEU A O   1 
ATOM   73   C CB  . LEU A 1 10  ? 0.872   -10.737 7.045   1.00 27.52  ? 24  LEU A CB  1 
ATOM   74   C CG  . LEU A 1 10  ? -0.199  -9.637  6.953   1.00 27.38  ? 24  LEU A CG  1 
ATOM   75   C CD1 . LEU A 1 10  ? 0.271   -8.364  7.704   1.00 28.16  ? 24  LEU A CD1 1 
ATOM   76   C CD2 . LEU A 1 10  ? -0.558  -9.311  5.516   1.00 29.94  ? 24  LEU A CD2 1 
ATOM   77   N N   . ARG A 1 11  ? 2.282   -13.537 7.562   1.00 29.07  ? 25  ARG A N   1 
ATOM   78   C CA  . ARG A 1 11  ? 3.474   -14.374 7.386   1.00 34.00  ? 25  ARG A CA  1 
ATOM   79   C C   . ARG A 1 11  ? 3.240   -15.641 6.557   1.00 36.96  ? 25  ARG A C   1 
ATOM   80   O O   . ARG A 1 11  ? 4.165   -16.082 5.866   1.00 37.04  ? 25  ARG A O   1 
ATOM   81   C CB  . ARG A 1 11  ? 4.126   -14.689 8.729   1.00 40.18  ? 25  ARG A CB  1 
ATOM   82   C CG  . ARG A 1 11  ? 4.861   -13.458 9.278   1.00 45.61  ? 25  ARG A CG  1 
ATOM   83   C CD  . ARG A 1 11  ? 5.457   -13.721 10.655  1.00 51.83  ? 25  ARG A CD  1 
ATOM   84   N NE  . ARG A 1 11  ? 5.801   -12.473 11.354  1.00 55.25  ? 25  ARG A NE  1 
ATOM   85   C CZ  . ARG A 1 11  ? 5.396   -12.113 12.588  1.00 63.84  ? 25  ARG A CZ  1 
ATOM   86   N NH1 . ARG A 1 11  ? 4.607   -12.913 13.351  1.00 61.89  ? 25  ARG A NH1 1 
ATOM   87   N NH2 . ARG A 1 11  ? 5.792   -10.924 13.076  1.00 61.37  ? 25  ARG A NH2 1 
ATOM   88   N N   . LYS A 1 12  ? 2.022   -16.195 6.589   1.00 33.85  ? 26  LYS A N   1 
ATOM   89   C CA  . LYS A 1 12  ? 1.697   -17.398 5.814   1.00 38.27  ? 26  LYS A CA  1 
ATOM   90   C C   . LYS A 1 12  ? 1.697   -17.195 4.273   1.00 35.95  ? 26  LYS A C   1 
ATOM   91   O O   . LYS A 1 12  ? 1.714   -18.166 3.532   1.00 36.29  ? 26  LYS A O   1 
ATOM   92   C CB  . LYS A 1 12  ? 0.350   -17.980 6.265   1.00 43.38  ? 26  LYS A CB  1 
ATOM   93   C CG  . LYS A 1 12  ? 0.289   -18.411 7.741   1.00 47.56  ? 26  LYS A CG  1 
ATOM   94   C CD  . LYS A 1 12  ? -0.953  -19.260 8.004   1.00 55.05  ? 26  LYS A CD  1 
ATOM   95   C CE  . LYS A 1 12  ? -1.482  -19.135 9.420   1.00 63.73  ? 26  LYS A CE  1 
ATOM   96   N NZ  . LYS A 1 12  ? -0.504  -19.638 10.418  1.00 65.16  ? 26  LYS A NZ  1 
ATOM   97   N N   . TYR A 1 13  ? 1.678   -15.941 3.812   1.00 31.29  ? 27  TYR A N   1 
ATOM   98   C CA  . TYR A 1 13  ? 1.648   -15.591 2.424   1.00 28.07  ? 27  TYR A CA  1 
ATOM   99   C C   . TYR A 1 13  ? 2.959   -14.965 1.910   1.00 27.38  ? 27  TYR A C   1 
ATOM   100  O O   . TYR A 1 13  ? 3.005   -14.572 0.746   1.00 30.39  ? 27  TYR A O   1 
ATOM   101  C CB  . TYR A 1 13  ? 0.461   -14.649 2.185   1.00 29.92  ? 27  TYR A CB  1 
ATOM   102  C CG  . TYR A 1 13  ? -0.898  -15.267 2.509   1.00 29.97  ? 27  TYR A CG  1 
ATOM   103  C CD1 . TYR A 1 13  ? -1.416  -15.212 3.807   1.00 30.09  ? 27  TYR A CD1 1 
ATOM   104  C CD2 . TYR A 1 13  ? -1.642  -15.934 1.534   1.00 30.99  ? 27  TYR A CD2 1 
ATOM   105  C CE1 . TYR A 1 13  ? -2.645  -15.781 4.123   1.00 31.75  ? 27  TYR A CE1 1 
ATOM   106  C CE2 . TYR A 1 13  ? -2.892  -16.516 1.834   1.00 32.20  ? 27  TYR A CE2 1 
ATOM   107  C CZ  . TYR A 1 13  ? -3.379  -16.437 3.141   1.00 33.82  ? 27  TYR A CZ  1 
ATOM   108  O OH  . TYR A 1 13  ? -4.590  -16.975 3.513   1.00 35.20  ? 27  TYR A OH  1 
ATOM   109  N N   . ASP A 1 14  ? 3.974   -14.870 2.774   1.00 28.84  ? 28  ASP A N   1 
ATOM   110  C CA  . ASP A 1 14  ? 5.293   -14.270 2.479   1.00 32.51  ? 28  ASP A CA  1 
ATOM   111  C C   . ASP A 1 14  ? 5.971   -15.165 1.455   1.00 39.03  ? 28  ASP A C   1 
ATOM   112  O O   . ASP A 1 14  ? 6.086   -16.374 1.674   1.00 35.99  ? 28  ASP A O   1 
ATOM   113  C CB  . ASP A 1 14  ? 6.114   -14.265 3.753   1.00 32.89  ? 28  ASP A CB  1 
ATOM   114  C CG  . ASP A 1 14  ? 7.411   -13.450 3.669   1.00 38.17  ? 28  ASP A CG  1 
ATOM   115  O OD1 . ASP A 1 14  ? 7.644   -12.641 2.756   1.00 35.75  ? 28  ASP A OD1 1 
ATOM   116  O OD2 . ASP A 1 14  ? 8.164   -13.591 4.642   1.00 47.11  ? 28  ASP A OD2 1 
ATOM   117  N N   . ILE A 1 15  ? 6.333   -14.606 0.313   1.00 37.36  ? 29  ILE A N   1 
ATOM   118  C CA  . ILE A 1 15  ? 7.110   -15.387 -0.634  1.00 45.86  ? 29  ILE A CA  1 
ATOM   119  C C   . ILE A 1 15  ? 8.624   -15.153 -0.445  1.00 44.24  ? 29  ILE A C   1 
ATOM   120  O O   . ILE A 1 15  ? 9.409   -15.858 -1.033  1.00 50.22  ? 29  ILE A O   1 
ATOM   121  C CB  . ILE A 1 15  ? 6.621   -15.186 -2.081  1.00 47.32  ? 29  ILE A CB  1 
ATOM   122  C CG1 . ILE A 1 15  ? 7.083   -13.869 -2.665  1.00 46.17  ? 29  ILE A CG1 1 
ATOM   123  C CG2 . ILE A 1 15  ? 5.094   -15.284 -2.181  1.00 52.61  ? 29  ILE A CG2 1 
ATOM   124  C CD1 . ILE A 1 15  ? 7.291   -13.997 -4.153  1.00 51.26  ? 29  ILE A CD1 1 
ATOM   125  N N   . GLY A 1 16  ? 9.001   -14.162 0.381   1.00 49.04  ? 30  GLY A N   1 
ATOM   126  C CA  . GLY A 1 16  ? 10.405  -13.787 0.605   1.00 49.79  ? 30  GLY A CA  1 
ATOM   127  C C   . GLY A 1 16  ? 11.128  -13.251 -0.640  1.00 49.49  ? 30  GLY A C   1 
ATOM   128  O O   . GLY A 1 16  ? 10.554  -12.474 -1.432  1.00 45.48  ? 30  GLY A O   1 
ATOM   129  N N   . GLY A 1 17  ? 12.386  -13.676 -0.817  1.00 47.09  ? 31  GLY A N   1 
ATOM   130  C CA  . GLY A 1 17  ? 13.225  -13.203 -1.930  1.00 45.56  ? 31  GLY A CA  1 
ATOM   131  C C   . GLY A 1 17  ? 13.206  -14.036 -3.207  1.00 43.24  ? 31  GLY A C   1 
ATOM   132  O O   . GLY A 1 17  ? 13.958  -13.755 -4.144  1.00 37.55  ? 31  GLY A O   1 
ATOM   133  N N   . LYS A 1 18  ? 12.337  -15.041 -3.232  1.00 47.11  ? 32  LYS A N   1 
ATOM   134  C CA  . LYS A 1 18  ? 12.179  -16.003 -4.331  1.00 45.31  ? 32  LYS A CA  1 
ATOM   135  C C   . LYS A 1 18  ? 12.296  -15.384 -5.751  1.00 38.85  ? 32  LYS A C   1 
ATOM   136  O O   . LYS A 1 18  ? 13.161  -15.790 -6.542  1.00 42.93  ? 32  LYS A O   1 
ATOM   137  C CB  . LYS A 1 18  ? 10.847  -16.776 -4.073  1.00 46.53  ? 32  LYS A CB  1 
ATOM   138  C CG  . LYS A 1 18  ? 10.661  -18.059 -4.857  1.00 53.51  ? 32  LYS A CG  1 
ATOM   139  C CD  . LYS A 1 18  ? 9.645   -19.010 -4.243  1.00 52.28  ? 32  LYS A CD  1 
ATOM   140  C CE  . LYS A 1 18  ? 10.259  -19.789 -3.099  1.00 58.84  ? 32  LYS A CE  1 
ATOM   141  N NZ  . LYS A 1 18  ? 9.374   -20.911 -2.707  1.00 63.19  ? 32  LYS A NZ  1 
ATOM   142  N N   . TYR A 1 19  ? 11.540  -14.320 -6.021  1.00 37.79  ? 33  TYR A N   1 
ATOM   143  C CA  . TYR A 1 19  ? 11.500  -13.664 -7.338  1.00 32.96  ? 33  TYR A CA  1 
ATOM   144  C C   . TYR A 1 19  ? 12.398  -12.368 -7.498  1.00 35.62  ? 33  TYR A C   1 
ATOM   145  O O   . TYR A 1 19  ? 12.445  -11.746 -8.584  1.00 32.74  ? 33  TYR A O   1 
ATOM   146  C CB  . TYR A 1 19  ? 10.029  -13.334 -7.685  1.00 32.26  ? 33  TYR A CB  1 
ATOM   147  C CG  . TYR A 1 19  ? 9.212   -14.577 -8.077  1.00 29.37  ? 33  TYR A CG  1 
ATOM   148  C CD1 . TYR A 1 19  ? 8.901   -15.575 -7.136  1.00 32.56  ? 33  TYR A CD1 1 
ATOM   149  C CD2 . TYR A 1 19  ? 8.785   -14.768 -9.371  1.00 30.79  ? 33  TYR A CD2 1 
ATOM   150  C CE1 . TYR A 1 19  ? 8.170   -16.742 -7.496  1.00 29.54  ? 33  TYR A CE1 1 
ATOM   151  C CE2 . TYR A 1 19  ? 8.045   -15.907 -9.734  1.00 28.93  ? 33  TYR A CE2 1 
ATOM   152  C CZ  . TYR A 1 19  ? 7.749   -16.879 -8.817  1.00 29.01  ? 33  TYR A CZ  1 
ATOM   153  O OH  . TYR A 1 19  ? 7.020   -17.993 -9.168  1.00 31.18  ? 33  TYR A OH  1 
ATOM   154  N N   . SER A 1 20  ? 13.146  -12.021 -6.456  1.00 33.16  ? 34  SER A N   1 
ATOM   155  C CA  . SER A 1 20  ? 13.803  -10.702 -6.389  1.00 33.91  ? 34  SER A CA  1 
ATOM   156  C C   . SER A 1 20  ? 15.042  -10.530 -7.275  1.00 34.34  ? 34  SER A C   1 
ATOM   157  O O   . SER A 1 20  ? 15.437  -9.385  -7.561  1.00 34.62  ? 34  SER A O   1 
ATOM   158  C CB  . SER A 1 20  ? 14.214  -10.464 -4.948  1.00 36.75  ? 34  SER A CB  1 
ATOM   159  O OG  . SER A 1 20  ? 15.216  -11.412 -4.553  1.00 40.23  ? 34  SER A OG  1 
ATOM   160  N N   . HIS A 1 21  ? 15.675  -11.623 -7.695  1.00 34.37  ? 35  HIS A N   1 
ATOM   161  C CA  . HIS A 1 21  ? 16.890  -11.523 -8.544  1.00 41.05  ? 35  HIS A CA  1 
ATOM   162  C C   . HIS A 1 21  ? 16.631  -11.522 -10.078 1.00 39.55  ? 35  HIS A C   1 
ATOM   163  O O   . HIS A 1 21  ? 17.559  -11.203 -10.855 1.00 38.19  ? 35  HIS A O   1 
ATOM   164  C CB  . HIS A 1 21  ? 17.885  -12.634 -8.207  1.00 46.93  ? 35  HIS A CB  1 
ATOM   165  C CG  . HIS A 1 21  ? 17.732  -13.843 -9.077  1.00 59.91  ? 35  HIS A CG  1 
ATOM   166  N ND1 . HIS A 1 21  ? 16.759  -14.799 -8.859  1.00 62.48  ? 35  HIS A ND1 1 
ATOM   167  C CD2 . HIS A 1 21  ? 18.400  -14.237 -10.193 1.00 68.93  ? 35  HIS A CD2 1 
ATOM   168  C CE1 . HIS A 1 21  ? 16.845  -15.734 -9.786  1.00 61.04  ? 35  HIS A CE1 1 
ATOM   169  N NE2 . HIS A 1 21  ? 17.833  -15.417 -10.609 1.00 71.77  ? 35  HIS A NE2 1 
ATOM   170  N N   . LEU A 1 22  ? 15.411  -11.857 -10.516 1.00 31.12  ? 36  LEU A N   1 
ATOM   171  C CA  . LEU A 1 22  ? 15.091  -11.915 -11.946 1.00 30.57  ? 36  LEU A CA  1 
ATOM   172  C C   . LEU A 1 22  ? 15.365  -10.582 -12.659 1.00 32.54  ? 36  LEU A C   1 
ATOM   173  O O   . LEU A 1 22  ? 15.194  -9.492  -12.048 1.00 33.26  ? 36  LEU A O   1 
ATOM   174  C CB  . LEU A 1 22  ? 13.624  -12.341 -12.159 1.00 31.18  ? 36  LEU A CB  1 
ATOM   175  C CG  . LEU A 1 22  ? 13.375  -13.797 -11.760 1.00 30.70  ? 36  LEU A CG  1 
ATOM   176  C CD1 . LEU A 1 22  ? 11.886  -14.060 -11.665 1.00 34.32  ? 36  LEU A CD1 1 
ATOM   177  C CD2 . LEU A 1 22  ? 14.034  -14.776 -12.736 1.00 33.22  ? 36  LEU A CD2 1 
ATOM   178  N N   . PRO A 1 23  ? 15.758  -10.628 -13.961 1.00 32.08  ? 37  PRO A N   1 
ATOM   179  C CA  . PRO A 1 23  ? 16.254  -9.382  -14.635 1.00 31.40  ? 37  PRO A CA  1 
ATOM   180  C C   . PRO A 1 23  ? 15.202  -8.405  -15.184 1.00 33.26  ? 37  PRO A C   1 
ATOM   181  O O   . PRO A 1 23  ? 15.147  -8.104  -16.362 1.00 33.84  ? 37  PRO A O   1 
ATOM   182  C CB  . PRO A 1 23  ? 17.165  -9.957  -15.758 1.00 34.34  ? 37  PRO A CB  1 
ATOM   183  C CG  . PRO A 1 23  ? 16.485  -11.243 -16.127 1.00 33.37  ? 37  PRO A CG  1 
ATOM   184  C CD  . PRO A 1 23  ? 15.966  -11.828 -14.817 1.00 34.01  ? 37  PRO A CD  1 
ATOM   185  N N   . TYR A 1 24  ? 14.368  -7.866  -14.302 1.00 29.41  ? 38  TYR A N   1 
ATOM   186  C CA  . TYR A 1 24  ? 13.323  -6.952  -14.672 1.00 26.92  ? 38  TYR A CA  1 
ATOM   187  C C   . TYR A 1 24  ? 13.703  -5.476  -14.364 1.00 26.53  ? 38  TYR A C   1 
ATOM   188  O O   . TYR A 1 24  ? 14.623  -5.242  -13.584 1.00 26.75  ? 38  TYR A O   1 
ATOM   189  C CB  . TYR A 1 24  ? 12.090  -7.333  -13.830 1.00 28.50  ? 38  TYR A CB  1 
ATOM   190  C CG  . TYR A 1 24  ? 11.360  -8.558  -14.354 1.00 26.78  ? 38  TYR A CG  1 
ATOM   191  C CD1 . TYR A 1 24  ? 10.528  -8.447  -15.416 1.00 28.24  ? 38  TYR A CD1 1 
ATOM   192  C CD2 . TYR A 1 24  ? 11.448  -9.784  -13.722 1.00 27.09  ? 38  TYR A CD2 1 
ATOM   193  C CE1 . TYR A 1 24  ? 9.799   -9.533  -15.901 1.00 30.15  ? 38  TYR A CE1 1 
ATOM   194  C CE2 . TYR A 1 24  ? 10.729  -10.898 -14.197 1.00 27.28  ? 38  TYR A CE2 1 
ATOM   195  C CZ  . TYR A 1 24  ? 9.925   -10.764 -15.302 1.00 27.76  ? 38  TYR A CZ  1 
ATOM   196  O OH  . TYR A 1 24  ? 9.197   -11.828 -15.854 1.00 31.91  ? 38  TYR A OH  1 
ATOM   197  N N   . ASN A 1 25  ? 12.971  -4.537  -14.943 1.00 25.65  ? 39  ASN A N   1 
ATOM   198  C CA  . ASN A 1 25  ? 12.858  -3.161  -14.391 1.00 31.63  ? 39  ASN A CA  1 
ATOM   199  C C   . ASN A 1 25  ? 12.078  -3.275  -13.084 1.00 31.50  ? 39  ASN A C   1 
ATOM   200  O O   . ASN A 1 25  ? 10.941  -3.777  -13.100 1.00 29.58  ? 39  ASN A O   1 
ATOM   201  C CB  . ASN A 1 25  ? 12.112  -2.250  -15.351 1.00 31.91  ? 39  ASN A CB  1 
ATOM   202  C CG  . ASN A 1 25  ? 12.904  -1.968  -16.615 1.00 41.24  ? 39  ASN A CG  1 
ATOM   203  O OD1 . ASN A 1 25  ? 14.098  -1.640  -16.570 1.00 46.26  ? 39  ASN A OD1 1 
ATOM   204  N ND2 . ASN A 1 25  ? 12.252  -2.109  -17.748 1.00 41.62  ? 39  ASN A ND2 1 
ATOM   205  N N   . LYS A 1 26  ? 12.671  -2.823  -11.976 1.00 30.12  ? 40  LYS A N   1 
ATOM   206  C CA  . LYS A 1 26  ? 12.189  -3.163  -10.619 1.00 26.45  ? 40  LYS A CA  1 
ATOM   207  C C   . LYS A 1 26  ? 11.603  -1.954  -9.860  1.00 30.31  ? 40  LYS A C   1 
ATOM   208  O O   . LYS A 1 26  ? 12.237  -0.887  -9.755  1.00 25.98  ? 40  LYS A O   1 
ATOM   209  C CB  . LYS A 1 26  ? 13.283  -3.859  -9.862  1.00 29.76  ? 40  LYS A CB  1 
ATOM   210  C CG  . LYS A 1 26  ? 13.508  -5.289  -10.380 1.00 31.83  ? 40  LYS A CG  1 
ATOM   211  C CD  . LYS A 1 26  ? 14.711  -5.960  -9.787  1.00 34.15  ? 40  LYS A CD  1 
ATOM   212  C CE  . LYS A 1 26  ? 14.546  -6.291  -8.310  1.00 36.55  ? 40  LYS A CE  1 
ATOM   213  N NZ  . LYS A 1 26  ? 13.331  -7.070  -7.923  1.00 35.55  ? 40  LYS A NZ  1 
ATOM   214  N N   . TYR A 1 27  ? 10.358  -2.130  -9.398  1.00 27.72  ? 41  TYR A N   1 
ATOM   215  C CA  . TYR A 1 27  ? 9.660   -1.153  -8.501  1.00 26.16  ? 41  TYR A CA  1 
ATOM   216  C C   . TYR A 1 27  ? 9.155   -1.867  -7.272  1.00 26.76  ? 41  TYR A C   1 
ATOM   217  O O   . TYR A 1 27  ? 8.849   -3.063  -7.342  1.00 24.10  ? 41  TYR A O   1 
ATOM   218  C CB  . TYR A 1 27  ? 8.441   -0.531  -9.183  1.00 27.98  ? 41  TYR A CB  1 
ATOM   219  C CG  . TYR A 1 27  ? 8.743   0.301   -10.367 1.00 30.71  ? 41  TYR A CG  1 
ATOM   220  C CD1 . TYR A 1 27  ? 9.268   -0.267  -11.545 1.00 33.46  ? 41  TYR A CD1 1 
ATOM   221  C CD2 . TYR A 1 27  ? 8.520   1.671   -10.341 1.00 32.77  ? 41  TYR A CD2 1 
ATOM   222  C CE1 . TYR A 1 27  ? 9.581   0.514   -12.642 1.00 34.73  ? 41  TYR A CE1 1 
ATOM   223  C CE2 . TYR A 1 27  ? 8.851   2.468   -11.416 1.00 33.17  ? 41  TYR A CE2 1 
ATOM   224  C CZ  . TYR A 1 27  ? 9.356   1.892   -12.566 1.00 36.29  ? 41  TYR A CZ  1 
ATOM   225  O OH  . TYR A 1 27  ? 9.643   2.696   -13.649 1.00 42.94  ? 41  TYR A OH  1 
ATOM   226  N N   . SER A 1 28  ? 9.129   -1.154  -6.117  1.00 25.68  ? 42  SER A N   1 
ATOM   227  C CA  . SER A 1 28  ? 8.518   -1.649  -4.890  1.00 23.42  ? 42  SER A CA  1 
ATOM   228  C C   . SER A 1 28  ? 7.413   -0.687  -4.406  1.00 24.78  ? 42  SER A C   1 
ATOM   229  O O   . SER A 1 28  ? 7.466   0.549   -4.676  1.00 24.90  ? 42  SER A O   1 
ATOM   230  C CB  . SER A 1 28  ? 9.516   -1.876  -3.761  1.00 28.74  ? 42  SER A CB  1 
ATOM   231  O OG  . SER A 1 28  ? 10.568  -2.790  -4.103  1.00 28.76  ? 42  SER A OG  1 
ATOM   232  N N   . VAL A 1 29  ? 6.417   -1.266  -3.717  1.00 22.29  ? 43  VAL A N   1 
ATOM   233  C CA  . VAL A 1 29  ? 5.363   -0.505  -3.015  1.00 23.02  ? 43  VAL A CA  1 
ATOM   234  C C   . VAL A 1 29  ? 5.265   -0.962  -1.571  1.00 22.64  ? 43  VAL A C   1 
ATOM   235  O O   . VAL A 1 29  ? 5.570   -2.140  -1.220  1.00 23.06  ? 43  VAL A O   1 
ATOM   236  C CB  . VAL A 1 29  ? 3.988   -0.480  -3.702  1.00 25.79  ? 43  VAL A CB  1 
ATOM   237  C CG1 . VAL A 1 29  ? 4.038   0.173   -5.091  1.00 28.13  ? 43  VAL A CG1 1 
ATOM   238  C CG2 . VAL A 1 29  ? 3.345   -1.845  -3.781  1.00 26.48  ? 43  VAL A CG2 1 
ATOM   239  N N   . LEU A 1 30  ? 4.904   0.000   -0.680  1.00 23.61  ? 44  LEU A N   1 
ATOM   240  C CA  . LEU A 1 30  ? 4.614   -0.291  0.711   1.00 24.93  ? 44  LEU A CA  1 
ATOM   241  C C   . LEU A 1 30  ? 3.124   -0.206  0.978   1.00 22.95  ? 44  LEU A C   1 
ATOM   242  O O   . LEU A 1 30  ? 2.512   0.781   0.652   1.00 23.00  ? 44  LEU A O   1 
ATOM   243  C CB  . LEU A 1 30  ? 5.351   0.681   1.661   1.00 26.01  ? 44  LEU A CB  1 
ATOM   244  C CG  . LEU A 1 30  ? 5.126   0.451   3.148   1.00 25.74  ? 44  LEU A CG  1 
ATOM   245  C CD1 . LEU A 1 30  ? 5.880   -0.769  3.607   1.00 26.85  ? 44  LEU A CD1 1 
ATOM   246  C CD2 . LEU A 1 30  ? 5.589   1.617   4.018   1.00 27.46  ? 44  LEU A CD2 1 
ATOM   247  N N   . LEU A 1 31  ? 2.552   -1.286  1.529   1.00 22.98  ? 45  LEU A N   1 
ATOM   248  C CA  . LEU A 1 31  ? 1.134   -1.344  1.926   1.00 24.63  ? 45  LEU A CA  1 
ATOM   249  C C   . LEU A 1 31  ? 1.106   -1.041  3.449   1.00 22.01  ? 45  LEU A C   1 
ATOM   250  O O   . LEU A 1 31  ? 1.449   -1.904  4.247   1.00 23.50  ? 45  LEU A O   1 
ATOM   251  C CB  . LEU A 1 31  ? 0.563   -2.732  1.637   1.00 27.17  ? 45  LEU A CB  1 
ATOM   252  C CG  . LEU A 1 31  ? 0.129   -3.115  0.203   1.00 33.19  ? 45  LEU A CG  1 
ATOM   253  C CD1 . LEU A 1 31  ? 0.924   -2.524  -0.921  1.00 31.31  ? 45  LEU A CD1 1 
ATOM   254  C CD2 . LEU A 1 31  ? 0.125   -4.642  0.072   1.00 37.21  ? 45  LEU A CD2 1 
ATOM   255  N N   . PRO A 1 32  ? 0.795   0.202   3.841   1.00 20.48  ? 46  PRO A N   1 
ATOM   256  C CA  . PRO A 1 32  ? 1.015   0.603   5.243   1.00 21.78  ? 46  PRO A CA  1 
ATOM   257  C C   . PRO A 1 32  ? -0.253  0.395   6.102   1.00 21.21  ? 46  PRO A C   1 
ATOM   258  O O   . PRO A 1 32  ? -1.294  1.014   5.792   1.00 22.31  ? 46  PRO A O   1 
ATOM   259  C CB  . PRO A 1 32  ? 1.343   2.092   5.121   1.00 22.63  ? 46  PRO A CB  1 
ATOM   260  C CG  . PRO A 1 32  ? 1.392   2.394   3.645   1.00 21.40  ? 46  PRO A CG  1 
ATOM   261  C CD  . PRO A 1 32  ? 0.475   1.381   3.025   1.00 21.36  ? 46  PRO A CD  1 
ATOM   262  N N   . LEU A 1 33  ? -0.163  -0.470  7.103   1.00 22.68  ? 47  LEU A N   1 
ATOM   263  C CA  . LEU A 1 33  ? -1.297  -0.819  7.979   1.00 24.63  ? 47  LEU A CA  1 
ATOM   264  C C   . LEU A 1 33  ? -1.217  0.040   9.240   1.00 27.01  ? 47  LEU A C   1 
ATOM   265  O O   . LEU A 1 33  ? -0.181  0.003   9.906   1.00 25.35  ? 47  LEU A O   1 
ATOM   266  C CB  . LEU A 1 33  ? -1.266  -2.288  8.407   1.00 26.81  ? 47  LEU A CB  1 
ATOM   267  C CG  . LEU A 1 33  ? -1.818  -3.319  7.419   1.00 29.62  ? 47  LEU A CG  1 
ATOM   268  C CD1 . LEU A 1 33  ? -1.555  -4.721  7.971   1.00 29.10  ? 47  LEU A CD1 1 
ATOM   269  C CD2 . LEU A 1 33  ? -3.332  -3.163  7.169   1.00 27.08  ? 47  LEU A CD2 1 
ATOM   270  N N   . VAL A 1 34  ? -2.290  0.774   9.500   1.00 26.35  ? 48  VAL A N   1 
ATOM   271  C CA  . VAL A 1 34  ? -2.407  1.743   10.640  1.00 27.89  ? 48  VAL A CA  1 
ATOM   272  C C   . VAL A 1 34  ? -3.552  1.282   11.518  1.00 29.47  ? 48  VAL A C   1 
ATOM   273  O O   . VAL A 1 34  ? -4.670  1.081   10.989  1.00 28.43  ? 48  VAL A O   1 
ATOM   274  C CB  . VAL A 1 34  ? -2.722  3.115   10.082  1.00 29.22  ? 48  VAL A CB  1 
ATOM   275  C CG1 . VAL A 1 34  ? -3.011  4.161   11.175  1.00 31.74  ? 48  VAL A CG1 1 
ATOM   276  C CG2 . VAL A 1 34  ? -1.567  3.572   9.161   1.00 31.25  ? 48  VAL A CG2 1 
ATOM   277  N N   . ALA A 1 35  ? -3.314  1.140   12.842  1.00 29.23  ? 49  ALA A N   1 
ATOM   278  C CA  . ALA A 1 35  ? -4.422  0.834   13.780  1.00 32.61  ? 49  ALA A CA  1 
ATOM   279  C C   . ALA A 1 35  ? -5.034  2.131   14.343  1.00 36.86  ? 49  ALA A C   1 
ATOM   280  O O   . ALA A 1 35  ? -4.297  2.939   14.895  1.00 37.98  ? 49  ALA A O   1 
ATOM   281  C CB  . ALA A 1 35  ? -3.935  -0.050  14.908  1.00 35.68  ? 49  ALA A CB  1 
ATOM   282  N N   . LYS A 1 36  ? -6.342  2.358   14.154  1.00 36.59  ? 50  LYS A N   1 
ATOM   283  C CA  . LYS A 1 36  ? -7.057  3.548   14.702  1.00 40.84  ? 50  LYS A CA  1 
ATOM   284  C C   . LYS A 1 36  ? -8.406  3.108   15.226  1.00 40.95  ? 50  LYS A C   1 
ATOM   285  O O   . LYS A 1 36  ? -9.129  2.378   14.545  1.00 32.69  ? 50  LYS A O   1 
ATOM   286  C CB  . LYS A 1 36  ? -7.341  4.612   13.635  1.00 45.30  ? 50  LYS A CB  1 
ATOM   287  C CG  . LYS A 1 36  ? -6.148  5.415   13.167  1.00 58.36  ? 50  LYS A CG  1 
ATOM   288  C CD  . LYS A 1 36  ? -6.053  6.801   13.804  1.00 65.63  ? 50  LYS A CD  1 
ATOM   289  C CE  . LYS A 1 36  ? -4.902  7.628   13.205  1.00 71.50  ? 50  LYS A CE  1 
ATOM   290  N NZ  . LYS A 1 36  ? -3.547  7.200   13.667  1.00 73.62  ? 50  LYS A NZ  1 
ATOM   291  N N   . GLU A 1 37  ? -8.768  3.555   16.430  1.00 36.81  ? 51  GLU A N   1 
ATOM   292  C CA  . GLU A 1 37  ? -10.125 3.335   16.939  1.00 39.34  ? 51  GLU A CA  1 
ATOM   293  C C   . GLU A 1 37  ? -10.505 1.882   16.953  1.00 34.96  ? 51  GLU A C   1 
ATOM   294  O O   . GLU A 1 37  ? -11.631 1.522   16.649  1.00 37.80  ? 51  GLU A O   1 
ATOM   295  C CB  . GLU A 1 37  ? -11.152 4.122   16.113  1.00 49.02  ? 51  GLU A CB  1 
ATOM   296  C CG  . GLU A 1 37  ? -10.888 5.608   16.065  1.00 58.48  ? 51  GLU A CG  1 
ATOM   297  C CD  . GLU A 1 37  ? -12.025 6.392   15.433  1.00 69.87  ? 51  GLU A CD  1 
ATOM   298  O OE1 . GLU A 1 37  ? -11.994 7.640   15.514  1.00 81.35  ? 51  GLU A OE1 1 
ATOM   299  O OE2 . GLU A 1 37  ? -12.950 5.772   14.857  1.00 81.23  ? 51  GLU A OE2 1 
ATOM   300  N N   . GLY A 1 38  ? -9.547  1.047   17.322  1.00 32.24  ? 52  GLY A N   1 
ATOM   301  C CA  . GLY A 1 38  ? -9.736  -0.356  17.462  1.00 33.37  ? 52  GLY A CA  1 
ATOM   302  C C   . GLY A 1 38  ? -9.798  -1.163  16.147  1.00 37.05  ? 52  GLY A C   1 
ATOM   303  O O   . GLY A 1 38  ? -10.085 -2.363  16.206  1.00 38.21  ? 52  GLY A O   1 
ATOM   304  N N   . LYS A 1 39  ? -9.501  -0.551  14.988  1.00 31.94  ? 53  LYS A N   1 
ATOM   305  C CA  . LYS A 1 39  ? -9.612  -1.237  13.680  1.00 32.60  ? 53  LYS A CA  1 
ATOM   306  C C   . LYS A 1 39  ? -8.358  -0.976  12.830  1.00 29.59  ? 53  LYS A C   1 
ATOM   307  O O   . LYS A 1 39  ? -7.642  0.018   13.051  1.00 30.45  ? 53  LYS A O   1 
ATOM   308  C CB  . LYS A 1 39  ? -10.787 -0.680  12.914  1.00 35.56  ? 53  LYS A CB  1 
ATOM   309  C CG  . LYS A 1 39  ? -12.155 -0.936  13.563  1.00 43.00  ? 53  LYS A CG  1 
ATOM   310  C CD  . LYS A 1 39  ? -13.300 -0.134  12.933  1.00 54.58  ? 53  LYS A CD  1 
ATOM   311  C CE  . LYS A 1 39  ? -12.883 1.057   12.038  1.00 58.47  ? 53  LYS A CE  1 
ATOM   312  N NZ  . LYS A 1 39  ? -13.988 1.584   11.184  1.00 61.09  ? 53  LYS A NZ  1 
ATOM   313  N N   . LEU A 1 40  ? -8.108  -1.857  11.868  1.00 27.02  ? 54  LEU A N   1 
ATOM   314  C CA  . LEU A 1 40  ? -6.996  -1.673  10.921  1.00 25.13  ? 54  LEU A CA  1 
ATOM   315  C C   . LEU A 1 40  ? -7.459  -0.858  9.706   1.00 25.28  ? 54  LEU A C   1 
ATOM   316  O O   . LEU A 1 40  ? -8.613  -0.990  9.241   1.00 25.44  ? 54  LEU A O   1 
ATOM   317  C CB  . LEU A 1 40  ? -6.428  -3.041  10.468  1.00 30.28  ? 54  LEU A CB  1 
ATOM   318  C CG  . LEU A 1 40  ? -5.750  -3.875  11.538  1.00 32.20  ? 54  LEU A CG  1 
ATOM   319  C CD1 . LEU A 1 40  ? -5.522  -5.299  11.037  1.00 36.47  ? 54  LEU A CD1 1 
ATOM   320  C CD2 . LEU A 1 40  ? -4.459  -3.213  12.002  1.00 34.43  ? 54  LEU A CD2 1 
ATOM   321  N N   . HIS A 1 41  ? -6.543  -0.021  9.214   1.00 23.82  ? 55  HIS A N   1 
ATOM   322  C CA  . HIS A 1 41  ? -6.738  0.847   8.072   1.00 23.92  ? 55  HIS A CA  1 
ATOM   323  C C   . HIS A 1 41  ? -5.516  0.688   7.118   1.00 24.28  ? 55  HIS A C   1 
ATOM   324  O O   . HIS A 1 41  ? -4.440  0.309   7.557   1.00 25.75  ? 55  HIS A O   1 
ATOM   325  C CB  . HIS A 1 41  ? -6.815  2.309   8.498   1.00 26.14  ? 55  HIS A CB  1 
ATOM   326  C CG  . HIS A 1 41  ? -7.962  2.603   9.404   1.00 24.72  ? 55  HIS A CG  1 
ATOM   327  N ND1 . HIS A 1 41  ? -7.999  2.169   10.713  1.00 28.43  ? 55  HIS A ND1 1 
ATOM   328  C CD2 . HIS A 1 41  ? -9.120  3.261   9.184   1.00 27.18  ? 55  HIS A CD2 1 
ATOM   329  C CE1 . HIS A 1 41  ? -9.164  2.529   11.247  1.00 30.13  ? 55  HIS A CE1 1 
ATOM   330  N NE2 . HIS A 1 41  ? -9.850  3.203   10.345  1.00 31.48  ? 55  HIS A NE2 1 
ATOM   331  N N   . LEU A 1 42  ? -5.716  0.988   5.840   1.00 22.04  ? 56  LEU A N   1 
ATOM   332  C CA  . LEU A 1 42  ? -4.583  1.176   4.893   1.00 22.01  ? 56  LEU A CA  1 
ATOM   333  C C   . LEU A 1 42  ? -4.420  2.639   4.558   1.00 22.96  ? 56  LEU A C   1 
ATOM   334  O O   . LEU A 1 42  ? -5.412  3.376   4.378   1.00 25.39  ? 56  LEU A O   1 
ATOM   335  C CB  . LEU A 1 42  ? -4.821  0.385   3.610   1.00 22.57  ? 56  LEU A CB  1 
ATOM   336  C CG  . LEU A 1 42  ? -4.546  -1.134  3.650   1.00 22.18  ? 56  LEU A CG  1 
ATOM   337  C CD1 . LEU A 1 42  ? -5.143  -1.756  2.379   1.00 23.73  ? 56  LEU A CD1 1 
ATOM   338  C CD2 . LEU A 1 42  ? -3.059  -1.453  3.731   1.00 23.39  ? 56  LEU A CD2 1 
ATOM   339  N N   . LEU A 1 43  ? -3.174  3.038   4.413   1.00 23.62  ? 57  LEU A N   1 
ATOM   340  C CA  . LEU A 1 43  ? -2.795  4.387   4.010   1.00 25.62  ? 57  LEU A CA  1 
ATOM   341  C C   . LEU A 1 43  ? -2.513  4.455   2.515   1.00 24.68  ? 57  LEU A C   1 
ATOM   342  O O   . LEU A 1 43  ? -1.668  3.679   2.033   1.00 23.47  ? 57  LEU A O   1 
ATOM   343  C CB  . LEU A 1 43  ? -1.547  4.796   4.790   1.00 26.65  ? 57  LEU A CB  1 
ATOM   344  C CG  . LEU A 1 43  ? -1.001  6.231   4.530   1.00 29.13  ? 57  LEU A CG  1 
ATOM   345  C CD1 . LEU A 1 43  ? -0.211  6.777   5.716   1.00 33.75  ? 57  LEU A CD1 1 
ATOM   346  C CD2 . LEU A 1 43  ? -0.125  6.313   3.298   1.00 32.78  ? 57  LEU A CD2 1 
ATOM   347  N N   . PHE A 1 44  ? -3.144  5.439   1.853   1.00 23.74  ? 58  PHE A N   1 
ATOM   348  C CA  . PHE A 1 44  ? -3.023  5.699   0.426   1.00 24.57  ? 58  PHE A CA  1 
ATOM   349  C C   . PHE A 1 44  ? -2.504  7.106   0.175   1.00 29.25  ? 58  PHE A C   1 
ATOM   350  O O   . PHE A 1 44  ? -2.665  8.012   1.047   1.00 27.73  ? 58  PHE A O   1 
ATOM   351  C CB  . PHE A 1 44  ? -4.405  5.560   -0.241  1.00 24.45  ? 58  PHE A CB  1 
ATOM   352  C CG  . PHE A 1 44  ? -4.983  4.154   -0.180  1.00 25.50  ? 58  PHE A CG  1 
ATOM   353  C CD1 . PHE A 1 44  ? -5.700  3.708   0.935   1.00 24.11  ? 58  PHE A CD1 1 
ATOM   354  C CD2 . PHE A 1 44  ? -4.776  3.253   -1.241  1.00 26.08  ? 58  PHE A CD2 1 
ATOM   355  C CE1 . PHE A 1 44  ? -6.229  2.412   0.982   1.00 26.29  ? 58  PHE A CE1 1 
ATOM   356  C CE2 . PHE A 1 44  ? -5.297  1.956   -1.190  1.00 27.33  ? 58  PHE A CE2 1 
ATOM   357  C CZ  . PHE A 1 44  ? -6.055  1.533   -0.090  1.00 25.15  ? 58  PHE A CZ  1 
ATOM   358  N N   . THR A 1 45  ? -1.856  7.286   -0.987  1.00 28.92  ? 59  THR A N   1 
ATOM   359  C CA  . THR A 1 45  ? -1.490  8.633   -1.522  1.00 28.71  ? 59  THR A CA  1 
ATOM   360  C C   . THR A 1 45  ? -2.299  8.989   -2.741  1.00 31.07  ? 59  THR A C   1 
ATOM   361  O O   . THR A 1 45  ? -2.790  8.095   -3.461  1.00 31.32  ? 59  THR A O   1 
ATOM   362  C CB  . THR A 1 45  ? -0.006  8.755   -1.874  1.00 28.62  ? 59  THR A CB  1 
ATOM   363  O OG1 . THR A 1 45  ? 0.320   8.049   -3.089  1.00 29.20  ? 59  THR A OG1 1 
ATOM   364  C CG2 . THR A 1 45  ? 0.849   8.296   -0.757  1.00 28.78  ? 59  THR A CG2 1 
ATOM   365  N N   . VAL A 1 46  ? -2.456  10.294  -2.960  1.00 29.69  ? 60  VAL A N   1 
ATOM   366  C CA  . VAL A 1 46  ? -2.836  10.836  -4.246  1.00 31.56  ? 60  VAL A CA  1 
ATOM   367  C C   . VAL A 1 46  ? -1.600  11.506  -4.852  1.00 34.83  ? 60  VAL A C   1 
ATOM   368  O O   . VAL A 1 46  ? -0.971  12.396  -4.238  1.00 34.34  ? 60  VAL A O   1 
ATOM   369  C CB  . VAL A 1 46  ? -4.018  11.830  -4.154  1.00 34.12  ? 60  VAL A CB  1 
ATOM   370  C CG1 . VAL A 1 46  ? -4.372  12.364  -5.555  1.00 36.99  ? 60  VAL A CG1 1 
ATOM   371  C CG2 . VAL A 1 46  ? -5.221  11.157  -3.508  1.00 34.33  ? 60  VAL A CG2 1 
ATOM   372  N N   . ARG A 1 47  ? -1.225  11.069  -6.044  1.00 33.45  ? 61  ARG A N   1 
ATOM   373  C CA  . ARG A 1 47  ? 0.031   11.543  -6.651  1.00 36.67  ? 61  ARG A CA  1 
ATOM   374  C C   . ARG A 1 47  ? -0.129  12.958  -7.206  1.00 37.10  ? 61  ARG A C   1 
ATOM   375  O O   . ARG A 1 47  ? -1.207  13.316  -7.648  1.00 40.73  ? 61  ARG A O   1 
ATOM   376  C CB  . ARG A 1 47  ? 0.486   10.599  -7.775  1.00 40.42  ? 61  ARG A CB  1 
ATOM   377  C CG  . ARG A 1 47  ? 0.887   9.232   -7.261  1.00 42.86  ? 61  ARG A CG  1 
ATOM   378  C CD  . ARG A 1 47  ? 1.111   8.252   -8.386  1.00 51.73  ? 61  ARG A CD  1 
ATOM   379  N NE  . ARG A 1 47  ? 2.508   7.853   -8.459  1.00 59.33  ? 61  ARG A NE  1 
ATOM   380  C CZ  . ARG A 1 47  ? 3.447   8.479   -9.151  1.00 64.10  ? 61  ARG A CZ  1 
ATOM   381  N NH1 . ARG A 1 47  ? 4.691   8.023   -9.122  1.00 71.31  ? 61  ARG A NH1 1 
ATOM   382  N NH2 . ARG A 1 47  ? 3.161   9.557   -9.866  1.00 74.33  ? 61  ARG A NH2 1 
ATOM   383  N N   . SER A 1 48  ? 0.929   13.758  -7.141  1.00 36.54  ? 62  SER A N   1 
ATOM   384  C CA  . SER A 1 48  ? 0.907   15.101  -7.741  1.00 47.42  ? 62  SER A CA  1 
ATOM   385  C C   . SER A 1 48  ? 0.762   15.073  -9.285  1.00 51.63  ? 62  SER A C   1 
ATOM   386  O O   . SER A 1 48  ? 1.127   14.081  -9.929  1.00 51.68  ? 62  SER A O   1 
ATOM   387  C CB  . SER A 1 48  ? 2.206   15.836  -7.406  1.00 49.28  ? 62  SER A CB  1 
ATOM   388  O OG  . SER A 1 48  ? 2.311   16.970  -8.245  1.00 51.41  ? 62  SER A OG  1 
ATOM   389  N N   . GLU A 1 49  ? 0.301   16.180  -9.877  1.00 70.35  ? 63  GLU A N   1 
ATOM   390  C CA  . GLU A 1 49  ? 0.289   16.327  -11.368 1.00 76.79  ? 63  GLU A CA  1 
ATOM   391  C C   . GLU A 1 49  ? 1.666   16.446  -12.027 1.00 77.43  ? 63  GLU A C   1 
ATOM   392  O O   . GLU A 1 49  ? 1.943   15.726  -12.990 1.00 87.84  ? 63  GLU A O   1 
ATOM   393  C CB  . GLU A 1 49  ? -0.574  17.498  -11.836 1.00 81.42  ? 63  GLU A CB  1 
ATOM   394  C CG  . GLU A 1 49  ? -2.043  17.148  -12.003 1.00 86.03  ? 63  GLU A CG  1 
ATOM   395  C CD  . GLU A 1 49  ? -2.725  16.768  -10.703 1.00 88.20  ? 63  GLU A CD  1 
ATOM   396  O OE1 . GLU A 1 49  ? -2.207  17.110  -9.616  1.00 93.54  ? 63  GLU A OE1 1 
ATOM   397  O OE2 . GLU A 1 49  ? -3.794  16.121  -10.769 1.00 89.08  ? 63  GLU A OE2 1 
ATOM   398  N N   . LYS A 1 50  ? 2.530   17.319  -11.509 1.00 82.01  ? 64  LYS A N   1 
ATOM   399  C CA  . LYS A 1 50  ? 3.812   17.617  -12.174 1.00 85.82  ? 64  LYS A CA  1 
ATOM   400  C C   . LYS A 1 50  ? 4.701   16.397  -12.479 1.00 88.97  ? 64  LYS A C   1 
ATOM   401  O O   . LYS A 1 50  ? 5.664   16.515  -13.246 1.00 95.61  ? 64  LYS A O   1 
ATOM   402  C CB  . LYS A 1 50  ? 4.622   18.690  -11.416 1.00 88.70  ? 64  LYS A CB  1 
ATOM   403  C CG  . LYS A 1 50  ? 5.173   18.293  -10.046 1.00 91.62  ? 64  LYS A CG  1 
ATOM   404  C CD  . LYS A 1 50  ? 6.493   19.004  -9.712  1.00 95.31  ? 64  LYS A CD  1 
ATOM   405  C CE  . LYS A 1 50  ? 6.503   19.607  -8.316  1.00 95.50  ? 64  LYS A CE  1 
ATOM   406  N NZ  . LYS A 1 50  ? 5.716   20.872  -8.248  1.00 96.54  ? 64  LYS A NZ  1 
ATOM   407  N N   . LEU A 1 51  ? 4.380   15.246  -11.883 1.00 84.74  ? 65  LEU A N   1 
ATOM   408  C CA  . LEU A 1 51  ? 5.112   14.004  -12.121 1.00 83.56  ? 65  LEU A CA  1 
ATOM   409  C C   . LEU A 1 51  ? 4.901   13.442  -13.539 1.00 86.18  ? 65  LEU A C   1 
ATOM   410  O O   . LEU A 1 51  ? 3.760   13.371  -14.030 1.00 76.37  ? 65  LEU A O   1 
ATOM   411  C CB  . LEU A 1 51  ? 4.717   12.956  -11.075 1.00 77.25  ? 65  LEU A CB  1 
ATOM   412  C CG  . LEU A 1 51  ? 5.008   13.305  -9.609  1.00 71.55  ? 65  LEU A CG  1 
ATOM   413  C CD1 . LEU A 1 51  ? 4.350   12.280  -8.690  1.00 68.63  ? 65  LEU A CD1 1 
ATOM   414  C CD2 . LEU A 1 51  ? 6.508   13.396  -9.335  1.00 68.43  ? 65  LEU A CD2 1 
ATOM   415  N N   . ARG A 1 52  ? 6.011   13.061  -14.181 1.00 90.08  ? 66  ARG A N   1 
ATOM   416  C CA  . ARG A 1 52  ? 5.975   12.415  -15.499 1.00 96.62  ? 66  ARG A CA  1 
ATOM   417  C C   . ARG A 1 52  ? 5.187   11.092  -15.427 1.00 97.70  ? 66  ARG A C   1 
ATOM   418  O O   . ARG A 1 52  ? 4.267   10.882  -16.221 1.00 96.88  ? 66  ARG A O   1 
ATOM   419  C CB  . ARG A 1 52  ? 7.396   12.245  -16.097 1.00 100.20 ? 66  ARG A CB  1 
ATOM   420  C CG  . ARG A 1 52  ? 8.341   11.294  -15.365 1.00 104.19 ? 66  ARG A CG  1 
ATOM   421  C CD  . ARG A 1 52  ? 9.812   11.543  -15.696 1.00 109.68 ? 66  ARG A CD  1 
ATOM   422  N NE  . ARG A 1 52  ? 10.088  11.546  -17.140 1.00 116.30 ? 66  ARG A NE  1 
ATOM   423  C CZ  . ARG A 1 52  ? 10.229  12.624  -17.921 1.00 116.68 ? 66  ARG A CZ  1 
ATOM   424  N NH1 . ARG A 1 52  ? 10.128  13.867  -17.441 1.00 115.71 ? 66  ARG A NH1 1 
ATOM   425  N NH2 . ARG A 1 52  ? 10.480  12.455  -19.220 1.00 116.87 ? 66  ARG A NH2 1 
ATOM   426  N N   . ARG A 1 53  ? 5.492   10.256  -14.431 1.00 95.64  ? 67  ARG A N   1 
ATOM   427  C CA  . ARG A 1 53  ? 4.849   8.937   -14.269 1.00 94.08  ? 67  ARG A CA  1 
ATOM   428  C C   . ARG A 1 53  ? 3.584   9.010   -13.383 1.00 91.92  ? 67  ARG A C   1 
ATOM   429  O O   . ARG A 1 53  ? 3.689   9.261   -12.191 1.00 86.59  ? 67  ARG A O   1 
ATOM   430  C CB  . ARG A 1 53  ? 5.880   7.911   -13.723 1.00 97.89  ? 67  ARG A CB  1 
ATOM   431  C CG  . ARG A 1 53  ? 5.322   6.688   -12.978 1.00 99.91  ? 67  ARG A CG  1 
ATOM   432  C CD  . ARG A 1 53  ? 6.271   5.483   -12.915 1.00 101.78 ? 67  ARG A CD  1 
ATOM   433  N NE  . ARG A 1 53  ? 7.711   5.781   -13.069 1.00 105.25 ? 67  ARG A NE  1 
ATOM   434  C CZ  . ARG A 1 53  ? 8.590   6.050   -12.091 1.00 97.78  ? 67  ARG A CZ  1 
ATOM   435  N NH1 . ARG A 1 53  ? 8.231   6.092   -10.806 1.00 93.84  ? 67  ARG A NH1 1 
ATOM   436  N NH2 . ARG A 1 53  ? 9.867   6.275   -12.408 1.00 94.01  ? 67  ARG A NH2 1 
ATOM   437  N N   . ALA A 1 54  ? 2.404   8.825   -13.984 1.00 84.77  ? 68  ALA A N   1 
ATOM   438  C CA  . ALA A 1 54  ? 1.143   8.481   -13.263 1.00 82.89  ? 68  ALA A CA  1 
ATOM   439  C C   . ALA A 1 54  ? 0.429   9.602   -12.453 1.00 82.71  ? 68  ALA A C   1 
ATOM   440  O O   . ALA A 1 54  ? 0.010   9.376   -11.311 1.00 76.37  ? 68  ALA A O   1 
ATOM   441  C CB  . ALA A 1 54  ? 1.375   7.247   -12.377 1.00 81.26  ? 68  ALA A CB  1 
ATOM   442  N N   . PRO A 1 55  ? 0.225   10.789  -13.061 1.00 77.21  ? 69  PRO A N   1 
ATOM   443  C CA  . PRO A 1 55  ? -0.224  11.985  -12.319 1.00 66.88  ? 69  PRO A CA  1 
ATOM   444  C C   . PRO A 1 55  ? -1.664  11.920  -11.827 1.00 59.03  ? 69  PRO A C   1 
ATOM   445  O O   . PRO A 1 55  ? -2.516  11.426  -12.541 1.00 53.79  ? 69  PRO A O   1 
ATOM   446  C CB  . PRO A 1 55  ? -0.080  13.107  -13.354 1.00 72.87  ? 69  PRO A CB  1 
ATOM   447  C CG  . PRO A 1 55  ? -0.302  12.421  -14.657 1.00 73.85  ? 69  PRO A CG  1 
ATOM   448  C CD  . PRO A 1 55  ? 0.337   11.063  -14.507 1.00 78.85  ? 69  PRO A CD  1 
ATOM   449  N N   . GLY A 1 56  ? -1.916  12.415  -10.608 1.00 48.92  ? 70  GLY A N   1 
ATOM   450  C CA  . GLY A 1 56  ? -3.264  12.430  -10.002 1.00 46.27  ? 70  GLY A CA  1 
ATOM   451  C C   . GLY A 1 56  ? -3.899  11.109  -9.515  1.00 45.47  ? 70  GLY A C   1 
ATOM   452  O O   . GLY A 1 56  ? -5.042  11.103  -9.045  1.00 42.21  ? 70  GLY A O   1 
ATOM   453  N N   . GLU A 1 57  ? -3.193  9.987   -9.644  1.00 45.71  ? 71  GLU A N   1 
ATOM   454  C CA  . GLU A 1 57  ? -3.801  8.679   -9.303  1.00 45.46  ? 71  GLU A CA  1 
ATOM   455  C C   . GLU A 1 57  ? -3.680  8.365   -7.806  1.00 37.06  ? 71  GLU A C   1 
ATOM   456  O O   . GLU A 1 57  ? -2.774  8.859   -7.142  1.00 36.28  ? 71  GLU A O   1 
ATOM   457  C CB  . GLU A 1 57  ? -3.134  7.556   -10.100 1.00 51.36  ? 71  GLU A CB  1 
ATOM   458  C CG  . GLU A 1 57  ? -3.370  7.574   -11.600 1.00 57.01  ? 71  GLU A CG  1 
ATOM   459  C CD  . GLU A 1 57  ? -2.649  6.426   -12.275 1.00 65.12  ? 71  GLU A CD  1 
ATOM   460  O OE1 . GLU A 1 57  ? -2.881  5.251   -11.872 1.00 63.08  ? 71  GLU A OE1 1 
ATOM   461  O OE2 . GLU A 1 57  ? -1.824  6.709   -13.181 1.00 68.25  ? 71  GLU A OE2 1 
ATOM   462  N N   . VAL A 1 58  ? -4.578  7.504   -7.317  1.00 36.87  ? 72  VAL A N   1 
ATOM   463  C CA  . VAL A 1 58  ? -4.493  6.922   -5.977  1.00 32.44  ? 72  VAL A CA  1 
ATOM   464  C C   . VAL A 1 58  ? -3.544  5.704   -6.051  1.00 33.28  ? 72  VAL A C   1 
ATOM   465  O O   . VAL A 1 58  ? -3.766  4.798   -6.864  1.00 31.45  ? 72  VAL A O   1 
ATOM   466  C CB  . VAL A 1 58  ? -5.889  6.521   -5.439  1.00 33.76  ? 72  VAL A CB  1 
ATOM   467  C CG1 . VAL A 1 58  ? -5.806  5.721   -4.167  1.00 34.01  ? 72  VAL A CG1 1 
ATOM   468  C CG2 . VAL A 1 58  ? -6.760  7.737   -5.153  1.00 35.81  ? 72  VAL A CG2 1 
ATOM   469  N N   . CYS A 1 59  ? -2.492  5.704   -5.234  1.00 27.66  ? 73  CYS A N   1 
ATOM   470  C CA  . CYS A 1 59  ? -1.460  4.665   -5.225  1.00 29.98  ? 73  CYS A CA  1 
ATOM   471  C C   . CYS A 1 59  ? -0.949  4.472   -3.801  1.00 28.49  ? 73  CYS A C   1 
ATOM   472  O O   . CYS A 1 59  ? -0.988  5.402   -2.981  1.00 31.73  ? 73  CYS A O   1 
ATOM   473  C CB  . CYS A 1 59  ? -0.258  5.076   -6.096  1.00 36.13  ? 73  CYS A CB  1 
ATOM   474  S SG  . CYS A 1 59  ? -0.601  5.531   -7.823  1.00 41.98  ? 73  CYS A SG  1 
ATOM   475  N N   . PHE A 1 60  ? -0.406  3.299   -3.531  1.00 24.12  ? 74  PHE A N   1 
ATOM   476  C CA  . PHE A 1 60  ? 0.415   3.095   -2.334  1.00 24.55  ? 74  PHE A CA  1 
ATOM   477  C C   . PHE A 1 60  ? 1.759   3.811   -2.486  1.00 27.27  ? 74  PHE A C   1 
ATOM   478  O O   . PHE A 1 60  ? 2.216   4.025   -3.592  1.00 29.19  ? 74  PHE A O   1 
ATOM   479  C CB  . PHE A 1 60  ? 0.649   1.621   -2.061  1.00 24.22  ? 74  PHE A CB  1 
ATOM   480  C CG  . PHE A 1 60  ? -0.589  0.863   -1.673  1.00 24.47  ? 74  PHE A CG  1 
ATOM   481  C CD1 . PHE A 1 60  ? -1.233  1.130   -0.448  1.00 25.02  ? 74  PHE A CD1 1 
ATOM   482  C CD2 . PHE A 1 60  ? -1.119  -0.114  -2.505  1.00 24.75  ? 74  PHE A CD2 1 
ATOM   483  C CE1 . PHE A 1 60  ? -2.376  0.447   -0.067  1.00 25.61  ? 74  PHE A CE1 1 
ATOM   484  C CE2 . PHE A 1 60  ? -2.274  -0.820  -2.130  1.00 25.40  ? 74  PHE A CE2 1 
ATOM   485  C CZ  . PHE A 1 60  ? -2.914  -0.533  -0.921  1.00 27.42  ? 74  PHE A CZ  1 
ATOM   486  N N   . PRO A 1 61  ? 2.391   4.221   -1.371  1.00 24.85  ? 75  PRO A N   1 
ATOM   487  C CA  . PRO A 1 61  ? 3.757   4.758   -1.498  1.00 27.23  ? 75  PRO A CA  1 
ATOM   488  C C   . PRO A 1 61  ? 4.718   3.753   -2.192  1.00 28.31  ? 75  PRO A C   1 
ATOM   489  O O   . PRO A 1 61  ? 4.613   2.545   -1.956  1.00 25.27  ? 75  PRO A O   1 
ATOM   490  C CB  . PRO A 1 61  ? 4.194   4.989   -0.048  1.00 27.23  ? 75  PRO A CB  1 
ATOM   491  C CG  . PRO A 1 61  ? 2.975   4.895   0.789   1.00 26.78  ? 75  PRO A CG  1 
ATOM   492  C CD  . PRO A 1 61  ? 1.920   4.130   0.028   1.00 24.35  ? 75  PRO A CD  1 
ATOM   493  N N   . GLY A 1 62  ? 5.623   4.254   -3.016  1.00 27.01  ? 76  GLY A N   1 
ATOM   494  C CA  . GLY A 1 62  ? 6.589   3.378   -3.721  1.00 27.57  ? 76  GLY A CA  1 
ATOM   495  C C   . GLY A 1 62  ? 7.250   4.070   -4.883  1.00 28.06  ? 76  GLY A C   1 
ATOM   496  O O   . GLY A 1 62  ? 7.019   5.280   -5.133  1.00 26.67  ? 76  GLY A O   1 
ATOM   497  N N   . GLY A 1 63  ? 8.078   3.295   -5.590  1.00 29.46  ? 77  GLY A N   1 
ATOM   498  C CA  . GLY A 1 63  ? 8.783   3.762   -6.773  1.00 27.93  ? 77  GLY A CA  1 
ATOM   499  C C   . GLY A 1 63  ? 9.906   2.850   -7.223  1.00 26.48  ? 77  GLY A C   1 
ATOM   500  O O   . GLY A 1 63  ? 10.007  1.703   -6.787  1.00 25.28  ? 77  GLY A O   1 
ATOM   501  N N   . LYS A 1 64  ? 10.776  3.376   -8.087  1.00 27.14  ? 78  LYS A N   1 
ATOM   502  C CA  . LYS A 1 64  ? 11.798  2.557   -8.806  1.00 28.31  ? 78  LYS A CA  1 
ATOM   503  C C   . LYS A 1 64  ? 13.007  2.283   -7.941  1.00 26.14  ? 78  LYS A C   1 
ATOM   504  O O   . LYS A 1 64  ? 13.484  3.146   -7.220  1.00 27.72  ? 78  LYS A O   1 
ATOM   505  C CB  . LYS A 1 64  ? 12.226  3.308   -10.069 1.00 33.25  ? 78  LYS A CB  1 
ATOM   506  C CG  . LYS A 1 64  ? 12.942  2.453   -11.094 1.00 40.08  ? 78  LYS A CG  1 
ATOM   507  C CD  . LYS A 1 64  ? 13.160  3.253   -12.378 1.00 45.58  ? 78  LYS A CD  1 
ATOM   508  C CE  . LYS A 1 64  ? 14.299  2.666   -13.206 1.00 50.96  ? 78  LYS A CE  1 
ATOM   509  N NZ  . LYS A 1 64  ? 13.980  1.338   -13.751 1.00 56.78  ? 78  LYS A NZ  1 
ATOM   510  N N   . ARG A 1 65  ? 13.527  1.073   -7.971  1.00 23.82  ? 79  ARG A N   1 
ATOM   511  C CA  . ARG A 1 65  ? 14.717  0.726   -7.216  1.00 25.23  ? 79  ARG A CA  1 
ATOM   512  C C   . ARG A 1 65  ? 15.878  1.534   -7.775  1.00 28.22  ? 79  ARG A C   1 
ATOM   513  O O   . ARG A 1 65  ? 15.868  1.855   -8.956  1.00 25.67  ? 79  ARG A O   1 
ATOM   514  C CB  . ARG A 1 65  ? 15.028  -0.743  -7.377  1.00 27.63  ? 79  ARG A CB  1 
ATOM   515  C CG  . ARG A 1 65  ? 16.309  -1.204  -6.694  1.00 30.53  ? 79  ARG A CG  1 
ATOM   516  C CD  . ARG A 1 65  ? 16.248  -2.654  -6.262  1.00 31.71  ? 79  ARG A CD  1 
ATOM   517  N NE  . ARG A 1 65  ? 17.537  -3.142  -5.752  1.00 30.44  ? 79  ARG A NE  1 
ATOM   518  C CZ  . ARG A 1 65  ? 17.761  -4.369  -5.319  1.00 33.87  ? 79  ARG A CZ  1 
ATOM   519  N NH1 . ARG A 1 65  ? 16.778  -5.257  -5.280  1.00 32.37  ? 79  ARG A NH1 1 
ATOM   520  N NH2 . ARG A 1 65  ? 18.967  -4.723  -4.903  1.00 37.60  ? 79  ARG A NH2 1 
ATOM   521  N N   . ASP A 1 66  ? 16.797  1.921   -6.901  1.00 30.09  ? 80  ASP A N   1 
ATOM   522  C CA  . ASP A 1 66  ? 18.037  2.616   -7.312  1.00 28.63  ? 80  ASP A CA  1 
ATOM   523  C C   . ASP A 1 66  ? 19.254  1.927   -6.767  1.00 26.73  ? 80  ASP A C   1 
ATOM   524  O O   . ASP A 1 66  ? 19.157  1.037   -5.910  1.00 27.67  ? 80  ASP A O   1 
ATOM   525  C CB  . ASP A 1 66  ? 17.960  4.129   -7.038  1.00 30.69  ? 80  ASP A CB  1 
ATOM   526  C CG  . ASP A 1 66  ? 18.324  4.523   -5.612  1.00 28.04  ? 80  ASP A CG  1 
ATOM   527  O OD1 . ASP A 1 66  ? 18.878  3.721   -4.817  1.00 30.67  ? 80  ASP A OD1 1 
ATOM   528  O OD2 . ASP A 1 66  ? 18.090  5.721   -5.332  1.00 33.22  ? 80  ASP A OD2 1 
ATOM   529  N N   . PRO A 1 67  ? 20.481  2.311   -7.249  1.00 29.35  ? 81  PRO A N   1 
ATOM   530  C CA  . PRO A 1 67  ? 21.646  1.542   -6.838  1.00 29.83  ? 81  PRO A CA  1 
ATOM   531  C C   . PRO A 1 67  ? 21.965  1.580   -5.375  1.00 27.89  ? 81  PRO A C   1 
ATOM   532  O O   . PRO A 1 67  ? 22.652  0.701   -4.898  1.00 30.95  ? 81  PRO A O   1 
ATOM   533  C CB  . PRO A 1 67  ? 22.811  2.163   -7.680  1.00 32.97  ? 81  PRO A CB  1 
ATOM   534  C CG  . PRO A 1 67  ? 22.133  2.768   -8.839  1.00 32.82  ? 81  PRO A CG  1 
ATOM   535  C CD  . PRO A 1 67  ? 20.811  3.265   -8.329  1.00 31.91  ? 81  PRO A CD  1 
ATOM   536  N N   . THR A 1 68  ? 21.470  2.580   -4.642  1.00 30.82  ? 82  THR A N   1 
ATOM   537  C CA  . THR A 1 68  ? 21.706  2.588   -3.175  1.00 29.32  ? 82  THR A CA  1 
ATOM   538  C C   . THR A 1 68  ? 20.943  1.524   -2.366  1.00 32.94  ? 82  THR A C   1 
ATOM   539  O O   . THR A 1 68  ? 21.360  1.157   -1.250  1.00 32.48  ? 82  THR A O   1 
ATOM   540  C CB  . THR A 1 68  ? 21.380  3.959   -2.512  1.00 34.23  ? 82  THR A CB  1 
ATOM   541  O OG1 . THR A 1 68  ? 19.959  4.215   -2.465  1.00 32.08  ? 82  THR A OG1 1 
ATOM   542  C CG2 . THR A 1 68  ? 22.010  5.081   -3.268  1.00 33.30  ? 82  THR A CG2 1 
ATOM   543  N N   . ASP A 1 69  ? 19.803  1.074   -2.894  1.00 31.41  ? 83  ASP A N   1 
ATOM   544  C CA  . ASP A 1 69  ? 18.924  0.167   -2.125  1.00 31.74  ? 83  ASP A CA  1 
ATOM   545  C C   . ASP A 1 69  ? 19.633  -1.158  -1.905  1.00 31.52  ? 83  ASP A C   1 
ATOM   546  O O   . ASP A 1 69  ? 20.075  -1.800  -2.859  1.00 32.50  ? 83  ASP A O   1 
ATOM   547  C CB  . ASP A 1 69  ? 17.603  -0.058  -2.893  1.00 29.38  ? 83  ASP A CB  1 
ATOM   548  C CG  . ASP A 1 69  ? 16.783  1.194   -3.056  1.00 27.32  ? 83  ASP A CG  1 
ATOM   549  O OD1 . ASP A 1 69  ? 16.812  2.032   -2.134  1.00 28.12  ? 83  ASP A OD1 1 
ATOM   550  O OD2 . ASP A 1 69  ? 16.069  1.387   -4.066  1.00 29.62  ? 83  ASP A OD2 1 
ATOM   551  N N   . MET A 1 70  ? 19.751  -1.568  -0.656  1.00 30.27  ? 84  MET A N   1 
ATOM   552  C CA  . MET A 1 70  ? 20.317  -2.884  -0.294  1.00 33.73  ? 84  MET A CA  1 
ATOM   553  C C   . MET A 1 70  ? 19.454  -4.055  -0.811  1.00 35.79  ? 84  MET A C   1 
ATOM   554  O O   . MET A 1 70  ? 19.966  -5.119  -1.133  1.00 31.82  ? 84  MET A O   1 
ATOM   555  C CB  . MET A 1 70  ? 20.394  -3.038  1.232   1.00 37.07  ? 84  MET A CB  1 
ATOM   556  C CG  . MET A 1 70  ? 21.522  -2.274  1.918   1.00 48.21  ? 84  MET A CG  1 
ATOM   557  S SD  . MET A 1 70  ? 23.170  -2.877  1.440   1.00 54.70  ? 84  MET A SD  1 
ATOM   558  C CE  . MET A 1 70  ? 23.374  -4.297  2.519   1.00 55.73  ? 84  MET A CE  1 
ATOM   559  N N   . ASP A 1 71  ? 18.133  -3.855  -0.842  1.00 31.12  ? 85  ASP A N   1 
ATOM   560  C CA  . ASP A 1 71  ? 17.179  -4.872  -1.329  1.00 30.72  ? 85  ASP A CA  1 
ATOM   561  C C   . ASP A 1 71  ? 15.845  -4.221  -1.702  1.00 28.58  ? 85  ASP A C   1 
ATOM   562  O O   . ASP A 1 71  ? 15.683  -2.977  -1.600  1.00 24.82  ? 85  ASP A O   1 
ATOM   563  C CB  . ASP A 1 71  ? 17.016  -6.018  -0.307  1.00 32.14  ? 85  ASP A CB  1 
ATOM   564  C CG  . ASP A 1 71  ? 16.527  -5.557  1.060   1.00 31.71  ? 85  ASP A CG  1 
ATOM   565  O OD1 . ASP A 1 71  ? 15.978  -4.462  1.179   1.00 32.78  ? 85  ASP A OD1 1 
ATOM   566  O OD2 . ASP A 1 71  ? 16.655  -6.311  2.045   1.00 36.70  ? 85  ASP A OD2 1 
ATOM   567  N N   . ASP A 1 72  ? 14.881  -5.016  -2.189  1.00 25.75  ? 86  ASP A N   1 
ATOM   568  C CA  . ASP A 1 72  ? 13.585  -4.454  -2.633  1.00 26.14  ? 86  ASP A CA  1 
ATOM   569  C C   . ASP A 1 72  ? 12.774  -3.794  -1.503  1.00 23.15  ? 86  ASP A C   1 
ATOM   570  O O   . ASP A 1 72  ? 12.056  -2.835  -1.732  1.00 24.96  ? 86  ASP A O   1 
ATOM   571  C CB  . ASP A 1 72  ? 12.719  -5.520  -3.370  1.00 29.03  ? 86  ASP A CB  1 
ATOM   572  C CG  . ASP A 1 72  ? 13.283  -5.906  -4.751  1.00 31.64  ? 86  ASP A CG  1 
ATOM   573  O OD1 . ASP A 1 72  ? 13.780  -5.017  -5.511  1.00 29.80  ? 86  ASP A OD1 1 
ATOM   574  O OD2 . ASP A 1 72  ? 13.164  -7.112  -5.094  1.00 30.32  ? 86  ASP A OD2 1 
ATOM   575  N N   . ALA A 1 73  ? 12.877  -4.316  -0.305  1.00 24.63  ? 87  ALA A N   1 
ATOM   576  C CA  . ALA A 1 73  ? 12.196  -3.678  0.870   1.00 25.86  ? 87  ALA A CA  1 
ATOM   577  C C   . ALA A 1 73  ? 12.751  -2.254  1.121   1.00 25.10  ? 87  ALA A C   1 
ATOM   578  O O   . ALA A 1 73  ? 12.004  -1.308  1.438   1.00 25.93  ? 87  ALA A O   1 
ATOM   579  C CB  . ALA A 1 73  ? 12.344  -4.530  2.110   1.00 26.86  ? 87  ALA A CB  1 
ATOM   580  N N   . ALA A 1 74  ? 14.076  -2.130  1.010   1.00 25.54  ? 88  ALA A N   1 
ATOM   581  C CA  . ALA A 1 74  ? 14.716  -0.796  1.080   1.00 27.22  ? 88  ALA A CA  1 
ATOM   582  C C   . ALA A 1 74  ? 14.150  0.206   0.117   1.00 23.48  ? 88  ALA A C   1 
ATOM   583  O O   . ALA A 1 74  ? 13.923  1.346   0.492   1.00 26.53  ? 88  ALA A O   1 
ATOM   584  C CB  . ALA A 1 74  ? 16.221  -0.880  0.942   1.00 29.83  ? 88  ALA A CB  1 
ATOM   585  N N   . THR A 1 75  ? 13.912  -0.164  -1.154  1.00 24.44  ? 89  THR A N   1 
ATOM   586  C CA  . THR A 1 75  ? 13.251  0.738   -2.077  1.00 23.39  ? 89  THR A CA  1 
ATOM   587  C C   . THR A 1 75  ? 11.917  1.304   -1.557  1.00 24.65  ? 89  THR A C   1 
ATOM   588  O O   . THR A 1 75  ? 11.605  2.531   -1.647  1.00 23.03  ? 89  THR A O   1 
ATOM   589  C CB  . THR A 1 75  ? 12.945  -0.006  -3.416  1.00 24.45  ? 89  THR A CB  1 
ATOM   590  O OG1 . THR A 1 75  ? 14.147  -0.632  -3.886  1.00 23.60  ? 89  THR A OG1 1 
ATOM   591  C CG2 . THR A 1 75  ? 12.345  0.892   -4.430  1.00 25.43  ? 89  THR A CG2 1 
ATOM   592  N N   . ALA A 1 76  ? 11.064  0.375   -1.096  1.00 23.71  ? 90  ALA A N   1 
ATOM   593  C CA  . ALA A 1 76  ? 9.741   0.775   -0.594  1.00 23.01  ? 90  ALA A CA  1 
ATOM   594  C C   . ALA A 1 76  ? 9.868   1.776   0.591   1.00 21.26  ? 90  ALA A C   1 
ATOM   595  O O   . ALA A 1 76  ? 9.147   2.763   0.632   1.00 23.91  ? 90  ALA A O   1 
ATOM   596  C CB  . ALA A 1 76  ? 8.922   -0.444  -0.173  1.00 23.44  ? 90  ALA A CB  1 
ATOM   597  N N   . LEU A 1 77  ? 10.745  1.486   1.530   1.00 25.03  ? 91  LEU A N   1 
ATOM   598  C CA  . LEU A 1 77  ? 10.960  2.363   2.698   1.00 27.54  ? 91  LEU A CA  1 
ATOM   599  C C   . LEU A 1 77  ? 11.567  3.726   2.320   1.00 28.68  ? 91  LEU A C   1 
ATOM   600  O O   . LEU A 1 77  ? 11.123  4.739   2.825   1.00 26.18  ? 91  LEU A O   1 
ATOM   601  C CB  . LEU A 1 77  ? 11.842  1.703   3.733   1.00 28.03  ? 91  LEU A CB  1 
ATOM   602  C CG  . LEU A 1 77  ? 11.343  0.414   4.423   1.00 32.41  ? 91  LEU A CG  1 
ATOM   603  C CD1 . LEU A 1 77  ? 12.247  0.023   5.587   1.00 38.03  ? 91  LEU A CD1 1 
ATOM   604  C CD2 . LEU A 1 77  ? 9.901   0.576   4.893   1.00 34.54  ? 91  LEU A CD2 1 
ATOM   605  N N   . ARG A 1 78  ? 12.574  3.731   1.433   1.00 27.19  ? 92  ARG A N   1 
ATOM   606  C CA  . ARG A 1 78  ? 13.156  5.008   0.920   1.00 27.09  ? 92  ARG A CA  1 
ATOM   607  C C   . ARG A 1 78  ? 12.100  5.885   0.316   1.00 27.66  ? 92  ARG A C   1 
ATOM   608  O O   . ARG A 1 78  ? 11.959  7.112   0.653   1.00 25.89  ? 92  ARG A O   1 
ATOM   609  C CB  . ARG A 1 78  ? 14.321  4.758   -0.081  1.00 26.67  ? 92  ARG A CB  1 
ATOM   610  C CG  . ARG A 1 78  ? 14.987  6.026   -0.641  1.00 30.36  ? 92  ARG A CG  1 
ATOM   611  C CD  . ARG A 1 78  ? 16.167  5.718   -1.555  1.00 30.34  ? 92  ARG A CD  1 
ATOM   612  N NE  . ARG A 1 78  ? 15.788  4.726   -2.587  1.00 27.44  ? 92  ARG A NE  1 
ATOM   613  C CZ  . ARG A 1 78  ? 15.045  4.970   -3.655  1.00 25.99  ? 92  ARG A CZ  1 
ATOM   614  N NH1 . ARG A 1 78  ? 14.541  6.173   -3.941  1.00 28.94  ? 92  ARG A NH1 1 
ATOM   615  N NH2 . ARG A 1 78  ? 14.785  3.970   -4.503  1.00 28.58  ? 92  ARG A NH2 1 
ATOM   616  N N   . GLU A 1 79  ? 11.274  5.283   -0.551  1.00 25.03  ? 93  GLU A N   1 
ATOM   617  C CA  . GLU A 1 79  ? 10.235  6.028   -1.219  1.00 27.32  ? 93  GLU A CA  1 
ATOM   618  C C   . GLU A 1 79  ? 9.115   6.497   -0.260  1.00 28.36  ? 93  GLU A C   1 
ATOM   619  O O   . GLU A 1 79  ? 8.613   7.628   -0.440  1.00 29.43  ? 93  GLU A O   1 
ATOM   620  C CB  . GLU A 1 79  ? 9.647   5.249   -2.431  1.00 30.83  ? 93  GLU A CB  1 
ATOM   621  C CG  . GLU A 1 79  ? 10.622  5.070   -3.610  1.00 31.53  ? 93  GLU A CG  1 
ATOM   622  C CD  . GLU A 1 79  ? 10.734  6.279   -4.558  1.00 35.53  ? 93  GLU A CD  1 
ATOM   623  O OE1 . GLU A 1 79  ? 9.901   7.187   -4.538  1.00 42.44  ? 93  GLU A OE1 1 
ATOM   624  O OE2 . GLU A 1 79  ? 11.655  6.285   -5.380  1.00 42.98  ? 93  GLU A OE2 1 
ATOM   625  N N   . ALA A 1 80  ? 8.694   5.644   0.701   1.00 26.65  ? 94  ALA A N   1 
ATOM   626  C CA  . ALA A 1 80  ? 7.710   6.074   1.709   1.00 28.42  ? 94  ALA A CA  1 
ATOM   627  C C   . ALA A 1 80  ? 8.216   7.303   2.534   1.00 28.39  ? 94  ALA A C   1 
ATOM   628  O O   . ALA A 1 80  ? 7.442   8.220   2.845   1.00 30.14  ? 94  ALA A O   1 
ATOM   629  C CB  . ALA A 1 80  ? 7.325   4.936   2.625   1.00 27.67  ? 94  ALA A CB  1 
ATOM   630  N N   . GLN A 1 81  ? 9.489   7.307   2.858   1.00 26.13  ? 95  GLN A N   1 
ATOM   631  C CA  . GLN A 1 81  ? 10.086  8.464   3.589   1.00 32.73  ? 95  GLN A CA  1 
ATOM   632  C C   . GLN A 1 81  ? 10.009  9.753   2.756   1.00 33.78  ? 95  GLN A C   1 
ATOM   633  O O   . GLN A 1 81  ? 9.510   10.814  3.220   1.00 29.66  ? 95  GLN A O   1 
ATOM   634  C CB  . GLN A 1 81  ? 11.520  8.161   4.021   1.00 33.60  ? 95  GLN A CB  1 
ATOM   635  C CG  . GLN A 1 81  ? 12.041  9.223   5.016   1.00 36.84  ? 95  GLN A CG  1 
ATOM   636  C CD  . GLN A 1 81  ? 13.246  8.808   5.841   1.00 38.23  ? 95  GLN A CD  1 
ATOM   637  O OE1 . GLN A 1 81  ? 13.735  7.670   5.802   1.00 46.06  ? 95  GLN A OE1 1 
ATOM   638  N NE2 . GLN A 1 81  ? 13.751  9.762   6.603   1.00 49.85  ? 95  GLN A NE2 1 
ATOM   639  N N   . GLU A 1 82  ? 10.414  9.646   1.485   1.00 31.13  ? 96  GLU A N   1 
ATOM   640  C CA  . GLU A 1 82  ? 10.400  10.802  0.579   1.00 31.86  ? 96  GLU A CA  1 
ATOM   641  C C   . GLU A 1 82  ? 8.995   11.327  0.319   1.00 32.76  ? 96  GLU A C   1 
ATOM   642  O O   . GLU A 1 82  ? 8.796   12.549  0.208   1.00 31.99  ? 96  GLU A O   1 
ATOM   643  C CB  . GLU A 1 82  ? 11.107  10.442  -0.766  1.00 38.38  ? 96  GLU A CB  1 
ATOM   644  C CG  . GLU A 1 82  ? 11.267  11.615  -1.713  1.00 46.44  ? 96  GLU A CG  1 
ATOM   645  C CD  . GLU A 1 82  ? 12.180  12.707  -1.155  1.00 55.21  ? 96  GLU A CD  1 
ATOM   646  O OE1 . GLU A 1 82  ? 13.080  12.402  -0.326  1.00 60.81  ? 96  GLU A OE1 1 
ATOM   647  O OE2 . GLU A 1 82  ? 11.994  13.882  -1.541  1.00 66.75  ? 96  GLU A OE2 1 
ATOM   648  N N   . GLU A 1 83  ? 7.993   10.451  0.232   1.00 27.56  ? 97  GLU A N   1 
ATOM   649  C CA  . GLU A 1 83  ? 6.638   10.863  -0.080  1.00 27.46  ? 97  GLU A CA  1 
ATOM   650  C C   . GLU A 1 83  ? 5.846   11.399  1.102   1.00 29.09  ? 97  GLU A C   1 
ATOM   651  O O   . GLU A 1 83  ? 5.077   12.352  0.920   1.00 28.66  ? 97  GLU A O   1 
ATOM   652  C CB  . GLU A 1 83  ? 5.856   9.724   -0.787  1.00 30.33  ? 97  GLU A CB  1 
ATOM   653  C CG  . GLU A 1 83  ? 6.493   9.409   -2.162  1.00 33.49  ? 97  GLU A CG  1 
ATOM   654  C CD  . GLU A 1 83  ? 6.085   8.096   -2.816  1.00 41.53  ? 97  GLU A CD  1 
ATOM   655  O OE1 . GLU A 1 83  ? 5.295   7.381   -2.231  1.00 47.55  ? 97  GLU A OE1 1 
ATOM   656  O OE2 . GLU A 1 83  ? 6.580   7.799   -3.933  1.00 46.30  ? 97  GLU A OE2 1 
ATOM   657  N N   . VAL A 1 84  ? 5.934   10.732  2.257   1.00 29.48  ? 98  VAL A N   1 
ATOM   658  C CA  . VAL A 1 84  ? 5.033   11.068  3.410   1.00 28.93  ? 98  VAL A CA  1 
ATOM   659  C C   . VAL A 1 84  ? 5.736   11.231  4.774   1.00 31.33  ? 98  VAL A C   1 
ATOM   660  O O   . VAL A 1 84  ? 5.044   11.418  5.802   1.00 34.49  ? 98  VAL A O   1 
ATOM   661  C CB  . VAL A 1 84  ? 3.881   10.059  3.554   1.00 25.99  ? 98  VAL A CB  1 
ATOM   662  C CG1 . VAL A 1 84  ? 3.108   9.917   2.258   1.00 28.75  ? 98  VAL A CG1 1 
ATOM   663  C CG2 . VAL A 1 84  ? 4.357   8.702   4.040   1.00 28.74  ? 98  VAL A CG2 1 
ATOM   664  N N   . GLY A 1 85  ? 7.068   11.181  4.756   1.00 28.23  ? 99  GLY A N   1 
ATOM   665  C CA  . GLY A 1 85  ? 7.946   11.373  5.925   1.00 30.59  ? 99  GLY A CA  1 
ATOM   666  C C   . GLY A 1 85  ? 8.027   10.242  6.909   1.00 32.27  ? 99  GLY A C   1 
ATOM   667  O O   . GLY A 1 85  ? 8.551   10.405  8.044   1.00 31.23  ? 99  GLY A O   1 
ATOM   668  N N   . LEU A 1 86  ? 7.518   9.066   6.499   1.00 27.95  ? 100 LEU A N   1 
ATOM   669  C CA  . LEU A 1 86  ? 7.691   7.849   7.298   1.00 28.07  ? 100 LEU A CA  1 
ATOM   670  C C   . LEU A 1 86  ? 9.133   7.453   7.486   1.00 31.18  ? 100 LEU A C   1 
ATOM   671  O O   . LEU A 1 86  ? 9.832   7.117   6.507   1.00 31.78  ? 100 LEU A O   1 
ATOM   672  C CB  . LEU A 1 86  ? 6.912   6.702   6.601   1.00 28.80  ? 100 LEU A CB  1 
ATOM   673  C CG  . LEU A 1 86  ? 6.885   5.387   7.380   1.00 29.42  ? 100 LEU A CG  1 
ATOM   674  C CD1 . LEU A 1 86  ? 6.034   5.524   8.670   1.00 27.45  ? 100 LEU A CD1 1 
ATOM   675  C CD2 . LEU A 1 86  ? 6.336   4.272   6.500   1.00 29.28  ? 100 LEU A CD2 1 
ATOM   676  N N   . ARG A 1 87  ? 9.589   7.426   8.738   1.00 31.22  ? 101 ARG A N   1 
ATOM   677  C CA  . ARG A 1 87  ? 10.963  7.110   9.080   1.00 35.68  ? 101 ARG A CA  1 
ATOM   678  C C   . ARG A 1 87  ? 11.092  5.620   9.418   1.00 37.23  ? 101 ARG A C   1 
ATOM   679  O O   . ARG A 1 87  ? 10.084  4.969   9.737   1.00 35.25  ? 101 ARG A O   1 
ATOM   680  C CB  . ARG A 1 87  ? 11.461  7.984   10.232  1.00 41.05  ? 101 ARG A CB  1 
ATOM   681  C CG  . ARG A 1 87  ? 11.567  9.457   9.841   1.00 45.41  ? 101 ARG A CG  1 
ATOM   682  C CD  . ARG A 1 87  ? 11.462  10.398  11.025  1.00 56.10  ? 101 ARG A CD  1 
ATOM   683  N NE  . ARG A 1 87  ? 12.620  10.305  11.916  1.00 65.43  ? 101 ARG A NE  1 
ATOM   684  C CZ  . ARG A 1 87  ? 12.726  10.911  13.115  1.00 73.12  ? 101 ARG A CZ  1 
ATOM   685  N NH1 . ARG A 1 87  ? 11.742  11.686  13.592  1.00 72.20  ? 101 ARG A NH1 1 
ATOM   686  N NH2 . ARG A 1 87  ? 13.834  10.743  13.850  1.00 67.36  ? 101 ARG A NH2 1 
HETATM 687  N N   . HYP A 1 88  ? 12.300  5.054   9.304   1.00 44.97  ? 102 HYP A N   1 
HETATM 688  C CA  . HYP A 1 88  ? 12.469  3.600   9.513   1.00 44.63  ? 102 HYP A CA  1 
HETATM 689  C C   . HYP A 1 88  ? 12.106  3.000   10.818  1.00 39.64  ? 102 HYP A C   1 
HETATM 690  O O   . HYP A 1 88  ? 11.547  1.891   10.835  1.00 38.11  ? 102 HYP A O   1 
HETATM 691  C CB  . HYP A 1 88  ? 13.945  3.318   9.282   1.00 51.51  ? 102 HYP A CB  1 
HETATM 692  C CG  . HYP A 1 88  ? 14.258  4.321   8.195   1.00 57.86  ? 102 HYP A CG  1 
HETATM 693  C CD  . HYP A 1 88  ? 13.498  5.575   8.638   1.00 52.39  ? 102 HYP A CD  1 
HETATM 694  O OD1 . HYP A 1 88  ? 13.745  3.806   6.939   1.00 65.57  ? 102 HYP A OD1 1 
ATOM   695  N N   . HIS A 1 89  ? 12.399  3.701   11.907  1.00 36.90  ? 103 HIS A N   1 
ATOM   696  C CA  . HIS A 1 89  ? 11.958  3.252   13.214  1.00 37.86  ? 103 HIS A CA  1 
ATOM   697  C C   . HIS A 1 89  ? 10.417  3.218   13.333  1.00 30.83  ? 103 HIS A C   1 
ATOM   698  O O   . HIS A 1 89  ? 9.911   2.649   14.303  1.00 31.24  ? 103 HIS A O   1 
ATOM   699  C CB  . HIS A 1 89  ? 12.585  4.082   14.378  1.00 37.04  ? 103 HIS A CB  1 
ATOM   700  C CG  . HIS A 1 89  ? 12.094  5.497   14.480  1.00 35.35  ? 103 HIS A CG  1 
ATOM   701  N ND1 . HIS A 1 89  ? 11.097  5.884   15.341  1.00 36.89  ? 103 HIS A ND1 1 
ATOM   702  C CD2 . HIS A 1 89  ? 12.501  6.628   13.852  1.00 32.75  ? 103 HIS A CD2 1 
ATOM   703  C CE1 . HIS A 1 89  ? 10.881  7.184   15.205  1.00 33.13  ? 103 HIS A CE1 1 
ATOM   704  N NE2 . HIS A 1 89  ? 11.735  7.659   14.322  1.00 34.68  ? 103 HIS A NE2 1 
ATOM   705  N N   . GLN A 1 90  ? 9.686   3.826   12.392  1.00 28.20  ? 104 GLN A N   1 
ATOM   706  C CA  . GLN A 1 90  ? 8.212   3.917   12.480  1.00 28.73  ? 104 GLN A CA  1 
ATOM   707  C C   . GLN A 1 90  ? 7.464   2.835   11.677  1.00 28.65  ? 104 GLN A C   1 
ATOM   708  O O   . GLN A 1 90  ? 6.227   2.823   11.663  1.00 27.58  ? 104 GLN A O   1 
ATOM   709  C CB  . GLN A 1 90  ? 7.722   5.302   12.055  1.00 30.45  ? 104 GLN A CB  1 
ATOM   710  C CG  . GLN A 1 90  ? 8.363   6.468   12.831  1.00 31.42  ? 104 GLN A CG  1 
ATOM   711  C CD  . GLN A 1 90  ? 7.806   7.802   12.391  1.00 34.44  ? 104 GLN A CD  1 
ATOM   712  O OE1 . GLN A 1 90  ? 7.086   8.491   13.142  1.00 40.50  ? 104 GLN A OE1 1 
ATOM   713  N NE2 . GLN A 1 90  ? 8.080   8.157   11.164  1.00 29.20  ? 104 GLN A NE2 1 
ATOM   714  N N   . VAL A 1 91  ? 8.211   1.902   11.083  1.00 29.40  ? 105 VAL A N   1 
ATOM   715  C CA  . VAL A 1 91  ? 7.620   0.828   10.283  1.00 27.90  ? 105 VAL A CA  1 
ATOM   716  C C   . VAL A 1 91  ? 8.278   -0.539  10.550  1.00 30.61  ? 105 VAL A C   1 
ATOM   717  O O   . VAL A 1 91  ? 9.500   -0.648  10.660  1.00 28.88  ? 105 VAL A O   1 
ATOM   718  C CB  . VAL A 1 91  ? 7.595   1.253   8.788   1.00 29.42  ? 105 VAL A CB  1 
ATOM   719  C CG1 . VAL A 1 91  ? 8.963   1.676   8.309   1.00 30.41  ? 105 VAL A CG1 1 
ATOM   720  C CG2 . VAL A 1 91  ? 7.061   0.108   7.897   1.00 27.94  ? 105 VAL A CG2 1 
ATOM   721  N N   . GLU A 1 92  ? 7.451   -1.577  10.736  1.00 26.65  ? 106 GLU A N   1 
ATOM   722  C CA  . GLU A 1 92  ? 7.938   -2.953  10.737  1.00 29.28  ? 106 GLU A CA  1 
ATOM   723  C C   . GLU A 1 92  ? 7.434   -3.661  9.464   1.00 26.92  ? 106 GLU A C   1 
ATOM   724  O O   . GLU A 1 92  ? 6.216   -3.864  9.314   1.00 25.27  ? 106 GLU A O   1 
ATOM   725  C CB  . GLU A 1 92  ? 7.454   -3.697  11.979  1.00 32.48  ? 106 GLU A CB  1 
ATOM   726  C CG  . GLU A 1 92  ? 8.046   -5.115  12.157  1.00 37.40  ? 106 GLU A CG  1 
ATOM   727  C CD  . GLU A 1 92  ? 7.380   -5.918  13.280  1.00 42.10  ? 106 GLU A CD  1 
ATOM   728  O OE1 . GLU A 1 92  ? 6.525   -5.367  13.993  1.00 41.41  ? 106 GLU A OE1 1 
ATOM   729  O OE2 . GLU A 1 92  ? 7.692   -7.119  13.428  1.00 46.97  ? 106 GLU A OE2 1 
ATOM   730  N N   . VAL A 1 93  ? 8.368   -4.032  8.582   1.00 26.48  ? 107 VAL A N   1 
ATOM   731  C CA  . VAL A 1 93  ? 8.064   -4.790  7.367   1.00 27.94  ? 107 VAL A CA  1 
ATOM   732  C C   . VAL A 1 93  ? 7.830   -6.236  7.768   1.00 29.84  ? 107 VAL A C   1 
ATOM   733  O O   . VAL A 1 93  ? 8.693   -6.858  8.388   1.00 30.10  ? 107 VAL A O   1 
ATOM   734  C CB  . VAL A 1 93  ? 9.190   -4.655  6.308   1.00 32.01  ? 107 VAL A CB  1 
ATOM   735  C CG1 . VAL A 1 93  ? 8.924   -5.551  5.115   1.00 30.62  ? 107 VAL A CG1 1 
ATOM   736  C CG2 . VAL A 1 93  ? 9.299   -3.204  5.863   1.00 31.89  ? 107 VAL A CG2 1 
ATOM   737  N N   . VAL A 1 94  ? 6.631   -6.733  7.452   1.00 30.40  ? 108 VAL A N   1 
ATOM   738  C CA  . VAL A 1 94  ? 6.150   -8.024  7.933   1.00 32.25  ? 108 VAL A CA  1 
ATOM   739  C C   . VAL A 1 94  ? 6.292   -9.096  6.860   1.00 33.51  ? 108 VAL A C   1 
ATOM   740  O O   . VAL A 1 94  ? 6.595   -10.244 7.197   1.00 37.23  ? 108 VAL A O   1 
ATOM   741  C CB  . VAL A 1 94  ? 4.661   -7.918  8.351   1.00 35.38  ? 108 VAL A CB  1 
ATOM   742  C CG1 . VAL A 1 94  ? 4.093   -9.285  8.698   1.00 43.54  ? 108 VAL A CG1 1 
ATOM   743  C CG2 . VAL A 1 94  ? 4.532   -7.016  9.563   1.00 40.99  ? 108 VAL A CG2 1 
HETATM 744  N N   . CSO A 1 95  ? 6.029   -8.738  5.604   1.00 28.03  ? 109 CSO A N   1 
HETATM 745  C CA  . CSO A 1 95  ? 6.194   -9.680  4.502   1.00 30.23  ? 109 CSO A CA  1 
HETATM 746  C CB  . CSO A 1 95  ? 5.105   -10.702 4.603   1.00 33.03  ? 109 CSO A CB  1 
HETATM 747  S SG  . CSO A 1 95  ? 3.569   -9.912  4.341   1.00 34.62  ? 109 CSO A SG  1 
HETATM 748  C C   . CSO A 1 95  ? 6.183   -9.075  3.144   1.00 29.84  ? 109 CSO A C   1 
HETATM 749  O O   . CSO A 1 95  ? 5.929   -7.877  2.958   1.00 26.51  ? 109 CSO A O   1 
HETATM 750  O OD  . CSO A 1 95  ? 3.190   -11.096 3.133   1.00 38.62  ? 109 CSO A OD  1 
ATOM   751  N N   . CYS A 1 96  ? 6.542   -9.924  2.189   1.00 28.41  ? 110 CYS A N   1 
ATOM   752  C CA  . CYS A 1 96  ? 6.578   -9.644  0.793   1.00 30.68  ? 110 CYS A CA  1 
ATOM   753  C C   . CYS A 1 96  ? 5.480   -10.498 0.135   1.00 31.15  ? 110 CYS A C   1 
ATOM   754  O O   . CYS A 1 96  ? 5.541   -11.724 0.230   1.00 34.20  ? 110 CYS A O   1 
ATOM   755  C CB  . CYS A 1 96  ? 7.976   -10.096 0.335   1.00 36.57  ? 110 CYS A CB  1 
ATOM   756  S SG  . CYS A 1 96  ? 8.237   -9.896  -1.384  1.00 45.17  ? 110 CYS A SG  1 
ATOM   757  N N   . LEU A 1 97  ? 4.455   -9.861  -0.435  1.00 29.17  ? 111 LEU A N   1 
ATOM   758  C CA  . LEU A 1 97  ? 3.371   -10.531 -1.128  1.00 31.84  ? 111 LEU A CA  1 
ATOM   759  C C   . LEU A 1 97  ? 3.753   -10.846 -2.596  1.00 33.30  ? 111 LEU A C   1 
ATOM   760  O O   . LEU A 1 97  ? 4.809   -10.425 -3.116  1.00 29.47  ? 111 LEU A O   1 
ATOM   761  C CB  . LEU A 1 97  ? 2.063   -9.706  -1.107  1.00 31.92  ? 111 LEU A CB  1 
ATOM   762  C CG  . LEU A 1 97  ? 1.436   -9.522  0.274   1.00 34.18  ? 111 LEU A CG  1 
ATOM   763  C CD1 . LEU A 1 97  ? 0.215   -8.622  0.232   1.00 37.73  ? 111 LEU A CD1 1 
ATOM   764  C CD2 . LEU A 1 97  ? 1.101   -10.848 0.902   1.00 34.56  ? 111 LEU A CD2 1 
ATOM   765  N N   . VAL A 1 98  ? 2.896   -11.628 -3.243  1.00 36.42  ? 112 VAL A N   1 
ATOM   766  C CA  . VAL A 1 98  ? 3.066   -11.920 -4.684  1.00 37.43  ? 112 VAL A CA  1 
ATOM   767  C C   . VAL A 1 98  ? 3.331   -10.691 -5.548  1.00 32.56  ? 112 VAL A C   1 
ATOM   768  O O   . VAL A 1 98  ? 2.574   -9.750  -5.552  1.00 34.08  ? 112 VAL A O   1 
ATOM   769  C CB  . VAL A 1 98  ? 1.869   -12.703 -5.310  1.00 40.85  ? 112 VAL A CB  1 
ATOM   770  C CG1 . VAL A 1 98  ? 1.894   -14.133 -4.799  1.00 43.88  ? 112 VAL A CG1 1 
ATOM   771  C CG2 . VAL A 1 98  ? 0.522   -11.989 -5.108  1.00 39.54  ? 112 VAL A CG2 1 
ATOM   772  N N   . PRO A 1 99  ? 4.416   -10.728 -6.339  1.00 30.95  ? 113 PRO A N   1 
ATOM   773  C CA  . PRO A 1 99  ? 4.720   -9.578  -7.189  1.00 31.86  ? 113 PRO A CA  1 
ATOM   774  C C   . PRO A 1 99  ? 3.800   -9.515  -8.384  1.00 32.48  ? 113 PRO A C   1 
ATOM   775  O O   . PRO A 1 99  ? 3.195   -10.542 -8.752  1.00 32.55  ? 113 PRO A O   1 
ATOM   776  C CB  . PRO A 1 99  ? 6.178   -9.832  -7.587  1.00 33.27  ? 113 PRO A CB  1 
ATOM   777  C CG  . PRO A 1 99  ? 6.227   -11.310 -7.702  1.00 36.38  ? 113 PRO A CG  1 
ATOM   778  C CD  . PRO A 1 99  ? 5.398   -11.798 -6.517  1.00 34.65  ? 113 PRO A CD  1 
ATOM   779  N N   . CYS A 1 100 ? 3.711   -8.332  -8.968  1.00 29.23  ? 114 CYS A N   1 
ATOM   780  C CA  . CYS A 1 100 ? 2.823   -7.965  -10.058 1.00 31.79  ? 114 CYS A CA  1 
ATOM   781  C C   . CYS A 1 100 ? 3.675   -7.798  -11.363 1.00 33.94  ? 114 CYS A C   1 
ATOM   782  O O   . CYS A 1 100 ? 4.635   -7.019  -11.401 1.00 28.68  ? 114 CYS A O   1 
ATOM   783  C CB  . CYS A 1 100 ? 2.108   -6.625  -9.703  1.00 33.44  ? 114 CYS A CB  1 
ATOM   784  S SG  . CYS A 1 100 ? 1.212   -6.653  -8.075  1.00 50.33  ? 114 CYS A SG  1 
ATOM   785  N N   . LEU A 1 101 ? 3.332   -8.524  -12.427 1.00 32.88  ? 115 LEU A N   1 
ATOM   786  C CA  . LEU A 1 101 ? 4.062   -8.404  -13.722 1.00 32.21  ? 115 LEU A CA  1 
ATOM   787  C C   . LEU A 1 101 ? 3.363   -7.413  -14.625 1.00 32.62  ? 115 LEU A C   1 
ATOM   788  O O   . LEU A 1 101 ? 2.166   -7.550  -14.827 1.00 31.96  ? 115 LEU A O   1 
ATOM   789  C CB  . LEU A 1 101 ? 4.085   -9.761  -14.429 1.00 32.90  ? 115 LEU A CB  1 
ATOM   790  C CG  . LEU A 1 101 ? 4.850   -10.855 -13.700 1.00 35.34  ? 115 LEU A CG  1 
ATOM   791  C CD1 . LEU A 1 101 ? 4.622   -12.216 -14.340 1.00 38.94  ? 115 LEU A CD1 1 
ATOM   792  C CD2 . LEU A 1 101 ? 6.332   -10.519 -13.683 1.00 39.88  ? 115 LEU A CD2 1 
ATOM   793  N N   . ILE A 1 102 ? 4.081   -6.428  -15.171 1.00 32.61  ? 116 ILE A N   1 
ATOM   794  C CA  . ILE A 1 102 ? 3.473   -5.499  -16.137 1.00 37.30  ? 116 ILE A CA  1 
ATOM   795  C C   . ILE A 1 102 ? 4.340   -5.157  -17.318 1.00 33.76  ? 116 ILE A C   1 
ATOM   796  O O   . ILE A 1 102 ? 5.567   -5.121  -17.216 1.00 34.52  ? 116 ILE A O   1 
ATOM   797  C CB  . ILE A 1 102 ? 2.977   -4.161  -15.510 1.00 48.13  ? 116 ILE A CB  1 
ATOM   798  C CG1 . ILE A 1 102 ? 3.526   -3.961  -14.106 1.00 54.31  ? 116 ILE A CG1 1 
ATOM   799  C CG2 . ILE A 1 102 ? 1.453   -4.124  -15.488 1.00 51.83  ? 116 ILE A CG2 1 
ATOM   800  C CD1 . ILE A 1 102 ? 2.825   -2.851  -13.348 1.00 62.32  ? 116 ILE A CD1 1 
ATOM   801  N N   . ASP A 1 103 ? 3.681   -4.943  -18.456 1.00 38.56  ? 117 ASP A N   1 
ATOM   802  C CA  . ASP A 1 103 ? 4.314   -4.441  -19.695 1.00 42.49  ? 117 ASP A CA  1 
ATOM   803  C C   . ASP A 1 103 ? 5.396   -5.355  -20.275 1.00 38.49  ? 117 ASP A C   1 
ATOM   804  O O   . ASP A 1 103 ? 6.226   -4.877  -21.030 1.00 38.09  ? 117 ASP A O   1 
ATOM   805  C CB  . ASP A 1 103 ? 4.953   -3.025  -19.510 1.00 46.54  ? 117 ASP A CB  1 
ATOM   806  C CG  . ASP A 1 103 ? 3.938   -1.926  -19.273 1.00 57.77  ? 117 ASP A CG  1 
ATOM   807  O OD1 . ASP A 1 103 ? 2.791   -2.028  -19.763 1.00 62.95  ? 117 ASP A OD1 1 
ATOM   808  O OD2 . ASP A 1 103 ? 4.305   -0.930  -18.594 1.00 61.50  ? 117 ASP A OD2 1 
ATOM   809  N N   . THR A 1 104 ? 5.405   -6.633  -19.891 1.00 33.26  ? 118 THR A N   1 
ATOM   810  C CA  . THR A 1 104 ? 6.422   -7.614  -20.265 1.00 33.59  ? 118 THR A CA  1 
ATOM   811  C C   . THR A 1 104 ? 7.850   -7.490  -19.685 1.00 33.78  ? 118 THR A C   1 
ATOM   812  O O   . THR A 1 104 ? 8.585   -8.468  -19.702 1.00 31.92  ? 118 THR A O   1 
ATOM   813  C CB  . THR A 1 104 ? 6.532   -7.814  -21.828 1.00 35.95  ? 118 THR A CB  1 
ATOM   814  O OG1 . THR A 1 104 ? 7.296   -6.760  -22.429 1.00 36.45  ? 118 THR A OG1 1 
ATOM   815  C CG2 . THR A 1 104 ? 5.152   -7.904  -22.490 1.00 35.49  ? 118 THR A CG2 1 
ATOM   816  N N   . ASP A 1 105 ? 8.246   -6.322  -19.157 1.00 28.70  ? 119 ASP A N   1 
ATOM   817  C CA  . ASP A 1 105 ? 9.621   -6.109  -18.711 1.00 31.59  ? 119 ASP A CA  1 
ATOM   818  C C   . ASP A 1 105 ? 9.743   -5.483  -17.278 1.00 30.05  ? 119 ASP A C   1 
ATOM   819  O O   . ASP A 1 105 ? 10.853  -5.118  -16.858 1.00 28.80  ? 119 ASP A O   1 
ATOM   820  C CB  . ASP A 1 105 ? 10.337  -5.204  -19.737 1.00 34.73  ? 119 ASP A CB  1 
ATOM   821  C CG  . ASP A 1 105 ? 9.746   -3.781  -19.799 1.00 39.51  ? 119 ASP A CG  1 
ATOM   822  O OD1 . ASP A 1 105 ? 8.810   -3.434  -19.036 1.00 37.63  ? 119 ASP A OD1 1 
ATOM   823  O OD2 . ASP A 1 105 ? 10.172  -2.999  -20.657 1.00 45.01  ? 119 ASP A OD2 1 
ATOM   824  N N   . THR A 1 106 ? 8.631   -5.446  -16.539 1.00 29.00  ? 120 THR A N   1 
ATOM   825  C CA  . THR A 1 106 ? 8.577   -4.757  -15.237 1.00 27.94  ? 120 THR A CA  1 
ATOM   826  C C   . THR A 1 106 ? 7.957   -5.663  -14.183 1.00 27.31  ? 120 THR A C   1 
ATOM   827  O O   . THR A 1 106 ? 6.955   -6.391  -14.467 1.00 28.45  ? 120 THR A O   1 
ATOM   828  C CB  . THR A 1 106 ? 7.762   -3.446  -15.381 1.00 30.73  ? 120 THR A CB  1 
ATOM   829  O OG1 . THR A 1 106 ? 8.398   -2.613  -16.354 1.00 33.66  ? 120 THR A OG1 1 
ATOM   830  C CG2 . THR A 1 106 ? 7.720   -2.653  -14.049 1.00 30.62  ? 120 THR A CG2 1 
ATOM   831  N N   . LEU A 1 107 ? 8.571   -5.656  -12.997 1.00 25.01  ? 121 LEU A N   1 
ATOM   832  C CA  . LEU A 1 107 ? 8.119   -6.439  -11.855 1.00 26.21  ? 121 LEU A CA  1 
ATOM   833  C C   . LEU A 1 107 ? 7.988   -5.505  -10.623 1.00 28.73  ? 121 LEU A C   1 
ATOM   834  O O   . LEU A 1 107 ? 8.965   -4.867  -10.216 1.00 27.11  ? 121 LEU A O   1 
ATOM   835  C CB  . LEU A 1 107 ? 9.103   -7.538  -11.517 1.00 28.93  ? 121 LEU A CB  1 
ATOM   836  C CG  . LEU A 1 107 ? 8.681   -8.477  -10.380 1.00 32.03  ? 121 LEU A CG  1 
ATOM   837  C CD1 . LEU A 1 107 ? 7.803   -9.548  -10.943 1.00 38.44  ? 121 LEU A CD1 1 
ATOM   838  C CD2 . LEU A 1 107 ? 9.829   -9.129  -9.676  1.00 41.73  ? 121 LEU A CD2 1 
ATOM   839  N N   . ILE A 1 108 ? 6.807   -5.504  -10.022 1.00 26.68  ? 122 ILE A N   1 
ATOM   840  C CA  . ILE A 1 108 ? 6.465   -4.635  -8.852  1.00 25.69  ? 122 ILE A CA  1 
ATOM   841  C C   . ILE A 1 108 ? 6.283   -5.512  -7.636  1.00 25.74  ? 122 ILE A C   1 
ATOM   842  O O   . ILE A 1 108 ? 5.414   -6.424  -7.628  1.00 25.31  ? 122 ILE A O   1 
ATOM   843  C CB  . ILE A 1 108 ? 5.117   -3.905  -8.996  1.00 27.26  ? 122 ILE A CB  1 
ATOM   844  C CG1 . ILE A 1 108 ? 4.892   -3.263  -10.374 1.00 33.80  ? 122 ILE A CG1 1 
ATOM   845  C CG2 . ILE A 1 108 ? 4.883   -2.962  -7.804  1.00 29.17  ? 122 ILE A CG2 1 
ATOM   846  C CD1 . ILE A 1 108 ? 5.896   -2.318  -10.920 1.00 34.41  ? 122 ILE A CD1 1 
ATOM   847  N N   . THR A 1 109 ? 7.099   -5.284  -6.614  1.00 22.11  ? 123 THR A N   1 
ATOM   848  C CA  . THR A 1 109 ? 7.136   -6.085  -5.434  1.00 24.91  ? 123 THR A CA  1 
ATOM   849  C C   . THR A 1 109 ? 6.433   -5.324  -4.264  1.00 26.44  ? 123 THR A C   1 
ATOM   850  O O   . THR A 1 109 ? 6.892   -4.227  -3.892  1.00 22.74  ? 123 THR A O   1 
ATOM   851  C CB  . THR A 1 109 ? 8.575   -6.482  -5.063  1.00 26.55  ? 123 THR A CB  1 
ATOM   852  O OG1 . THR A 1 109 ? 9.205   -7.157  -6.183  1.00 27.71  ? 123 THR A OG1 1 
ATOM   853  C CG2 . THR A 1 109 ? 8.604   -7.398  -3.832  1.00 29.80  ? 123 THR A CG2 1 
ATOM   854  N N   . PRO A 1 110 ? 5.310   -5.882  -3.744  1.00 25.30  ? 124 PRO A N   1 
ATOM   855  C CA  . PRO A 1 110 ? 4.589   -5.294  -2.590  1.00 24.51  ? 124 PRO A CA  1 
ATOM   856  C C   . PRO A 1 110 ? 5.038   -5.826  -1.236  1.00 25.53  ? 124 PRO A C   1 
ATOM   857  O O   . PRO A 1 110 ? 5.184   -7.054  -1.002  1.00 25.61  ? 124 PRO A O   1 
ATOM   858  C CB  . PRO A 1 110 ? 3.129   -5.606  -2.892  1.00 27.06  ? 124 PRO A CB  1 
ATOM   859  C CG  . PRO A 1 110 ? 3.126   -6.760  -3.826  1.00 28.15  ? 124 PRO A CG  1 
ATOM   860  C CD  . PRO A 1 110 ? 4.509   -6.990  -4.348  1.00 27.07  ? 124 PRO A CD  1 
ATOM   861  N N   . PHE A 1 111 ? 5.284   -4.902  -0.297  1.00 21.74  ? 125 PHE A N   1 
ATOM   862  C CA  . PHE A 1 111 ? 5.611   -5.240  1.062   1.00 22.92  ? 125 PHE A CA  1 
ATOM   863  C C   . PHE A 1 111 ? 4.533   -4.714  2.015   1.00 24.22  ? 125 PHE A C   1 
ATOM   864  O O   . PHE A 1 111 ? 4.044   -3.601  1.788   1.00 24.74  ? 125 PHE A O   1 
ATOM   865  C CB  . PHE A 1 111 ? 6.955   -4.610  1.459   1.00 25.98  ? 125 PHE A CB  1 
ATOM   866  C CG  . PHE A 1 111 ? 8.112   -5.182  0.698   1.00 25.10  ? 125 PHE A CG  1 
ATOM   867  C CD1 . PHE A 1 111 ? 8.478   -4.646  -0.524  1.00 24.93  ? 125 PHE A CD1 1 
ATOM   868  C CD2 . PHE A 1 111 ? 8.806   -6.256  1.199   1.00 25.76  ? 125 PHE A CD2 1 
ATOM   869  C CE1 . PHE A 1 111 ? 9.518   -5.225  -1.246  1.00 27.04  ? 125 PHE A CE1 1 
ATOM   870  C CE2 . PHE A 1 111 ? 9.875   -6.815  0.506   1.00 27.88  ? 125 PHE A CE2 1 
ATOM   871  C CZ  . PHE A 1 111 ? 10.199  -6.314  -0.732  1.00 25.90  ? 125 PHE A CZ  1 
ATOM   872  N N   . VAL A 1 112 ? 4.136   -5.509  3.014   1.00 25.07  ? 126 VAL A N   1 
ATOM   873  C CA  . VAL A 1 112 ? 3.184   -5.039  4.047   1.00 24.26  ? 126 VAL A CA  1 
ATOM   874  C C   . VAL A 1 112 ? 3.972   -4.554  5.264   1.00 24.90  ? 126 VAL A C   1 
ATOM   875  O O   . VAL A 1 112 ? 4.827   -5.260  5.752   1.00 26.56  ? 126 VAL A O   1 
ATOM   876  C CB  . VAL A 1 112 ? 2.134   -6.090  4.493   1.00 25.09  ? 126 VAL A CB  1 
ATOM   877  C CG1 . VAL A 1 112 ? 1.079   -5.433  5.453   1.00 25.50  ? 126 VAL A CG1 1 
ATOM   878  C CG2 . VAL A 1 112 ? 1.471   -6.686  3.241   1.00 25.44  ? 126 VAL A CG2 1 
ATOM   879  N N   . GLY A 1 113 ? 3.655   -3.339  5.741   1.00 23.94  ? 127 GLY A N   1 
ATOM   880  C CA  . GLY A 1 113 ? 4.331   -2.754  6.895   1.00 24.80  ? 127 GLY A CA  1 
ATOM   881  C C   . GLY A 1 113 ? 3.353   -2.322  7.964   1.00 26.53  ? 127 GLY A C   1 
ATOM   882  O O   . GLY A 1 113 ? 2.332   -1.739  7.628   1.00 28.19  ? 127 GLY A O   1 
ATOM   883  N N   . LEU A 1 114 ? 3.654   -2.639  9.224   1.00 26.94  ? 128 LEU A N   1 
ATOM   884  C CA  . LEU A 1 114 ? 2.894   -2.133  10.376  1.00 28.05  ? 128 LEU A CA  1 
ATOM   885  C C   . LEU A 1 114 ? 3.470   -0.791  10.823  1.00 27.50  ? 128 LEU A C   1 
ATOM   886  O O   . LEU A 1 114 ? 4.693   -0.720  11.044  1.00 27.42  ? 128 LEU A O   1 
ATOM   887  C CB  . LEU A 1 114 ? 3.001   -3.061  11.571  1.00 32.32  ? 128 LEU A CB  1 
ATOM   888  C CG  . LEU A 1 114 ? 2.741   -4.534  11.335  1.00 41.12  ? 128 LEU A CG  1 
ATOM   889  C CD1 . LEU A 1 114 ? 2.806   -5.229  12.687  1.00 46.33  ? 128 LEU A CD1 1 
ATOM   890  C CD2 . LEU A 1 114 ? 1.396   -4.726  10.667  1.00 40.47  ? 128 LEU A CD2 1 
ATOM   891  N N   . ILE A 1 115 ? 2.593   0.205   10.979  1.00 25.50  ? 129 ILE A N   1 
ATOM   892  C CA  . ILE A 1 115 ? 2.967   1.639   11.180  1.00 24.90  ? 129 ILE A CA  1 
ATOM   893  C C   . ILE A 1 115 ? 2.804   2.007   12.657  1.00 28.24  ? 129 ILE A C   1 
ATOM   894  O O   . ILE A 1 115 ? 1.805   1.642   13.277  1.00 25.45  ? 129 ILE A O   1 
ATOM   895  C CB  . ILE A 1 115 ? 2.143   2.552   10.253  1.00 24.98  ? 129 ILE A CB  1 
ATOM   896  C CG1 . ILE A 1 115 ? 2.352   2.183   8.749   1.00 28.13  ? 129 ILE A CG1 1 
ATOM   897  C CG2 . ILE A 1 115 ? 2.486   4.038   10.436  1.00 27.46  ? 129 ILE A CG2 1 
ATOM   898  C CD1 . ILE A 1 115 ? 3.810   2.114   8.311   1.00 27.44  ? 129 ILE A CD1 1 
ATOM   899  N N   . ASP A 1 116 ? 3.802   2.681   13.220  1.00 26.54  ? 130 ASP A N   1 
ATOM   900  C CA  . ASP A 1 116 ? 3.760   3.128   14.625  1.00 27.35  ? 130 ASP A CA  1 
ATOM   901  C C   . ASP A 1 116 ? 2.585   4.050   14.917  1.00 25.92  ? 130 ASP A C   1 
ATOM   902  O O   . ASP A 1 116 ? 2.262   4.944   14.138  1.00 25.52  ? 130 ASP A O   1 
ATOM   903  C CB  . ASP A 1 116 ? 5.055   3.843   14.983  1.00 31.15  ? 130 ASP A CB  1 
ATOM   904  C CG  . ASP A 1 116 ? 5.162   4.126   16.494  1.00 33.37  ? 130 ASP A CG  1 
ATOM   905  O OD1 . ASP A 1 116 ? 5.454   3.165   17.241  1.00 37.94  ? 130 ASP A OD1 1 
ATOM   906  O OD2 . ASP A 1 116 ? 4.904   5.281   16.874  1.00 32.17  ? 130 ASP A OD2 1 
ATOM   907  N N   . HIS A 1 117 ? 1.960   3.886   16.080  1.00 28.89  ? 131 HIS A N   1 
ATOM   908  C CA  . HIS A 1 117 ? 0.817   4.758   16.450  1.00 30.72  ? 131 HIS A CA  1 
ATOM   909  C C   . HIS A 1 117 ? 1.142   6.251   16.567  1.00 30.20  ? 131 HIS A C   1 
ATOM   910  O O   . HIS A 1 117 ? 0.234   7.068   16.515  1.00 32.86  ? 131 HIS A O   1 
ATOM   911  C CB  . HIS A 1 117 ? 0.091   4.225   17.710  1.00 32.97  ? 131 HIS A CB  1 
ATOM   912  C CG  . HIS A 1 117 ? 0.808   4.492   19.003  1.00 35.24  ? 131 HIS A CG  1 
ATOM   913  N ND1 . HIS A 1 117 ? 2.074   4.008   19.297  1.00 35.57  ? 131 HIS A ND1 1 
ATOM   914  C CD2 . HIS A 1 117 ? 0.408   5.176   20.100  1.00 36.16  ? 131 HIS A CD2 1 
ATOM   915  C CE1 . HIS A 1 117 ? 2.425   4.410   20.508  1.00 31.29  ? 131 HIS A CE1 1 
ATOM   916  N NE2 . HIS A 1 117 ? 1.437   5.117   21.017  1.00 40.54  ? 131 HIS A NE2 1 
ATOM   917  N N   . ASN A 1 118 ? 2.396   6.666   16.764  1.00 31.09  ? 132 ASN A N   1 
ATOM   918  C CA  . ASN A 1 118 ? 2.663   8.110   16.810  1.00 32.95  ? 132 ASN A CA  1 
ATOM   919  C C   . ASN A 1 118 ? 3.038   8.706   15.442  1.00 34.92  ? 132 ASN A C   1 
ATOM   920  O O   . ASN A 1 118 ? 3.342   9.890   15.351  1.00 33.94  ? 132 ASN A O   1 
ATOM   921  C CB  . ASN A 1 118 ? 3.723   8.450   17.876  1.00 34.89  ? 132 ASN A CB  1 
ATOM   922  C CG  . ASN A 1 118 ? 3.190   8.218   19.295  1.00 37.34  ? 132 ASN A CG  1 
ATOM   923  O OD1 . ASN A 1 118 ? 3.779   7.503   20.091  1.00 37.95  ? 132 ASN A OD1 1 
ATOM   924  N ND2 . ASN A 1 118 ? 2.021   8.749   19.556  1.00 34.21  ? 132 ASN A ND2 1 
ATOM   925  N N   . PHE A 1 119 ? 3.010   7.908   14.365  1.00 32.43  ? 133 PHE A N   1 
ATOM   926  C CA  . PHE A 1 119 ? 3.303   8.491   13.049  1.00 31.18  ? 133 PHE A CA  1 
ATOM   927  C C   . PHE A 1 119 ? 2.212   9.459   12.633  1.00 30.28  ? 133 PHE A C   1 
ATOM   928  O O   . PHE A 1 119 ? 1.027   9.167   12.757  1.00 31.95  ? 133 PHE A O   1 
ATOM   929  C CB  . PHE A 1 119 ? 3.448   7.365   11.977  1.00 31.71  ? 133 PHE A CB  1 
ATOM   930  C CG  . PHE A 1 119 ? 3.429   7.876   10.556  1.00 31.92  ? 133 PHE A CG  1 
ATOM   931  C CD1 . PHE A 1 119 ? 4.524   8.509   10.026  1.00 32.49  ? 133 PHE A CD1 1 
ATOM   932  C CD2 . PHE A 1 119 ? 2.332   7.676   9.763   1.00 32.54  ? 133 PHE A CD2 1 
ATOM   933  C CE1 . PHE A 1 119 ? 4.512   8.970   8.700   1.00 32.18  ? 133 PHE A CE1 1 
ATOM   934  C CE2 . PHE A 1 119 ? 2.313   8.125   8.439   1.00 32.61  ? 133 PHE A CE2 1 
ATOM   935  C CZ  . PHE A 1 119 ? 3.405   8.777   7.929   1.00 30.25  ? 133 PHE A CZ  1 
ATOM   936  N N   . GLN A 1 120 ? 2.622   10.611  12.115  1.00 34.66  ? 134 GLN A N   1 
ATOM   937  C CA  . GLN A 1 120 ? 1.683   11.538  11.467  1.00 35.88  ? 134 GLN A CA  1 
ATOM   938  C C   . GLN A 1 120 ? 2.208   11.973  10.097  1.00 33.72  ? 134 GLN A C   1 
ATOM   939  O O   . GLN A 1 120 ? 3.320   12.471  9.994   1.00 31.84  ? 134 GLN A O   1 
ATOM   940  C CB  . GLN A 1 120 ? 1.484   12.749  12.339  1.00 43.78  ? 134 GLN A CB  1 
ATOM   941  C CG  . GLN A 1 120 ? 0.576   12.451  13.523  1.00 53.38  ? 134 GLN A CG  1 
ATOM   942  C CD  . GLN A 1 120 ? -0.224  13.665  13.892  1.00 60.71  ? 134 GLN A CD  1 
ATOM   943  O OE1 . GLN A 1 120 ? -1.455  13.656  13.823  1.00 71.99  ? 134 GLN A OE1 1 
ATOM   944  N NE2 . GLN A 1 120 ? 0.479   14.745  14.242  1.00 78.52  ? 134 GLN A NE2 1 
ATOM   945  N N   . ALA A 1 121 ? 1.394   11.780  9.076   1.00 36.74  ? 135 ALA A N   1 
ATOM   946  C CA  . ALA A 1 121 ? 1.840   11.981  7.692   1.00 39.63  ? 135 ALA A CA  1 
ATOM   947  C C   . ALA A 1 121 ? 2.159   13.428  7.436   1.00 40.16  ? 135 ALA A C   1 
ATOM   948  O O   . ALA A 1 121 ? 1.369   14.309  7.817   1.00 39.37  ? 135 ALA A O   1 
ATOM   949  C CB  . ALA A 1 121 ? 0.760   11.542  6.729   1.00 38.41  ? 135 ALA A CB  1 
ATOM   950  N N   . GLN A 1 122 ? 3.297   13.650  6.786   1.00 38.38  ? 136 GLN A N   1 
ATOM   951  C CA  . GLN A 1 122 ? 3.708   14.953  6.262   1.00 38.76  ? 136 GLN A CA  1 
ATOM   952  C C   . GLN A 1 122 ? 3.797   14.873  4.736   1.00 36.08  ? 136 GLN A C   1 
ATOM   953  O O   . GLN A 1 122 ? 4.877   14.583  4.215   1.00 33.14  ? 136 GLN A O   1 
ATOM   954  C CB  . GLN A 1 122 ? 5.086   15.305  6.852   1.00 42.35  ? 136 GLN A CB  1 
ATOM   955  C CG  . GLN A 1 122 ? 5.091   15.387  8.371   1.00 51.30  ? 136 GLN A CG  1 
ATOM   956  C CD  . GLN A 1 122 ? 6.477   15.678  8.909   1.00 56.75  ? 136 GLN A CD  1 
ATOM   957  O OE1 . GLN A 1 122 ? 7.212   14.777  9.301   1.00 57.51  ? 136 GLN A OE1 1 
ATOM   958  N NE2 . GLN A 1 122 ? 6.864   16.953  8.865   1.00 62.69  ? 136 GLN A NE2 1 
ATOM   959  N N   . PRO A 1 123 ? 2.671   15.083  4.016   1.00 34.42  ? 137 PRO A N   1 
ATOM   960  C CA  . PRO A 1 123 ? 2.701   14.992  2.561   1.00 37.73  ? 137 PRO A CA  1 
ATOM   961  C C   . PRO A 1 123 ? 3.745   15.934  1.955   1.00 40.23  ? 137 PRO A C   1 
ATOM   962  O O   . PRO A 1 123 ? 3.739   17.154  2.255   1.00 41.11  ? 137 PRO A O   1 
ATOM   963  C CB  . PRO A 1 123 ? 1.310   15.455  2.153   1.00 38.02  ? 137 PRO A CB  1 
ATOM   964  C CG  . PRO A 1 123 ? 0.442   15.191  3.331   1.00 37.94  ? 137 PRO A CG  1 
ATOM   965  C CD  . PRO A 1 123 ? 1.331   15.437  4.501   1.00 39.67  ? 137 PRO A CD  1 
ATOM   966  N N   . ASN A 1 124 ? 4.640   15.377  1.150   1.00 36.69  ? 138 ASN A N   1 
ATOM   967  C CA  . ASN A 1 124 ? 5.569   16.172  0.350   1.00 35.07  ? 138 ASN A CA  1 
ATOM   968  C C   . ASN A 1 124 ? 4.897   16.647  -0.979  1.00 35.82  ? 138 ASN A C   1 
ATOM   969  O O   . ASN A 1 124 ? 4.696   15.847  -1.892  1.00 31.21  ? 138 ASN A O   1 
ATOM   970  C CB  . ASN A 1 124 ? 6.827   15.347  0.082   1.00 35.25  ? 138 ASN A CB  1 
ATOM   971  C CG  . ASN A 1 124 ? 7.792   16.018  -0.887  1.00 38.74  ? 138 ASN A CG  1 
ATOM   972  O OD1 . ASN A 1 124 ? 7.509   17.098  -1.472  1.00 41.49  ? 138 ASN A OD1 1 
ATOM   973  N ND2 . ASN A 1 124 ? 8.925   15.376  -1.085  1.00 35.89  ? 138 ASN A ND2 1 
ATOM   974  N N   . PRO A 1 125 ? 4.574   17.963  -1.104  1.00 35.51  ? 139 PRO A N   1 
ATOM   975  C CA  . PRO A 1 125 ? 3.750   18.396  -2.241  1.00 36.70  ? 139 PRO A CA  1 
ATOM   976  C C   . PRO A 1 125 ? 4.383   18.269  -3.644  1.00 35.32  ? 139 PRO A C   1 
ATOM   977  O O   . PRO A 1 125 ? 3.655   18.312  -4.642  1.00 35.40  ? 139 PRO A O   1 
ATOM   978  C CB  . PRO A 1 125 ? 3.433   19.875  -1.918  1.00 37.03  ? 139 PRO A CB  1 
ATOM   979  C CG  . PRO A 1 125 ? 4.574   20.317  -1.082  1.00 35.27  ? 139 PRO A CG  1 
ATOM   980  C CD  . PRO A 1 125 ? 5.005   19.113  -0.272  1.00 36.73  ? 139 PRO A CD  1 
ATOM   981  N N   . ALA A 1 126 ? 5.691   18.088  -3.720  1.00 36.99  ? 140 ALA A N   1 
ATOM   982  C CA  . ALA A 1 126 ? 6.326   17.799  -5.001  1.00 40.15  ? 140 ALA A CA  1 
ATOM   983  C C   . ALA A 1 126 ? 5.990   16.392  -5.524  1.00 42.16  ? 140 ALA A C   1 
ATOM   984  O O   . ALA A 1 126 ? 6.155   16.116  -6.722  1.00 42.34  ? 140 ALA A O   1 
ATOM   985  C CB  . ALA A 1 126 ? 7.834   17.965  -4.901  1.00 38.45  ? 140 ALA A CB  1 
ATOM   986  N N   . GLU A 1 127 ? 5.567   15.499  -4.626  1.00 40.00  ? 141 GLU A N   1 
ATOM   987  C CA  . GLU A 1 127 ? 5.236   14.098  -5.006  1.00 40.49  ? 141 GLU A CA  1 
ATOM   988  C C   . GLU A 1 127 ? 3.802   13.660  -4.767  1.00 38.26  ? 141 GLU A C   1 
ATOM   989  O O   . GLU A 1 127 ? 3.251   12.901  -5.552  1.00 31.80  ? 141 GLU A O   1 
ATOM   990  C CB  . GLU A 1 127 ? 6.237   13.168  -4.333  1.00 46.81  ? 141 GLU A CB  1 
ATOM   991  C CG  . GLU A 1 127 ? 7.417   12.915  -5.277  1.00 54.74  ? 141 GLU A CG  1 
ATOM   992  C CD  . GLU A 1 127 ? 8.701   12.752  -4.571  1.00 57.89  ? 141 GLU A CD  1 
ATOM   993  O OE1 . GLU A 1 127 ? 9.709   13.312  -5.048  1.00 67.24  ? 141 GLU A OE1 1 
ATOM   994  O OE2 . GLU A 1 127 ? 8.695   12.075  -3.535  1.00 71.05  ? 141 GLU A OE2 1 
ATOM   995  N N   . VAL A 1 128 ? 3.165   14.229  -3.746  1.00 32.10  ? 142 VAL A N   1 
ATOM   996  C CA  . VAL A 1 128 ? 1.923   13.755  -3.249  1.00 35.22  ? 142 VAL A CA  1 
ATOM   997  C C   . VAL A 1 128 ? 0.990   14.967  -3.015  1.00 32.88  ? 142 VAL A C   1 
ATOM   998  O O   . VAL A 1 128 ? 1.381   15.901  -2.336  1.00 34.17  ? 142 VAL A O   1 
ATOM   999  C CB  . VAL A 1 128 ? 2.274   12.969  -1.958  1.00 39.87  ? 142 VAL A CB  1 
ATOM   1000 C CG1 . VAL A 1 128 ? 1.180   12.999  -0.957  1.00 44.23  ? 142 VAL A CG1 1 
ATOM   1001 C CG2 . VAL A 1 128 ? 2.700   11.541  -2.321  1.00 42.45  ? 142 VAL A CG2 1 
ATOM   1002 N N   . LYS A 1 129 ? -0.210  14.927  -3.579  1.00 35.57  ? 143 LYS A N   1 
ATOM   1003 C CA  . LYS A 1 129 ? -1.254  15.961  -3.395  1.00 39.65  ? 143 LYS A CA  1 
ATOM   1004 C C   . LYS A 1 129 ? -2.121  15.715  -2.137  1.00 39.13  ? 143 LYS A C   1 
ATOM   1005 O O   . LYS A 1 129 ? -2.721  16.643  -1.579  1.00 31.73  ? 143 LYS A O   1 
ATOM   1006 C CB  . LYS A 1 129 ? -2.152  16.004  -4.639  1.00 45.10  ? 143 LYS A CB  1 
ATOM   1007 C CG  . LYS A 1 129 ? -3.264  17.038  -4.594  1.00 56.16  ? 143 LYS A CG  1 
ATOM   1008 C CD  . LYS A 1 129 ? -3.940  17.268  -5.945  1.00 62.80  ? 143 LYS A CD  1 
ATOM   1009 C CE  . LYS A 1 129 ? -4.280  15.967  -6.644  1.00 68.42  ? 143 LYS A CE  1 
ATOM   1010 N NZ  . LYS A 1 129 ? -5.154  16.229  -7.820  1.00 78.56  ? 143 LYS A NZ  1 
ATOM   1011 N N   . ASP A 1 130 ? -2.208  14.463  -1.693  1.00 32.40  ? 144 ASP A N   1 
ATOM   1012 C CA  . ASP A 1 130 ? -3.066  14.095  -0.560  1.00 32.04  ? 144 ASP A CA  1 
ATOM   1013 C C   . ASP A 1 130 ? -2.609  12.721  -0.032  1.00 31.65  ? 144 ASP A C   1 
ATOM   1014 O O   . ASP A 1 130 ? -1.903  11.968  -0.762  1.00 31.45  ? 144 ASP A O   1 
ATOM   1015 C CB  . ASP A 1 130 ? -4.532  14.070  -1.023  1.00 32.48  ? 144 ASP A CB  1 
ATOM   1016 C CG  . ASP A 1 130 ? -5.537  14.171  0.108   1.00 33.84  ? 144 ASP A CG  1 
ATOM   1017 O OD1 . ASP A 1 130 ? -5.160  14.242  1.301   1.00 30.53  ? 144 ASP A OD1 1 
ATOM   1018 O OD2 . ASP A 1 130 ? -6.761  14.139  -0.212  1.00 35.96  ? 144 ASP A OD2 1 
ATOM   1019 N N   . VAL A 1 131 ? -2.957  12.446  1.228   1.00 29.74  ? 145 VAL A N   1 
ATOM   1020 C CA  . VAL A 1 131 ? -2.710  11.165  1.957   1.00 30.81  ? 145 VAL A CA  1 
ATOM   1021 C C   . VAL A 1 131 ? -4.004  10.915  2.730   1.00 31.84  ? 145 VAL A C   1 
ATOM   1022 O O   . VAL A 1 131 ? -4.594  11.863  3.277   1.00 29.84  ? 145 VAL A O   1 
ATOM   1023 C CB  . VAL A 1 131 ? -1.495  11.256  2.904   1.00 32.28  ? 145 VAL A CB  1 
ATOM   1024 C CG1 . VAL A 1 131 ? -1.296  10.000  3.734   1.00 37.33  ? 145 VAL A CG1 1 
ATOM   1025 C CG2 . VAL A 1 131 ? -0.223  11.532  2.119   1.00 31.08  ? 145 VAL A CG2 1 
ATOM   1026 N N   . PHE A 1 132 ? -4.527  9.693   2.695   1.00 26.78  ? 146 PHE A N   1 
ATOM   1027 C CA  . PHE A 1 132 ? -5.801  9.361   3.360   1.00 25.61  ? 146 PHE A CA  1 
ATOM   1028 C C   . PHE A 1 132 ? -5.827  7.899   3.819   1.00 29.57  ? 146 PHE A C   1 
ATOM   1029 O O   . PHE A 1 132 ? -5.061  7.074   3.292   1.00 30.01  ? 146 PHE A O   1 
ATOM   1030 C CB  . PHE A 1 132 ? -7.034  9.678   2.496   1.00 29.90  ? 146 PHE A CB  1 
ATOM   1031 C CG  . PHE A 1 132 ? -7.154  8.843   1.237   1.00 28.14  ? 146 PHE A CG  1 
ATOM   1032 C CD1 . PHE A 1 132 ? -6.399  9.169   0.124   1.00 31.18  ? 146 PHE A CD1 1 
ATOM   1033 C CD2 . PHE A 1 132 ? -8.061  7.781   1.162   1.00 30.33  ? 146 PHE A CD2 1 
ATOM   1034 C CE1 . PHE A 1 132 ? -6.500  8.405   -1.060  1.00 31.22  ? 146 PHE A CE1 1 
ATOM   1035 C CE2 . PHE A 1 132 ? -8.169  7.017   -0.003  1.00 30.78  ? 146 PHE A CE2 1 
ATOM   1036 C CZ  . PHE A 1 132 ? -7.383  7.343   -1.110  1.00 30.81  ? 146 PHE A CZ  1 
ATOM   1037 N N   . LEU A 1 133 ? -6.643  7.598   4.823   1.00 27.08  ? 147 LEU A N   1 
ATOM   1038 C CA  . LEU A 1 133 ? -6.813  6.227   5.334   1.00 28.11  ? 147 LEU A CA  1 
ATOM   1039 C C   . LEU A 1 133 ? -8.129  5.646   4.874   1.00 31.66  ? 147 LEU A C   1 
ATOM   1040 O O   . LEU A 1 133 ? -9.114  6.402   4.737   1.00 31.53  ? 147 LEU A O   1 
ATOM   1041 C CB  . LEU A 1 133 ? -6.789  6.163   6.861   1.00 30.60  ? 147 LEU A CB  1 
ATOM   1042 C CG  . LEU A 1 133 ? -5.540  6.644   7.612   1.00 31.40  ? 147 LEU A CG  1 
ATOM   1043 C CD1 . LEU A 1 133 ? -5.769  6.553   9.095   1.00 35.43  ? 147 LEU A CD1 1 
ATOM   1044 C CD2 . LEU A 1 133 ? -4.285  5.879   7.273   1.00 30.76  ? 147 LEU A CD2 1 
ATOM   1045 N N   . VAL A 1 134 ? -8.175  4.317   4.688   1.00 28.07  ? 148 VAL A N   1 
ATOM   1046 C CA  . VAL A 1 134 ? -9.436  3.580   4.426   1.00 27.97  ? 148 VAL A CA  1 
ATOM   1047 C C   . VAL A 1 134 ? -9.509  2.407   5.376   1.00 27.35  ? 148 VAL A C   1 
ATOM   1048 O O   . VAL A 1 134 ? -8.562  1.646   5.475   1.00 23.19  ? 148 VAL A O   1 
ATOM   1049 C CB  . VAL A 1 134 ? -9.566  3.047   2.972   1.00 28.06  ? 148 VAL A CB  1 
ATOM   1050 C CG1 . VAL A 1 134 ? -10.906 2.346   2.746   1.00 29.00  ? 148 VAL A CG1 1 
ATOM   1051 C CG2 . VAL A 1 134 ? -9.385  4.136   1.958   1.00 29.47  ? 148 VAL A CG2 1 
ATOM   1052 N N   . PRO A 1 135 ? -10.650 2.226   6.088   1.00 27.21  ? 149 PRO A N   1 
ATOM   1053 C CA  . PRO A 1 135 ? -10.682 1.015   6.911   1.00 28.57  ? 149 PRO A CA  1 
ATOM   1054 C C   . PRO A 1 135 ? -10.501 -0.266  6.039   1.00 24.23  ? 149 PRO A C   1 
ATOM   1055 O O   . PRO A 1 135 ? -11.126 -0.381  4.960   1.00 26.04  ? 149 PRO A O   1 
ATOM   1056 C CB  . PRO A 1 135 ? -12.096 1.045   7.539   1.00 32.13  ? 149 PRO A CB  1 
ATOM   1057 C CG  . PRO A 1 135 ? -12.585 2.470   7.370   1.00 31.09  ? 149 PRO A CG  1 
ATOM   1058 C CD  . PRO A 1 135 ? -11.892 3.013   6.153   1.00 31.75  ? 149 PRO A CD  1 
ATOM   1059 N N   . LEU A 1 136 ? -9.690  -1.215  6.518   1.00 25.45  ? 150 LEU A N   1 
ATOM   1060 C CA  . LEU A 1 136 ? -9.427  -2.451  5.789   1.00 25.27  ? 150 LEU A CA  1 
ATOM   1061 C C   . LEU A 1 136 ? -10.712 -3.204  5.441   1.00 27.01  ? 150 LEU A C   1 
ATOM   1062 O O   . LEU A 1 136 ? -10.871 -3.689  4.326   1.00 27.81  ? 150 LEU A O   1 
ATOM   1063 C CB  . LEU A 1 136 ? -8.444  -3.339  6.584   1.00 25.89  ? 150 LEU A CB  1 
ATOM   1064 C CG  . LEU A 1 136 ? -7.843  -4.541  5.865   1.00 26.53  ? 150 LEU A CG  1 
ATOM   1065 C CD1 . LEU A 1 136 ? -7.089  -4.055  4.647   1.00 26.33  ? 150 LEU A CD1 1 
ATOM   1066 C CD2 . LEU A 1 136 ? -6.936  -5.304  6.816   1.00 27.13  ? 150 LEU A CD2 1 
ATOM   1067 N N   . ALA A 1 137 ? -11.652 -3.261  6.389   1.00 27.16  ? 151 ALA A N   1 
ATOM   1068 C CA  . ALA A 1 137 ? -12.963 -3.906  6.166   1.00 27.33  ? 151 ALA A CA  1 
ATOM   1069 C C   . ALA A 1 137 ? -13.758 -3.383  4.994   1.00 27.63  ? 151 ALA A C   1 
ATOM   1070 O O   . ALA A 1 137 ? -14.591 -4.126  4.441   1.00 28.34  ? 151 ALA A O   1 
ATOM   1071 C CB  . ALA A 1 137 ? -13.828 -3.827  7.432   1.00 30.18  ? 151 ALA A CB  1 
ATOM   1072 N N   . TYR A 1 138 ? -13.569 -2.119  4.607   1.00 25.96  ? 152 TYR A N   1 
ATOM   1073 C CA  . TYR A 1 138 ? -14.246 -1.578  3.428   1.00 27.63  ? 152 TYR A CA  1 
ATOM   1074 C C   . TYR A 1 138 ? -14.101 -2.481  2.178   1.00 28.98  ? 152 TYR A C   1 
ATOM   1075 O O   . TYR A 1 138 ? -15.015 -2.605  1.341   1.00 28.03  ? 152 TYR A O   1 
ATOM   1076 C CB  . TYR A 1 138 ? -13.682 -0.195  3.104   1.00 27.45  ? 152 TYR A CB  1 
ATOM   1077 C CG  . TYR A 1 138 ? -14.132 0.332   1.775   1.00 27.52  ? 152 TYR A CG  1 
ATOM   1078 C CD1 . TYR A 1 138 ? -15.381 0.936   1.622   1.00 28.78  ? 152 TYR A CD1 1 
ATOM   1079 C CD2 . TYR A 1 138 ? -13.329 0.174   0.644   1.00 27.41  ? 152 TYR A CD2 1 
ATOM   1080 C CE1 . TYR A 1 138 ? -15.797 1.376   0.375   1.00 29.99  ? 152 TYR A CE1 1 
ATOM   1081 C CE2 . TYR A 1 138 ? -13.750 0.600   -0.597  1.00 30.28  ? 152 TYR A CE2 1 
ATOM   1082 C CZ  . TYR A 1 138 ? -14.979 1.189   -0.732  1.00 30.30  ? 152 TYR A CZ  1 
ATOM   1083 O OH  . TYR A 1 138 ? -15.354 1.604   -1.999  1.00 34.81  ? 152 TYR A OH  1 
ATOM   1084 N N   . PHE A 1 139 ? -12.901 -3.026  2.022   1.00 28.38  ? 153 PHE A N   1 
ATOM   1085 C CA  . PHE A 1 139 ? -12.545 -3.793  0.813   1.00 29.15  ? 153 PHE A CA  1 
ATOM   1086 C C   . PHE A 1 139 ? -13.240 -5.164  0.691   1.00 33.65  ? 153 PHE A C   1 
ATOM   1087 O O   . PHE A 1 139 ? -13.203 -5.787  -0.400  1.00 31.68  ? 153 PHE A O   1 
ATOM   1088 C CB  . PHE A 1 139 ? -11.009 -3.871  0.657   1.00 26.47  ? 153 PHE A CB  1 
ATOM   1089 C CG  . PHE A 1 139 ? -10.385 -2.515  0.499   1.00 26.19  ? 153 PHE A CG  1 
ATOM   1090 C CD1 . PHE A 1 139 ? -10.455 -1.847  -0.708  1.00 26.59  ? 153 PHE A CD1 1 
ATOM   1091 C CD2 . PHE A 1 139 ? -9.792  -1.868  1.575   1.00 26.55  ? 153 PHE A CD2 1 
ATOM   1092 C CE1 . PHE A 1 139 ? -9.920  -0.589  -0.868  1.00 27.89  ? 153 PHE A CE1 1 
ATOM   1093 C CE2 . PHE A 1 139 ? -9.288  -0.580  1.436   1.00 24.90  ? 153 PHE A CE2 1 
ATOM   1094 C CZ  . PHE A 1 139 ? -9.312  0.050   0.215   1.00 26.34  ? 153 PHE A CZ  1 
ATOM   1095 N N   . LEU A 1 140 ? -13.913 -5.591  1.762   1.00 31.07  ? 154 LEU A N   1 
ATOM   1096 C CA  . LEU A 1 140 ? -14.811 -6.750  1.697   1.00 34.25  ? 154 LEU A CA  1 
ATOM   1097 C C   . LEU A 1 140 ? -16.222 -6.410  1.159   1.00 36.36  ? 154 LEU A C   1 
ATOM   1098 O O   . LEU A 1 140 ? -16.919 -7.297  0.674   1.00 36.13  ? 154 LEU A O   1 
ATOM   1099 C CB  . LEU A 1 140 ? -14.953 -7.382  3.076   1.00 34.09  ? 154 LEU A CB  1 
ATOM   1100 C CG  . LEU A 1 140 ? -13.673 -7.799  3.794   1.00 37.31  ? 154 LEU A CG  1 
ATOM   1101 C CD1 . LEU A 1 140 ? -13.985 -8.339  5.171   1.00 39.32  ? 154 LEU A CD1 1 
ATOM   1102 C CD2 . LEU A 1 140 ? -12.885 -8.790  2.964   1.00 35.42  ? 154 LEU A CD2 1 
ATOM   1103 N N   . HIS A 1 141 ? -16.658 -5.154  1.277   1.00 36.18  ? 155 HIS A N   1 
ATOM   1104 C CA  . HIS A 1 141 ? -17.946 -4.706  0.735   1.00 37.81  ? 155 HIS A CA  1 
ATOM   1105 C C   . HIS A 1 141 ? -17.806 -3.306  0.170   1.00 38.91  ? 155 HIS A C   1 
ATOM   1106 O O   . HIS A 1 141 ? -18.349 -2.355  0.722   1.00 38.35  ? 155 HIS A O   1 
ATOM   1107 C CB  . HIS A 1 141 ? -18.987 -4.674  1.835   1.00 39.19  ? 155 HIS A CB  1 
ATOM   1108 C CG  . HIS A 1 141 ? -19.280 -6.016  2.416   1.00 41.77  ? 155 HIS A CG  1 
ATOM   1109 N ND1 . HIS A 1 141 ? -20.053 -6.953  1.758   1.00 43.23  ? 155 HIS A ND1 1 
ATOM   1110 C CD2 . HIS A 1 141 ? -18.887 -6.593  3.576   1.00 40.14  ? 155 HIS A CD2 1 
ATOM   1111 C CE1 . HIS A 1 141 ? -20.139 -8.044  2.502   1.00 43.39  ? 155 HIS A CE1 1 
ATOM   1112 N NE2 . HIS A 1 141 ? -19.448 -7.852  3.614   1.00 41.26  ? 155 HIS A NE2 1 
ATOM   1113 N N   . PRO A 1 142 ? -17.060 -3.171  -0.926  1.00 35.94  ? 156 PRO A N   1 
ATOM   1114 C CA  . PRO A 1 142 ? -16.792 -1.855  -1.464  1.00 39.30  ? 156 PRO A CA  1 
ATOM   1115 C C   . PRO A 1 142 ? -17.985 -1.315  -2.271  1.00 42.24  ? 156 PRO A C   1 
ATOM   1116 O O   . PRO A 1 142 ? -18.857 -2.091  -2.673  1.00 40.99  ? 156 PRO A O   1 
ATOM   1117 C CB  . PRO A 1 142 ? -15.576 -2.112  -2.366  1.00 41.45  ? 156 PRO A CB  1 
ATOM   1118 C CG  . PRO A 1 142 ? -15.764 -3.525  -2.834  1.00 38.48  ? 156 PRO A CG  1 
ATOM   1119 C CD  . PRO A 1 142 ? -16.368 -4.247  -1.679  1.00 36.77  ? 156 PRO A CD  1 
ATOM   1120 N N   . GLN A 1 143 ? -18.011 -0.012  -2.495  1.00 42.21  ? 157 GLN A N   1 
ATOM   1121 C CA  . GLN A 1 143 ? -18.965 0.616   -3.411  1.00 47.92  ? 157 GLN A CA  1 
ATOM   1122 C C   . GLN A 1 143 ? -18.373 0.656   -4.831  1.00 50.09  ? 157 GLN A C   1 
ATOM   1123 O O   . GLN A 1 143 ? -17.471 1.465   -5.120  1.00 43.32  ? 157 GLN A O   1 
ATOM   1124 C CB  . GLN A 1 143 ? -19.324 2.023   -2.910  1.00 51.20  ? 157 GLN A CB  1 
ATOM   1125 C CG  . GLN A 1 143 ? -20.454 2.694   -3.683  1.00 63.17  ? 157 GLN A CG  1 
ATOM   1126 C CD  . GLN A 1 143 ? -20.778 4.090   -3.156  1.00 71.48  ? 157 GLN A CD  1 
ATOM   1127 O OE1 . GLN A 1 143 ? -21.174 4.246   -1.995  1.00 78.72  ? 157 GLN A OE1 1 
ATOM   1128 N NE2 . GLN A 1 143 ? -20.606 5.113   -4.003  1.00 71.50  ? 157 GLN A NE2 1 
ATOM   1129 N N   . VAL A 1 144 ? -18.896 -0.211  -5.712  1.00 49.81  ? 158 VAL A N   1 
ATOM   1130 C CA  . VAL A 1 144 ? -18.294 -0.484  -7.029  1.00 51.96  ? 158 VAL A CA  1 
ATOM   1131 C C   . VAL A 1 144 ? -18.996 0.319   -8.127  1.00 57.95  ? 158 VAL A C   1 
ATOM   1132 O O   . VAL A 1 144 ? -20.219 0.474   -8.104  1.00 60.05  ? 158 VAL A O   1 
ATOM   1133 C CB  . VAL A 1 144 ? -18.329 -2.002  -7.363  1.00 55.73  ? 158 VAL A CB  1 
ATOM   1134 C CG1 . VAL A 1 144 ? -17.774 -2.283  -8.757  1.00 57.17  ? 158 VAL A CG1 1 
ATOM   1135 C CG2 . VAL A 1 144 ? -17.548 -2.797  -6.328  1.00 54.15  ? 158 VAL A CG2 1 
ATOM   1136 N N   . HIS A 1 145 ? -18.198 0.821   -9.070  1.00 60.71  ? 159 HIS A N   1 
ATOM   1137 C CA  . HIS A 1 145 ? -18.655 1.603   -10.226 1.00 70.56  ? 159 HIS A CA  1 
ATOM   1138 C C   . HIS A 1 145 ? -17.926 1.088   -11.458 1.00 72.10  ? 159 HIS A C   1 
ATOM   1139 O O   . HIS A 1 145 ? -16.719 0.842   -11.398 1.00 70.85  ? 159 HIS A O   1 
ATOM   1140 C CB  . HIS A 1 145 ? -18.354 3.098   -10.018 1.00 72.84  ? 159 HIS A CB  1 
ATOM   1141 C CG  . HIS A 1 145 ? -19.349 3.784   -9.137  1.00 84.97  ? 159 HIS A CG  1 
ATOM   1142 N ND1 . HIS A 1 145 ? -19.429 3.548   -7.779  1.00 88.01  ? 159 HIS A ND1 1 
ATOM   1143 C CD2 . HIS A 1 145 ? -20.330 4.673   -9.423  1.00 92.20  ? 159 HIS A CD2 1 
ATOM   1144 C CE1 . HIS A 1 145 ? -20.410 4.269   -7.268  1.00 89.89  ? 159 HIS A CE1 1 
ATOM   1145 N NE2 . HIS A 1 145 ? -20.974 4.961   -8.243  1.00 93.60  ? 159 HIS A NE2 1 
ATOM   1146 N N   . ASP A 1 146 ? -18.648 0.922   -12.563 1.00 77.23  ? 160 ASP A N   1 
ATOM   1147 C CA  . ASP A 1 146 ? -18.073 0.357   -13.794 1.00 81.97  ? 160 ASP A CA  1 
ATOM   1148 C C   . ASP A 1 146 ? -17.773 1.429   -14.857 1.00 83.12  ? 160 ASP A C   1 
ATOM   1149 O O   . ASP A 1 146 ? -18.697 2.048   -15.379 1.00 84.14  ? 160 ASP A O   1 
ATOM   1150 C CB  . ASP A 1 146 ? -19.012 -0.719  -14.334 1.00 86.43  ? 160 ASP A CB  1 
ATOM   1151 C CG  . ASP A 1 146 ? -19.089 -1.941  -13.418 1.00 89.25  ? 160 ASP A CG  1 
ATOM   1152 O OD1 . ASP A 1 146 ? -18.670 -1.852  -12.242 1.00 94.23  ? 160 ASP A OD1 1 
ATOM   1153 O OD2 . ASP A 1 146 ? -19.571 -2.997  -13.869 1.00 92.35  ? 160 ASP A OD2 1 
ATOM   1154 N N   . GLN A 1 147 ? -16.488 1.640   -15.170 1.00 81.85  ? 161 GLN A N   1 
ATOM   1155 C CA  . GLN A 1 147 ? -16.054 2.687   -16.119 1.00 84.42  ? 161 GLN A CA  1 
ATOM   1156 C C   . GLN A 1 147 ? -16.098 2.221   -17.574 1.00 86.14  ? 161 GLN A C   1 
ATOM   1157 O O   . GLN A 1 147 ? -16.098 1.025   -17.857 1.00 86.74  ? 161 GLN A O   1 
ATOM   1158 C CB  . GLN A 1 147 ? -14.637 3.163   -15.789 1.00 82.16  ? 161 GLN A CB  1 
ATOM   1159 N N   . ILE A 1 158 ? -15.377 -3.447  -19.653 1.00 101.58 ? 172 ILE A N   1 
ATOM   1160 C CA  . ILE A 1 158 ? -15.796 -2.769  -18.425 1.00 104.30 ? 172 ILE A CA  1 
ATOM   1161 C C   . ILE A 1 158 ? -14.719 -2.907  -17.336 1.00 99.24  ? 172 ILE A C   1 
ATOM   1162 O O   . ILE A 1 158 ? -14.102 -3.958  -17.194 1.00 96.64  ? 172 ILE A O   1 
ATOM   1163 C CB  . ILE A 1 158 ? -17.192 -3.285  -17.956 1.00 107.85 ? 172 ILE A CB  1 
ATOM   1164 C CG1 . ILE A 1 158 ? -18.332 -2.567  -18.723 1.00 108.69 ? 172 ILE A CG1 1 
ATOM   1165 C CG2 . ILE A 1 158 ? -17.384 -3.187  -16.437 1.00 107.15 ? 172 ILE A CG2 1 
ATOM   1166 C CD1 . ILE A 1 158 ? -18.453 -1.061  -18.520 1.00 107.60 ? 172 ILE A CD1 1 
ATOM   1167 N N   . ASN A 1 159 ? -14.530 -1.830  -16.569 1.00 96.26  ? 173 ASN A N   1 
ATOM   1168 C CA  . ASN A 1 159 ? -13.478 -1.706  -15.553 1.00 88.41  ? 173 ASN A CA  1 
ATOM   1169 C C   . ASN A 1 159 ? -14.106 -1.425  -14.175 1.00 79.81  ? 173 ASN A C   1 
ATOM   1170 O O   . ASN A 1 159 ? -14.924 -0.515  -14.051 1.00 76.54  ? 173 ASN A O   1 
ATOM   1171 C CB  . ASN A 1 159 ? -12.543 -0.551  -15.946 1.00 88.20  ? 173 ASN A CB  1 
ATOM   1172 C CG  . ASN A 1 159 ? -11.149 -0.702  -15.373 1.00 88.94  ? 173 ASN A CG  1 
ATOM   1173 O OD1 . ASN A 1 159 ? -10.451 -1.656  -15.693 1.00 92.60  ? 173 ASN A OD1 1 
ATOM   1174 N ND2 . ASN A 1 159 ? -10.730 0.247   -14.539 1.00 90.11  ? 173 ASN A ND2 1 
ATOM   1175 N N   . HIS A 1 160 ? -13.726 -2.199  -13.154 1.00 72.80  ? 174 HIS A N   1 
ATOM   1176 C CA  . HIS A 1 160 ? -14.253 -2.030  -11.780 1.00 69.71  ? 174 HIS A CA  1 
ATOM   1177 C C   . HIS A 1 160 ? -13.456 -0.993  -10.969 1.00 62.25  ? 174 HIS A C   1 
ATOM   1178 O O   . HIS A 1 160 ? -12.242 -1.128  -10.799 1.00 71.30  ? 174 HIS A O   1 
ATOM   1179 C CB  . HIS A 1 160 ? -14.264 -3.361  -11.024 1.00 72.64  ? 174 HIS A CB  1 
ATOM   1180 C CG  . HIS A 1 160 ? -15.124 -4.409  -11.659 1.00 80.12  ? 174 HIS A CG  1 
ATOM   1181 N ND1 . HIS A 1 160 ? -16.367 -4.132  -12.185 1.00 82.39  ? 174 HIS A ND1 1 
ATOM   1182 C CD2 . HIS A 1 160 ? -14.925 -5.736  -11.837 1.00 79.53  ? 174 HIS A CD2 1 
ATOM   1183 C CE1 . HIS A 1 160 ? -16.891 -5.242  -12.674 1.00 83.25  ? 174 HIS A CE1 1 
ATOM   1184 N NE2 . HIS A 1 160 ? -16.037 -6.229  -12.472 1.00 83.34  ? 174 HIS A NE2 1 
ATOM   1185 N N   . ILE A 1 161 ? -14.158 0.026   -10.476 1.00 54.43  ? 175 ILE A N   1 
ATOM   1186 C CA  . ILE A 1 161 ? -13.577 1.140   -9.725  1.00 53.12  ? 175 ILE A CA  1 
ATOM   1187 C C   . ILE A 1 161 ? -14.279 1.215   -8.363  1.00 50.61  ? 175 ILE A C   1 
ATOM   1188 O O   . ILE A 1 161 ? -15.508 1.168   -8.307  1.00 50.99  ? 175 ILE A O   1 
ATOM   1189 C CB  . ILE A 1 161 ? -13.763 2.461   -10.509 1.00 53.57  ? 175 ILE A CB  1 
ATOM   1190 C CG1 . ILE A 1 161 ? -12.857 2.455   -11.751 1.00 58.76  ? 175 ILE A CG1 1 
ATOM   1191 C CG2 . ILE A 1 161 ? -13.455 3.691   -9.659  1.00 53.36  ? 175 ILE A CG2 1 
ATOM   1192 C CD1 . ILE A 1 161 ? -13.231 3.486   -12.801 1.00 58.67  ? 175 ILE A CD1 1 
ATOM   1193 N N   . PHE A 1 162 ? -13.509 1.332   -7.281  1.00 38.47  ? 176 PHE A N   1 
ATOM   1194 C CA  . PHE A 1 162 ? -14.086 1.507   -5.932  1.00 37.35  ? 176 PHE A CA  1 
ATOM   1195 C C   . PHE A 1 162 ? -14.193 2.992   -5.618  1.00 35.24  ? 176 PHE A C   1 
ATOM   1196 O O   . PHE A 1 162 ? -13.276 3.718   -5.911  1.00 36.70  ? 176 PHE A O   1 
ATOM   1197 C CB  . PHE A 1 162 ? -13.223 0.869   -4.865  1.00 36.67  ? 176 PHE A CB  1 
ATOM   1198 C CG  . PHE A 1 162 ? -13.036 -0.610  -4.997  1.00 36.88  ? 176 PHE A CG  1 
ATOM   1199 C CD1 . PHE A 1 162 ? -13.942 -1.435  -5.698  1.00 39.90  ? 176 PHE A CD1 1 
ATOM   1200 C CD2 . PHE A 1 162 ? -11.958 -1.207  -4.369  1.00 35.56  ? 176 PHE A CD2 1 
ATOM   1201 C CE1 . PHE A 1 162 ? -13.737 -2.822  -5.746  1.00 38.63  ? 176 PHE A CE1 1 
ATOM   1202 C CE2 . PHE A 1 162 ? -11.747 -2.570  -4.437  1.00 35.60  ? 176 PHE A CE2 1 
ATOM   1203 C CZ  . PHE A 1 162 ? -12.632 -3.387  -5.117  1.00 37.47  ? 176 PHE A CZ  1 
ATOM   1204 N N   . GLU A 1 163 ? -15.302 3.421   -5.005  1.00 37.01  ? 177 GLU A N   1 
ATOM   1205 C CA  . GLU A 1 163 ? -15.466 4.792   -4.496  1.00 38.64  ? 177 GLU A CA  1 
ATOM   1206 C C   . GLU A 1 163 ? -15.573 4.763   -2.981  1.00 33.91  ? 177 GLU A C   1 
ATOM   1207 O O   . GLU A 1 163 ? -16.425 4.061   -2.416  1.00 36.37  ? 177 GLU A O   1 
ATOM   1208 C CB  . GLU A 1 163 ? -16.718 5.469   -5.054  1.00 46.70  ? 177 GLU A CB  1 
ATOM   1209 C CG  . GLU A 1 163 ? -16.707 5.608   -6.575  1.00 55.63  ? 177 GLU A CG  1 
ATOM   1210 C CD  . GLU A 1 163 ? -17.602 6.730   -7.107  1.00 63.97  ? 177 GLU A CD  1 
ATOM   1211 O OE1 . GLU A 1 163 ? -18.479 7.217   -6.353  1.00 68.44  ? 177 GLU A OE1 1 
ATOM   1212 O OE2 . GLU A 1 163 ? -17.423 7.120   -8.291  1.00 66.19  ? 177 GLU A OE2 1 
ATOM   1213 N N   . TYR A 1 164 ? -14.694 5.494   -2.320  1.00 32.08  ? 178 TYR A N   1 
ATOM   1214 C CA  . TYR A 1 164 ? -14.687 5.560   -0.855  1.00 31.51  ? 178 TYR A CA  1 
ATOM   1215 C C   . TYR A 1 164 ? -14.905 7.006   -0.455  1.00 33.26  ? 178 TYR A C   1 
ATOM   1216 O O   . TYR A 1 164 ? -14.156 7.871   -0.905  1.00 36.75  ? 178 TYR A O   1 
ATOM   1217 C CB  . TYR A 1 164 ? -13.335 5.104   -0.253  1.00 32.68  ? 178 TYR A CB  1 
ATOM   1218 C CG  . TYR A 1 164 ? -13.310 5.341   1.256   1.00 30.55  ? 178 TYR A CG  1 
ATOM   1219 C CD1 . TYR A 1 164 ? -14.123 4.590   2.073   1.00 34.77  ? 178 TYR A CD1 1 
ATOM   1220 C CD2 . TYR A 1 164 ? -12.544 6.368   1.862   1.00 32.97  ? 178 TYR A CD2 1 
ATOM   1221 C CE1 . TYR A 1 164 ? -14.140 4.776   3.452   1.00 35.74  ? 178 TYR A CE1 1 
ATOM   1222 C CE2 . TYR A 1 164 ? -12.556 6.550   3.260   1.00 31.56  ? 178 TYR A CE2 1 
ATOM   1223 C CZ  . TYR A 1 164 ? -13.386 5.781   4.038   1.00 32.32  ? 178 TYR A CZ  1 
ATOM   1224 O OH  . TYR A 1 164 ? -13.527 5.915   5.408   1.00 35.59  ? 178 TYR A OH  1 
ATOM   1225 N N   . THR A 1 165 ? -15.880 7.248   0.424   1.00 36.17  ? 179 THR A N   1 
ATOM   1226 C CA  . THR A 1 165 ? -16.161 8.574   0.969   1.00 35.19  ? 179 THR A CA  1 
ATOM   1227 C C   . THR A 1 165 ? -15.730 8.679   2.432   1.00 34.21  ? 179 THR A C   1 
ATOM   1228 O O   . THR A 1 165 ? -16.146 7.877   3.265   1.00 35.29  ? 179 THR A O   1 
ATOM   1229 C CB  . THR A 1 165 ? -17.676 8.870   0.868   1.00 37.50  ? 179 THR A CB  1 
ATOM   1230 O OG1 . THR A 1 165 ? -18.073 8.775   -0.503  1.00 39.15  ? 179 THR A OG1 1 
ATOM   1231 C CG2 . THR A 1 165 ? -18.001 10.244  1.403   1.00 36.76  ? 179 THR A CG2 1 
ATOM   1232 N N   . ASN A 1 166 ? -14.855 9.635   2.751   1.00 33.01  ? 180 ASN A N   1 
ATOM   1233 C CA  . ASN A 1 166 ? -14.379 9.794   4.124   1.00 32.73  ? 180 ASN A CA  1 
ATOM   1234 C C   . ASN A 1 166 ? -15.471 10.452  4.993   1.00 33.40  ? 180 ASN A C   1 
ATOM   1235 O O   . ASN A 1 166 ? -15.820 11.599  4.719   1.00 32.40  ? 180 ASN A O   1 
ATOM   1236 C CB  . ASN A 1 166 ? -13.134 10.686  4.077   1.00 35.83  ? 180 ASN A CB  1 
ATOM   1237 C CG  . ASN A 1 166 ? -12.494 10.903  5.421   1.00 37.16  ? 180 ASN A CG  1 
ATOM   1238 O OD1 . ASN A 1 166 ? -13.008 10.523  6.462   1.00 38.46  ? 180 ASN A OD1 1 
ATOM   1239 N ND2 . ASN A 1 166 ? -11.316 11.536  5.389   1.00 37.82  ? 180 ASN A ND2 1 
ATOM   1240 N N   . PRO A 1 167 ? -15.965 9.773   6.052   1.00 34.32  ? 181 PRO A N   1 
ATOM   1241 C CA  . PRO A 1 167 ? -17.061 10.346  6.898   1.00 35.73  ? 181 PRO A CA  1 
ATOM   1242 C C   . PRO A 1 167 ? -16.680 11.595  7.711   1.00 36.21  ? 181 PRO A C   1 
ATOM   1243 O O   . PRO A 1 167 ? -17.554 12.351  8.118   1.00 38.11  ? 181 PRO A O   1 
ATOM   1244 C CB  . PRO A 1 167 ? -17.466 9.169   7.832   1.00 34.31  ? 181 PRO A CB  1 
ATOM   1245 C CG  . PRO A 1 167 ? -16.303 8.252   7.811   1.00 39.00  ? 181 PRO A CG  1 
ATOM   1246 C CD  . PRO A 1 167 ? -15.657 8.383   6.448   1.00 36.87  ? 181 PRO A CD  1 
ATOM   1247 N N   . GLU A 1 168 ? -15.388 11.832  7.872   1.00 37.78  ? 182 GLU A N   1 
ATOM   1248 C CA  . GLU A 1 168 ? -14.858 13.039  8.497   1.00 43.98  ? 182 GLU A CA  1 
ATOM   1249 C C   . GLU A 1 168 ? -15.199 14.332  7.736   1.00 42.75  ? 182 GLU A C   1 
ATOM   1250 O O   . GLU A 1 168 ? -15.619 15.311  8.375   1.00 40.28  ? 182 GLU A O   1 
ATOM   1251 C CB  . GLU A 1 168 ? -13.329 12.965  8.597   1.00 48.18  ? 182 GLU A CB  1 
ATOM   1252 C CG  . GLU A 1 168 ? -12.797 11.879  9.522   1.00 55.09  ? 182 GLU A CG  1 
ATOM   1253 C CD  . GLU A 1 168 ? -13.124 12.119  10.978  1.00 59.85  ? 182 GLU A CD  1 
ATOM   1254 O OE1 . GLU A 1 168 ? -12.879 13.259  11.500  1.00 62.11  ? 182 GLU A OE1 1 
ATOM   1255 O OE2 . GLU A 1 168 ? -13.607 11.153  11.604  1.00 65.38  ? 182 GLU A OE2 1 
ATOM   1256 N N   . ASP A 1 169 ? -15.017 14.320  6.405   1.00 40.02  ? 183 ASP A N   1 
ATOM   1257 C CA  . ASP A 1 169 ? -15.205 15.491  5.541   1.00 38.40  ? 183 ASP A CA  1 
ATOM   1258 C C   . ASP A 1 169 ? -16.050 15.334  4.258   1.00 36.46  ? 183 ASP A C   1 
ATOM   1259 O O   . ASP A 1 169 ? -16.237 16.304  3.511   1.00 35.35  ? 183 ASP A O   1 
ATOM   1260 C CB  . ASP A 1 169 ? -13.856 16.089  5.182   1.00 35.36  ? 183 ASP A CB  1 
ATOM   1261 C CG  . ASP A 1 169 ? -12.979 15.135  4.373   1.00 44.40  ? 183 ASP A CG  1 
ATOM   1262 O OD1 . ASP A 1 169 ? -13.476 14.088  3.891   1.00 42.40  ? 183 ASP A OD1 1 
ATOM   1263 O OD2 . ASP A 1 169 ? -11.790 15.456  4.208   1.00 47.87  ? 183 ASP A OD2 1 
ATOM   1264 N N   . GLY A 1 170 ? -16.591 14.149  4.003   1.00 36.39  ? 184 GLY A N   1 
ATOM   1265 C CA  . GLY A 1 170 ? -17.386 13.899  2.781   1.00 35.14  ? 184 GLY A CA  1 
ATOM   1266 C C   . GLY A 1 170 ? -16.672 13.834  1.438   1.00 35.55  ? 184 GLY A C   1 
ATOM   1267 O O   . GLY A 1 170 ? -17.338 13.782  0.365   1.00 34.29  ? 184 GLY A O   1 
ATOM   1268 N N   . VAL A 1 171 ? -15.337 13.812  1.467   1.00 34.24  ? 185 VAL A N   1 
ATOM   1269 C CA  . VAL A 1 171 ? -14.527 13.736  0.251   1.00 37.50  ? 185 VAL A CA  1 
ATOM   1270 C C   . VAL A 1 171 ? -14.504 12.297  -0.261  1.00 40.59  ? 185 VAL A C   1 
ATOM   1271 O O   . VAL A 1 171 ? -14.286 11.359  0.527   1.00 33.68  ? 185 VAL A O   1 
ATOM   1272 C CB  . VAL A 1 171 ? -13.083 14.228  0.496   1.00 40.37  ? 185 VAL A CB  1 
ATOM   1273 C CG1 . VAL A 1 171 ? -12.241 14.096  -0.776  1.00 42.87  ? 185 VAL A CG1 1 
ATOM   1274 C CG2 . VAL A 1 171 ? -13.101 15.692  0.966   1.00 43.45  ? 185 VAL A CG2 1 
ATOM   1275 N N   . THR A 1 172 ? -14.701 12.161  -1.571  1.00 36.06  ? 186 THR A N   1 
ATOM   1276 C CA  . THR A 1 172 ? -14.702 10.875  -2.244  1.00 40.28  ? 186 THR A CA  1 
ATOM   1277 C C   . THR A 1 172 ? -13.398 10.632  -3.012  1.00 38.81  ? 186 THR A C   1 
ATOM   1278 O O   . THR A 1 172 ? -12.917 11.500  -3.726  1.00 39.85  ? 186 THR A O   1 
ATOM   1279 C CB  . THR A 1 172 ? -15.907 10.757  -3.193  1.00 41.08  ? 186 THR A CB  1 
ATOM   1280 O OG1 . THR A 1 172 ? -17.121 10.904  -2.444  1.00 38.83  ? 186 THR A OG1 1 
ATOM   1281 C CG2 . THR A 1 172 ? -15.940 9.378   -3.887  1.00 43.66  ? 186 THR A CG2 1 
ATOM   1282 N N   . TYR A 1 173 ? -12.846 9.429   -2.855  1.00 36.69  ? 187 TYR A N   1 
ATOM   1283 C CA  . TYR A 1 173 ? -11.674 8.974   -3.593  1.00 36.40  ? 187 TYR A CA  1 
ATOM   1284 C C   . TYR A 1 173 ? -12.049 7.755   -4.460  1.00 38.44  ? 187 TYR A C   1 
ATOM   1285 O O   . TYR A 1 173 ? -12.923 6.939   -4.086  1.00 35.92  ? 187 TYR A O   1 
ATOM   1286 C CB  . TYR A 1 173 ? -10.574 8.577   -2.620  1.00 36.36  ? 187 TYR A CB  1 
ATOM   1287 C CG  . TYR A 1 173 ? -10.130 9.676   -1.679  1.00 36.17  ? 187 TYR A CG  1 
ATOM   1288 C CD1 . TYR A 1 173 ? -10.779 9.869   -0.450  1.00 38.65  ? 187 TYR A CD1 1 
ATOM   1289 C CD2 . TYR A 1 173 ? -9.087  10.521  -2.011  1.00 35.59  ? 187 TYR A CD2 1 
ATOM   1290 C CE1 . TYR A 1 173 ? -10.379 10.855  0.439   1.00 39.36  ? 187 TYR A CE1 1 
ATOM   1291 C CE2 . TYR A 1 173 ? -8.680  11.530  -1.142  1.00 36.84  ? 187 TYR A CE2 1 
ATOM   1292 C CZ  . TYR A 1 173 ? -9.335  11.696  0.089   1.00 38.44  ? 187 TYR A CZ  1 
ATOM   1293 O OH  . TYR A 1 173 ? -8.957  12.673  0.984   1.00 37.14  ? 187 TYR A OH  1 
ATOM   1294 N N   . GLN A 1 174 ? -11.404 7.659   -5.621  1.00 36.45  ? 188 GLN A N   1 
ATOM   1295 C CA  . GLN A 1 174 ? -11.550 6.530   -6.539  1.00 38.43  ? 188 GLN A CA  1 
ATOM   1296 C C   . GLN A 1 174 ? -10.285 5.677   -6.465  1.00 34.85  ? 188 GLN A C   1 
ATOM   1297 O O   . GLN A 1 174 ? -9.198  6.201   -6.600  1.00 34.57  ? 188 GLN A O   1 
ATOM   1298 C CB  . GLN A 1 174 ? -11.789 7.008   -7.977  1.00 42.54  ? 188 GLN A CB  1 
ATOM   1299 C CG  . GLN A 1 174 ? -13.182 7.587   -8.205  1.00 47.65  ? 188 GLN A CG  1 
ATOM   1300 C CD  . GLN A 1 174 ? -13.506 7.817   -9.689  1.00 56.05  ? 188 GLN A CD  1 
ATOM   1301 O OE1 . GLN A 1 174 ? -12.619 7.848   -10.566 1.00 54.65  ? 188 GLN A OE1 1 
ATOM   1302 N NE2 . GLN A 1 174 ? -14.792 7.971   -9.971  1.00 59.15  ? 188 GLN A NE2 1 
ATOM   1303 N N   . ILE A 1 175 ? -10.453 4.367   -6.254  1.00 30.87  ? 189 ILE A N   1 
ATOM   1304 C CA  . ILE A 1 175 ? -9.335  3.451   -6.106  1.00 32.43  ? 189 ILE A CA  1 
ATOM   1305 C C   . ILE A 1 175 ? -9.504  2.374   -7.180  1.00 33.95  ? 189 ILE A C   1 
ATOM   1306 O O   . ILE A 1 175 ? -10.604 1.780   -7.267  1.00 32.19  ? 189 ILE A O   1 
ATOM   1307 C CB  . ILE A 1 175 ? -9.310  2.800   -4.698  1.00 31.50  ? 189 ILE A CB  1 
ATOM   1308 C CG1 . ILE A 1 175 ? -9.470  3.879   -3.606  1.00 33.56  ? 189 ILE A CG1 1 
ATOM   1309 C CG2 . ILE A 1 175 ? -8.004  2.042   -4.483  1.00 30.72  ? 189 ILE A CG2 1 
ATOM   1310 C CD1 . ILE A 1 175 ? -9.496  3.306   -2.195  1.00 32.26  ? 189 ILE A CD1 1 
ATOM   1311 N N   . LYS A 1 176 ? -8.461  2.128   -7.982  1.00 34.80  ? 190 LYS A N   1 
ATOM   1312 C CA  . LYS A 1 176 ? -8.591  1.159   -9.071  1.00 34.78  ? 190 LYS A CA  1 
ATOM   1313 C C   . LYS A 1 176 ? -7.301  0.411   -9.407  1.00 32.68  ? 190 LYS A C   1 
ATOM   1314 O O   . LYS A 1 176 ? -6.255  0.638   -8.803  1.00 28.98  ? 190 LYS A O   1 
ATOM   1315 C CB  . LYS A 1 176 ? -9.156  1.866   -10.310 1.00 40.18  ? 190 LYS A CB  1 
ATOM   1316 C CG  . LYS A 1 176 ? -8.180  2.792   -10.982 1.00 43.96  ? 190 LYS A CG  1 
ATOM   1317 C CD  . LYS A 1 176 ? -8.876  3.793   -11.910 1.00 50.16  ? 190 LYS A CD  1 
ATOM   1318 C CE  . LYS A 1 176 ? -7.815  4.603   -12.645 1.00 57.27  ? 190 LYS A CE  1 
ATOM   1319 N NZ  . LYS A 1 176 ? -8.361  5.637   -13.574 1.00 62.90  ? 190 LYS A NZ  1 
ATOM   1320 N N   . GLY A 1 177 ? -7.384  -0.535  -10.350 1.00 32.71  ? 191 GLY A N   1 
ATOM   1321 C CA  . GLY A 1 177 ? -6.166  -1.156  -10.883 1.00 29.95  ? 191 GLY A CA  1 
ATOM   1322 C C   . GLY A 1 177 ? -5.394  -1.975  -9.863  1.00 27.86  ? 191 GLY A C   1 
ATOM   1323 O O   . GLY A 1 177 ? -6.010  -2.631  -8.990  1.00 27.26  ? 191 GLY A O   1 
ATOM   1324 N N   . MET A 1 178 ? -4.059  -2.005  -9.997  1.00 25.70  ? 192 MET A N   1 
ATOM   1325 C CA  . MET A 1 178 ? -3.218  -2.850  -9.105  1.00 28.40  ? 192 MET A CA  1 
ATOM   1326 C C   . MET A 1 178 ? -3.455  -2.467  -7.643  1.00 26.07  ? 192 MET A C   1 
ATOM   1327 O O   . MET A 1 178 ? -3.483  -3.325  -6.759  1.00 24.74  ? 192 MET A O   1 
ATOM   1328 C CB  . MET A 1 178 ? -1.738  -2.647  -9.428  1.00 29.69  ? 192 MET A CB  1 
ATOM   1329 C CG  . MET A 1 178 ? -0.724  -3.528  -8.709  1.00 31.11  ? 192 MET A CG  1 
ATOM   1330 S SD  . MET A 1 178 ? 0.996   -2.925  -8.901  1.00 35.40  ? 192 MET A SD  1 
ATOM   1331 C CE  . MET A 1 178 ? 0.962   -1.441  -7.856  1.00 38.90  ? 192 MET A CE  1 
ATOM   1332 N N   . THR A 1 179 ? -3.588  -1.165  -7.412  1.00 25.41  ? 193 THR A N   1 
ATOM   1333 C CA  . THR A 1 179 ? -3.788  -0.662  -6.030  1.00 25.70  ? 193 THR A CA  1 
ATOM   1334 C C   . THR A 1 179 ? -5.040  -1.292  -5.401  1.00 26.27  ? 193 THR A C   1 
ATOM   1335 O O   . THR A 1 179 ? -5.002  -1.773  -4.267  1.00 25.50  ? 193 THR A O   1 
ATOM   1336 C CB  . THR A 1 179 ? -3.889  0.873   -6.072  1.00 26.12  ? 193 THR A CB  1 
ATOM   1337 O OG1 . THR A 1 179 ? -2.699  1.381   -6.701  1.00 26.05  ? 193 THR A OG1 1 
ATOM   1338 C CG2 . THR A 1 179 ? -3.990  1.440   -4.638  1.00 25.57  ? 193 THR A CG2 1 
ATOM   1339 N N   . ALA A 1 180 ? -6.157  -1.243  -6.119  1.00 26.08  ? 194 ALA A N   1 
ATOM   1340 C CA  . ALA A 1 180 ? -7.414  -1.883  -5.635  1.00 24.69  ? 194 ALA A CA  1 
ATOM   1341 C C   . ALA A 1 180 ? -7.266  -3.374  -5.460  1.00 24.77  ? 194 ALA A C   1 
ATOM   1342 O O   . ALA A 1 180 ? -7.775  -3.941  -4.477  1.00 25.26  ? 194 ALA A O   1 
ATOM   1343 C CB  . ALA A 1 180 ? -8.599  -1.585  -6.534  1.00 27.83  ? 194 ALA A CB  1 
ATOM   1344 N N   . ASN A 1 181 ? -6.605  -4.036  -6.416  1.00 23.73  ? 195 ASN A N   1 
ATOM   1345 C CA  . ASN A 1 181 ? -6.379  -5.487  -6.314  1.00 24.80  ? 195 ASN A CA  1 
ATOM   1346 C C   . ASN A 1 181 ? -5.593  -5.863  -5.058  1.00 21.93  ? 195 ASN A C   1 
ATOM   1347 O O   . ASN A 1 181 ? -5.979  -6.822  -4.364  1.00 24.17  ? 195 ASN A O   1 
ATOM   1348 C CB  . ASN A 1 181 ? -5.763  -6.060  -7.611  1.00 26.97  ? 195 ASN A CB  1 
ATOM   1349 C CG  . ASN A 1 181 ? -6.818  -6.225  -8.692  1.00 32.38  ? 195 ASN A CG  1 
ATOM   1350 O OD1 . ASN A 1 181 ? -7.311  -7.345  -8.921  1.00 47.34  ? 195 ASN A OD1 1 
ATOM   1351 N ND2 . ASN A 1 181 ? -7.248  -5.154  -9.281  1.00 33.94  ? 195 ASN A ND2 1 
ATOM   1352 N N   . LEU A 1 182 ? -4.522  -5.123  -4.754  1.00 22.14  ? 196 LEU A N   1 
ATOM   1353 C CA  . LEU A 1 182 ? -3.708  -5.405  -3.569  1.00 22.79  ? 196 LEU A CA  1 
ATOM   1354 C C   . LEU A 1 182 ? -4.450  -5.126  -2.249  1.00 21.28  ? 196 LEU A C   1 
ATOM   1355 O O   . LEU A 1 182 ? -4.273  -5.857  -1.241  1.00 22.80  ? 196 LEU A O   1 
ATOM   1356 C CB  . LEU A 1 182 ? -2.364  -4.661  -3.609  1.00 24.17  ? 196 LEU A CB  1 
ATOM   1357 C CG  . LEU A 1 182 ? -1.352  -5.104  -4.679  1.00 23.92  ? 196 LEU A CG  1 
ATOM   1358 C CD1 . LEU A 1 182 ? -0.208  -4.099  -4.777  1.00 27.28  ? 196 LEU A CD1 1 
ATOM   1359 C CD2 . LEU A 1 182 ? -0.817  -6.482  -4.365  1.00 26.36  ? 196 LEU A CD2 1 
ATOM   1360 N N   . ALA A 1 183 ? -5.287  -4.080  -2.244  1.00 24.32  ? 197 ALA A N   1 
ATOM   1361 C CA  . ALA A 1 183 ? -6.097  -3.781  -1.041  1.00 25.91  ? 197 ALA A CA  1 
ATOM   1362 C C   . ALA A 1 183 ? -7.042  -4.934  -0.709  1.00 23.42  ? 197 ALA A C   1 
ATOM   1363 O O   . ALA A 1 183 ? -7.168  -5.335  0.453   1.00 24.18  ? 197 ALA A O   1 
ATOM   1364 C CB  . ALA A 1 183 ? -6.846  -2.467  -1.217  1.00 26.35  ? 197 ALA A CB  1 
ATOM   1365 N N   . VAL A 1 184 ? -7.699  -5.493  -1.739  1.00 24.74  ? 198 VAL A N   1 
ATOM   1366 C CA  . VAL A 1 184 ? -8.628  -6.617  -1.529  1.00 24.84  ? 198 VAL A CA  1 
ATOM   1367 C C   . VAL A 1 184 ? -7.876  -7.827  -1.004  1.00 23.70  ? 198 VAL A C   1 
ATOM   1368 O O   . VAL A 1 184 ? -8.317  -8.494  -0.057  1.00 22.55  ? 198 VAL A O   1 
ATOM   1369 C CB  . VAL A 1 184 ? -9.422  -6.946  -2.824  1.00 26.85  ? 198 VAL A CB  1 
ATOM   1370 C CG1 . VAL A 1 184 ? -10.169 -8.288  -2.660  1.00 28.61  ? 198 VAL A CG1 1 
ATOM   1371 C CG2 . VAL A 1 184 ? -10.367 -5.832  -3.159  1.00 29.75  ? 198 VAL A CG2 1 
ATOM   1372 N N   . LEU A 1 185 ? -6.714  -8.122  -1.594  1.00 23.96  ? 199 LEU A N   1 
ATOM   1373 C CA  . LEU A 1 185 ? -5.899  -9.220  -1.117  1.00 23.33  ? 199 LEU A CA  1 
ATOM   1374 C C   . LEU A 1 185 ? -5.523  -9.144  0.372   1.00 24.26  ? 199 LEU A C   1 
ATOM   1375 O O   . LEU A 1 185 ? -5.654  -10.119 1.094   1.00 23.05  ? 199 LEU A O   1 
ATOM   1376 C CB  . LEU A 1 185 ? -4.624  -9.353  -1.974  1.00 24.68  ? 199 LEU A CB  1 
ATOM   1377 C CG  . LEU A 1 185 ? -3.571  -10.389 -1.553  1.00 26.84  ? 199 LEU A CG  1 
ATOM   1378 C CD1 . LEU A 1 185 ? -4.122  -11.798 -1.646  1.00 26.58  ? 199 LEU A CD1 1 
ATOM   1379 C CD2 . LEU A 1 185 ? -2.319  -10.250 -2.406  1.00 29.45  ? 199 LEU A CD2 1 
ATOM   1380 N N   . VAL A 1 186 ? -5.008  -7.983  0.805   1.00 22.80  ? 200 VAL A N   1 
ATOM   1381 C CA  . VAL A 1 186 ? -4.622  -7.785  2.193   1.00 23.33  ? 200 VAL A CA  1 
ATOM   1382 C C   . VAL A 1 186 ? -5.865  -7.953  3.113   1.00 21.33  ? 200 VAL A C   1 
ATOM   1383 O O   . VAL A 1 186 ? -5.781  -8.629  4.124   1.00 24.44  ? 200 VAL A O   1 
ATOM   1384 C CB  . VAL A 1 186 ? -3.917  -6.409  2.376   1.00 24.76  ? 200 VAL A CB  1 
ATOM   1385 C CG1 . VAL A 1 186 ? -3.695  -6.114  3.847   1.00 27.61  ? 200 VAL A CG1 1 
ATOM   1386 C CG2 . VAL A 1 186 ? -2.575  -6.500  1.727   1.00 27.62  ? 200 VAL A CG2 1 
ATOM   1387 N N   . ALA A 1 187 ? -7.012  -7.383  2.720   1.00 23.27  ? 201 ALA A N   1 
ATOM   1388 C CA  . ALA A 1 187 ? -8.243  -7.542  3.501   1.00 26.26  ? 201 ALA A CA  1 
ATOM   1389 C C   . ALA A 1 187 ? -8.634  -9.040  3.642   1.00 24.73  ? 201 ALA A C   1 
ATOM   1390 O O   . ALA A 1 187 ? -8.977  -9.524  4.748   1.00 24.85  ? 201 ALA A O   1 
ATOM   1391 C CB  . ALA A 1 187 ? -9.376  -6.710  2.888   1.00 26.68  ? 201 ALA A CB  1 
ATOM   1392 N N   . PHE A 1 188 ? -8.645  -9.784  2.525   1.00 24.45  ? 202 PHE A N   1 
ATOM   1393 C CA  . PHE A 1 188 ? -8.890  -11.232 2.612   1.00 25.17  ? 202 PHE A CA  1 
ATOM   1394 C C   . PHE A 1 188 ? -7.932  -11.944 3.569   1.00 24.33  ? 202 PHE A C   1 
ATOM   1395 O O   . PHE A 1 188 ? -8.354  -12.725 4.434   1.00 23.11  ? 202 PHE A O   1 
ATOM   1396 C CB  . PHE A 1 188 ? -8.846  -11.912 1.218   1.00 25.61  ? 202 PHE A CB  1 
ATOM   1397 C CG  . PHE A 1 188 ? -9.984  -11.602 0.281   1.00 28.08  ? 202 PHE A CG  1 
ATOM   1398 C CD1 . PHE A 1 188 ? -11.182 -11.020 0.672   1.00 29.90  ? 202 PHE A CD1 1 
ATOM   1399 C CD2 . PHE A 1 188 ? -9.859  -12.015 -1.065  1.00 30.80  ? 202 PHE A CD2 1 
ATOM   1400 C CE1 . PHE A 1 188 ? -12.207 -10.794 -0.251  1.00 32.50  ? 202 PHE A CE1 1 
ATOM   1401 C CE2 . PHE A 1 188 ? -10.892 -11.796 -1.979  1.00 31.32  ? 202 PHE A CE2 1 
ATOM   1402 C CZ  . PHE A 1 188 ? -12.067 -11.175 -1.566  1.00 30.76  ? 202 PHE A CZ  1 
ATOM   1403 N N   . ILE A 1 189 ? -6.616  -11.695 3.448   1.00 22.99  ? 203 ILE A N   1 
ATOM   1404 C CA  . ILE A 1 189 ? -5.652  -12.383 4.280   1.00 22.89  ? 203 ILE A CA  1 
ATOM   1405 C C   . ILE A 1 189 ? -5.887  -12.157 5.768   1.00 22.26  ? 203 ILE A C   1 
ATOM   1406 O O   . ILE A 1 189 ? -5.806  -13.090 6.550   1.00 22.14  ? 203 ILE A O   1 
ATOM   1407 C CB  . ILE A 1 189 ? -4.208  -11.938 3.928   1.00 23.58  ? 203 ILE A CB  1 
ATOM   1408 C CG1 . ILE A 1 189 ? -3.854  -12.528 2.545   1.00 27.09  ? 203 ILE A CG1 1 
ATOM   1409 C CG2 . ILE A 1 189 ? -3.202  -12.409 4.969   1.00 23.64  ? 203 ILE A CG2 1 
ATOM   1410 C CD1 . ILE A 1 189 ? -2.559  -11.966 1.980   1.00 27.35  ? 203 ILE A CD1 1 
ATOM   1411 N N   . ILE A 1 190 ? -6.206  -10.917 6.129   1.00 23.24  ? 204 ILE A N   1 
ATOM   1412 C CA  . ILE A 1 190 ? -6.268  -10.515 7.547   1.00 23.74  ? 204 ILE A CA  1 
ATOM   1413 C C   . ILE A 1 190 ? -7.657  -10.754 8.205   1.00 24.04  ? 204 ILE A C   1 
ATOM   1414 O O   . ILE A 1 190 ? -7.720  -11.121 9.382   1.00 26.41  ? 204 ILE A O   1 
ATOM   1415 C CB  . ILE A 1 190 ? -5.802  -9.022  7.693   1.00 25.61  ? 204 ILE A CB  1 
ATOM   1416 C CG1 . ILE A 1 190 ? -4.295  -8.910  7.349   1.00 26.12  ? 204 ILE A CG1 1 
ATOM   1417 C CG2 . ILE A 1 190 ? -6.111  -8.504  9.107   1.00 26.58  ? 204 ILE A CG2 1 
ATOM   1418 C CD1 . ILE A 1 190 ? -3.798  -7.490  7.300   1.00 29.32  ? 204 ILE A CD1 1 
ATOM   1419 N N   . LEU A 1 191 ? -8.717  -10.591 7.438   1.00 24.17  ? 205 LEU A N   1 
ATOM   1420 C CA  . LEU A 1 191 ? -10.091 -10.552 7.971   1.00 25.43  ? 205 LEU A CA  1 
ATOM   1421 C C   . LEU A 1 191 ? -10.921 -11.834 7.703   1.00 28.62  ? 205 LEU A C   1 
ATOM   1422 O O   . LEU A 1 191 ? -11.974 -12.038 8.342   1.00 30.47  ? 205 LEU A O   1 
ATOM   1423 C CB  . LEU A 1 191 ? -10.778 -9.321  7.447   1.00 25.17  ? 205 LEU A CB  1 
ATOM   1424 C CG  . LEU A 1 191 ? -10.095 -7.992  7.875   1.00 26.53  ? 205 LEU A CG  1 
ATOM   1425 C CD1 . LEU A 1 191 ? -10.864 -6.824  7.291   1.00 26.36  ? 205 LEU A CD1 1 
ATOM   1426 C CD2 . LEU A 1 191 ? -10.020 -7.852  9.385   1.00 29.94  ? 205 LEU A CD2 1 
ATOM   1427 N N   . GLU A 1 192 ? -10.500 -12.666 6.740   1.00 28.67  ? 206 GLU A N   1 
ATOM   1428 C CA  . GLU A 1 192 ? -11.321 -13.877 6.441   1.00 32.81  ? 206 GLU A CA  1 
ATOM   1429 C C   . GLU A 1 192 ? -11.420 -14.773 7.685   1.00 31.24  ? 206 GLU A C   1 
ATOM   1430 O O   . GLU A 1 192 ? -10.484 -14.883 8.487   1.00 31.14  ? 206 GLU A O   1 
ATOM   1431 C CB  . GLU A 1 192 ? -10.742 -14.699 5.281   1.00 36.01  ? 206 GLU A CB  1 
ATOM   1432 C CG  . GLU A 1 192 ? -9.518  -15.498 5.682   1.00 39.11  ? 206 GLU A CG  1 
ATOM   1433 C CD  . GLU A 1 192 ? -8.968  -16.418 4.585   1.00 47.02  ? 206 GLU A CD  1 
ATOM   1434 O OE1 . GLU A 1 192 ? -9.690  -16.679 3.589   1.00 47.15  ? 206 GLU A OE1 1 
ATOM   1435 O OE2 . GLU A 1 192 ? -7.804  -16.884 4.752   1.00 48.30  ? 206 GLU A OE2 1 
ATOM   1436 N N   . LYS A 1 193 ? -12.575 -15.420 7.840   1.00 36.73  ? 207 LYS A N   1 
ATOM   1437 C CA  . LYS A 1 193 ? -12.796 -16.410 8.902   1.00 42.21  ? 207 LYS A CA  1 
ATOM   1438 C C   . LYS A 1 193 ? -12.379 -15.967 10.291  1.00 43.27  ? 207 LYS A C   1 
ATOM   1439 O O   . LYS A 1 193 ? -11.473 -16.547 10.856  1.00 45.23  ? 207 LYS A O   1 
ATOM   1440 C CB  . LYS A 1 193 ? -12.095 -17.719 8.550   1.00 49.88  ? 207 LYS A CB  1 
ATOM   1441 C CG  . LYS A 1 193 ? -12.567 -18.338 7.238   1.00 56.13  ? 207 LYS A CG  1 
ATOM   1442 C CD  . LYS A 1 193 ? -11.804 -19.642 6.996   1.00 67.31  ? 207 LYS A CD  1 
ATOM   1443 C CE  . LYS A 1 193 ? -11.467 -19.883 5.527   1.00 72.89  ? 207 LYS A CE  1 
ATOM   1444 N NZ  . LYS A 1 193 ? -10.286 -20.793 5.403   1.00 76.73  ? 207 LYS A NZ  1 
ATOM   1445 N N   . LYS A 1 194 ? -13.047 -14.939 10.824  1.00 45.28  ? 208 LYS A N   1 
ATOM   1446 C CA  . LYS A 1 194 ? -12.750 -14.367 12.166  1.00 55.61  ? 208 LYS A CA  1 
ATOM   1447 C C   . LYS A 1 194 ? -13.997 -14.382 13.047  1.00 53.87  ? 208 LYS A C   1 
ATOM   1448 O O   . LYS A 1 194 ? -15.050 -13.902 12.607  1.00 46.04  ? 208 LYS A O   1 
ATOM   1449 C CB  . LYS A 1 194 ? -12.308 -12.905 12.049  1.00 62.04  ? 208 LYS A CB  1 
ATOM   1450 C CG  . LYS A 1 194 ? -10.989 -12.690 11.323  1.00 71.06  ? 208 LYS A CG  1 
ATOM   1451 C CD  . LYS A 1 194 ? -9.796  -12.669 12.265  1.00 74.90  ? 208 LYS A CD  1 
ATOM   1452 C CE  . LYS A 1 194 ? -9.626  -11.293 12.881  1.00 74.57  ? 208 LYS A CE  1 
ATOM   1453 N NZ  . LYS A 1 194 ? -8.469  -11.216 13.802  1.00 76.28  ? 208 LYS A NZ  1 
ATOM   1454 N N   . PRO A 1 195 ? -13.884 -14.898 14.298  1.00 61.88  ? 209 PRO A N   1 
ATOM   1455 C CA  . PRO A 1 195 ? -14.980 -14.702 15.286  1.00 67.11  ? 209 PRO A CA  1 
ATOM   1456 C C   . PRO A 1 195 ? -15.262 -13.197 15.558  1.00 70.98  ? 209 PRO A C   1 
ATOM   1457 O O   . PRO A 1 195 ? -14.336 -12.387 15.441  1.00 75.45  ? 209 PRO A O   1 
ATOM   1458 C CB  . PRO A 1 195 ? -14.451 -15.411 16.550  1.00 67.64  ? 209 PRO A CB  1 
ATOM   1459 C CG  . PRO A 1 195 ? -13.381 -16.354 16.076  1.00 67.42  ? 209 PRO A CG  1 
ATOM   1460 C CD  . PRO A 1 195 ? -12.794 -15.745 14.832  1.00 64.67  ? 209 PRO A CD  1 
ATOM   1461 N N   . THR A 1 196 ? -16.505 -12.821 15.896  1.00 71.05  ? 210 THR A N   1 
ATOM   1462 C CA  . THR A 1 196 ? -16.879 -11.386 16.054  1.00 74.78  ? 210 THR A CA  1 
ATOM   1463 C C   . THR A 1 196 ? -16.706 -10.808 17.483  1.00 74.56  ? 210 THR A C   1 
ATOM   1464 O O   . THR A 1 196 ? -16.309 -11.499 18.428  1.00 71.47  ? 210 THR A O   1 
ATOM   1465 C CB  . THR A 1 196 ? -18.324 -11.114 15.559  1.00 76.07  ? 210 THR A CB  1 
ATOM   1466 O OG1 . THR A 1 196 ? -19.246 -11.993 16.218  1.00 72.97  ? 210 THR A OG1 1 
ATOM   1467 C CG2 . THR A 1 196 ? -18.427 -11.320 14.046  1.00 77.04  ? 210 THR A CG2 1 
HETATM 1468 N N1  . H4A B 2 .   ? 0.172   3.334   -9.124  0.48 34.50  ? 301 H4A A N1  1 
HETATM 1469 C C4  . H4A B 2 .   ? 4.196   0.888   -13.249 0.48 40.45  ? 301 H4A A C4  1 
HETATM 1470 C C5  . H4A B 2 .   ? 5.424   1.521   -13.094 0.48 39.77  ? 301 H4A A C5  1 
HETATM 1471 C C6  . H4A B 2 .   ? 6.205   1.835   -14.198 0.48 41.85  ? 301 H4A A C6  1 
HETATM 1472 C C7  . H4A B 2 .   ? 5.780   1.512   -15.465 0.48 39.91  ? 301 H4A A C7  1 
HETATM 1473 C C8  . H4A B 2 .   ? 4.578   0.873   -15.636 0.48 40.58  ? 301 H4A A C8  1 
HETATM 1474 C C10 . H4A B 2 .   ? 1.867   0.896   -12.270 0.48 38.38  ? 301 H4A A C10 1 
HETATM 1475 C C13 . H4A B 2 .   ? -0.265  2.019   -9.595  0.48 38.24  ? 301 H4A A C13 1 
HETATM 1476 C C15 . H4A B 2 .   ? 1.835   2.547   -10.651 0.48 39.28  ? 301 H4A A C15 1 
HETATM 1477 O O1  . H4A B 2 .   ? 4.015   3.533   -10.911 0.48 46.11  ? 301 H4A A O1  1 
HETATM 1478 C C1  . H4A B 2 .   ? 3.317   2.448   -10.294 0.48 40.78  ? 301 H4A A C1  1 
HETATM 1479 C C2  . H4A B 2 .   ? 3.913   1.115   -10.739 0.48 41.64  ? 301 H4A A C2  1 
HETATM 1480 C C3  . H4A B 2 .   ? 3.338   0.539   -12.045 0.48 39.59  ? 301 H4A A C3  1 
HETATM 1481 C C9  . H4A B 2 .   ? 3.790   0.561   -14.537 0.48 39.02  ? 301 H4A A C9  1 
HETATM 1482 C C11 . H4A B 2 .   ? 0.869   0.367   -11.228 0.48 39.51  ? 301 H4A A C11 1 
HETATM 1483 C C12 . H4A B 2 .   ? 1.022   1.358   -10.062 0.48 38.79  ? 301 H4A A C12 1 
HETATM 1484 C C14 . H4A B 2 .   ? 1.108   3.813   -10.146 0.48 37.04  ? 301 H4A A C14 1 
HETATM 1485 N N2  . H4A B 2 .   ? 1.707   2.345   -12.110 0.48 37.90  ? 301 H4A A N2  1 
HETATM 1486 C C   . ACT C 3 .   ? -9.093  10.328  -6.776  1.00 58.73  ? 302 ACT A C   1 
HETATM 1487 O O   . ACT C 3 .   ? -8.447  10.851  -5.842  1.00 62.41  ? 302 ACT A O   1 
HETATM 1488 O OXT . ACT C 3 .   ? -10.307 10.074  -6.629  1.00 51.06  ? 302 ACT A OXT 1 
HETATM 1489 C CH3 . ACT C 3 .   ? -8.388  9.996   -8.075  1.00 58.47  ? 302 ACT A CH3 1 
HETATM 1490 C C   . ACT D 3 .   ? 10.546  -1.493  13.698  1.00 69.39  ? 303 ACT A C   1 
HETATM 1491 O O   . ACT D 3 .   ? 11.188  -0.705  12.970  1.00 71.18  ? 303 ACT A O   1 
HETATM 1492 O OXT . ACT D 3 .   ? 9.627   -1.077  14.441  1.00 71.11  ? 303 ACT A OXT 1 
HETATM 1493 C CH3 . ACT D 3 .   ? 10.890  -2.954  13.687  1.00 66.09  ? 303 ACT A CH3 1 
HETATM 1494 S S   . DMS E 4 .   ? 6.496   11.979  11.607  1.00 72.97  ? 304 DMS A S   1 
HETATM 1495 O O   . DMS E 4 .   ? 5.496   11.167  12.386  1.00 40.65  ? 304 DMS A O   1 
HETATM 1496 C C1  . DMS E 4 .   ? 8.049   11.249  11.459  1.00 63.03  ? 304 DMS A C1  1 
HETATM 1497 C C2  . DMS E 4 .   ? 6.173   12.076  9.916   1.00 65.39  ? 304 DMS A C2  1 
HETATM 1498 S S   . DMS F 4 .   ? 3.508   0.661   18.114  1.00 70.24  ? 305 DMS A S   1 
HETATM 1499 O O   . DMS F 4 .   ? 2.424   1.478   17.457  1.00 40.32  ? 305 DMS A O   1 
HETATM 1500 C C1  . DMS F 4 .   ? 3.637   0.954   19.800  1.00 61.83  ? 305 DMS A C1  1 
HETATM 1501 C C2  . DMS F 4 .   ? 3.093   -1.006  18.159  1.00 69.75  ? 305 DMS A C2  1 
HETATM 1502 O O   . HOH G 5 .   ? 14.538  -14.625 -7.916  1.00 37.55  ? 401 HOH A O   1 
HETATM 1503 O O   . HOH G 5 .   ? 7.166   14.921  4.274   1.00 48.68  ? 402 HOH A O   1 
HETATM 1504 O O   . HOH G 5 .   ? -11.990 -17.204 3.078   1.00 48.93  ? 403 HOH A O   1 
HETATM 1505 O O   . HOH G 5 .   ? 15.560  -0.536  -14.936 1.00 48.67  ? 404 HOH A O   1 
HETATM 1506 O O   . HOH G 5 .   ? 6.877   2.481   19.124  1.00 47.26  ? 405 HOH A O   1 
HETATM 1507 O O   . HOH G 5 .   ? -0.549  -6.161  20.069  1.00 52.83  ? 406 HOH A O   1 
HETATM 1508 O O   . HOH G 5 .   ? 7.431   -11.018 -17.481 1.00 28.55  ? 407 HOH A O   1 
HETATM 1509 O O   . HOH G 5 .   ? -3.202  1.347   -9.213  1.00 35.75  ? 408 HOH A O   1 
HETATM 1510 O O   . HOH G 5 .   ? 3.508   19.055  -7.094  1.00 54.93  ? 409 HOH A O   1 
HETATM 1511 O O   . HOH G 5 .   ? 15.936  0.653   -11.226 1.00 65.93  ? 410 HOH A O   1 
HETATM 1512 O O   . HOH G 5 .   ? 19.197  -11.191 -12.858 1.00 53.50  ? 411 HOH A O   1 
HETATM 1513 O O   . HOH G 5 .   ? -9.833  -1.532  -11.659 1.00 43.94  ? 412 HOH A O   1 
HETATM 1514 O O   . HOH G 5 .   ? -7.588  14.512  -2.646  1.00 62.45  ? 413 HOH A O   1 
HETATM 1515 O O   . HOH G 5 .   ? -19.916 13.425  0.430   1.00 55.54  ? 414 HOH A O   1 
HETATM 1516 O O   . HOH G 5 .   ? 15.239  -6.385  4.237   1.00 71.09  ? 415 HOH A O   1 
HETATM 1517 O O   . HOH G 5 .   ? 5.989   5.636   19.224  1.00 33.67  ? 416 HOH A O   1 
HETATM 1518 O O   . HOH G 5 .   ? -8.105  -9.602  -7.861  1.00 35.40  ? 417 HOH A O   1 
HETATM 1519 O O   . HOH G 5 .   ? -20.986 -6.328  -0.609  1.00 58.86  ? 418 HOH A O   1 
HETATM 1520 O O   . HOH G 5 .   ? -5.667  -15.866 5.889   1.00 34.67  ? 419 HOH A O   1 
HETATM 1521 O O   . HOH G 5 .   ? 8.634   9.506   -4.497  1.00 83.14  ? 420 HOH A O   1 
HETATM 1522 O O   . HOH G 5 .   ? 17.036  -6.120  -12.946 1.00 36.15  ? 421 HOH A O   1 
HETATM 1523 O O   . HOH G 5 .   ? -8.610  -4.275  -11.380 1.00 46.57  ? 422 HOH A O   1 
HETATM 1524 O O   . HOH G 5 .   ? -7.834  -9.440  15.671  1.00 57.95  ? 423 HOH A O   1 
HETATM 1525 O O   . HOH G 5 .   ? -0.827  2.665   -12.854 1.00 68.83  ? 424 HOH A O   1 
HETATM 1526 O O   . HOH G 5 .   ? 7.109   7.017   -7.154  1.00 41.32  ? 425 HOH A O   1 
HETATM 1527 O O   . HOH G 5 .   ? 2.807   8.082   -4.058  1.00 38.95  ? 426 HOH A O   1 
HETATM 1528 O O   . HOH G 5 .   ? 13.711  5.805   -7.098  1.00 46.82  ? 427 HOH A O   1 
HETATM 1529 O O   . HOH G 5 .   ? 2.314   -17.214 10.893  1.00 46.59  ? 428 HOH A O   1 
HETATM 1530 O O   . HOH G 5 .   ? 11.859  -3.403  -6.436  1.00 27.97  ? 429 HOH A O   1 
HETATM 1531 O O   . HOH G 5 .   ? 0.996   18.439  -5.031  1.00 46.01  ? 430 HOH A O   1 
HETATM 1532 O O   . HOH G 5 .   ? -6.304  -6.587  20.106  1.00 45.10  ? 431 HOH A O   1 
HETATM 1533 O O   . HOH G 5 .   ? -17.478 -9.921  0.987   1.00 66.05  ? 432 HOH A O   1 
HETATM 1534 O O   . HOH G 5 .   ? 7.669   -11.341 9.765   1.00 49.90  ? 433 HOH A O   1 
HETATM 1535 O O   . HOH G 5 .   ? -11.792 -4.094  -13.079 1.00 59.41  ? 434 HOH A O   1 
HETATM 1536 O O   . HOH G 5 .   ? 18.672  7.584   -3.442  1.00 39.65  ? 435 HOH A O   1 
HETATM 1537 O O   . HOH G 5 .   ? -5.977  3.818   -8.104  1.00 30.64  ? 436 HOH A O   1 
HETATM 1538 O O   . HOH G 5 .   ? 17.731  2.627   0.359   1.00 32.22  ? 437 HOH A O   1 
HETATM 1539 O O   . HOH G 5 .   ? -15.182 -11.322 11.730  1.00 40.82  ? 438 HOH A O   1 
HETATM 1540 O O   . HOH G 5 .   ? -10.319 13.259  3.274   1.00 51.90  ? 439 HOH A O   1 
HETATM 1541 O O   . HOH G 5 .   ? -6.228  -8.346  13.166  1.00 43.79  ? 440 HOH A O   1 
HETATM 1542 O O   . HOH G 5 .   ? -10.193 6.665   -10.978 1.00 69.61  ? 441 HOH A O   1 
HETATM 1543 O O   . HOH G 5 .   ? 0.718   17.881  -0.574  1.00 34.07  ? 442 HOH A O   1 
HETATM 1544 O O   . HOH G 5 .   ? 2.331   -12.538 15.450  1.00 43.08  ? 443 HOH A O   1 
HETATM 1545 O O   . HOH G 5 .   ? 9.847   -11.032 2.912   1.00 54.76  ? 444 HOH A O   1 
HETATM 1546 O O   . HOH G 5 .   ? 10.009  12.648  8.613   1.00 47.81  ? 445 HOH A O   1 
HETATM 1547 O O   . HOH G 5 .   ? 14.107  -18.366 -6.475  1.00 40.31  ? 446 HOH A O   1 
HETATM 1548 O O   . HOH G 5 .   ? -1.045  10.517  9.159   1.00 55.13  ? 447 HOH A O   1 
HETATM 1549 O O   . HOH G 5 .   ? 19.958  -1.611  -5.605  1.00 36.37  ? 448 HOH A O   1 
HETATM 1550 O O   . HOH G 5 .   ? -15.588 4.527   6.606   1.00 41.71  ? 449 HOH A O   1 
HETATM 1551 O O   . HOH G 5 .   ? 10.300  6.134   -8.977  1.00 39.60  ? 450 HOH A O   1 
HETATM 1552 O O   . HOH G 5 .   ? 10.192  -23.153 -4.100  1.00 57.85  ? 451 HOH A O   1 
HETATM 1553 O O   . HOH G 5 .   ? 11.797  -9.111  -3.756  1.00 56.40  ? 452 HOH A O   1 
HETATM 1554 O O   . HOH G 5 .   ? 10.550  -12.093 -4.175  1.00 41.89  ? 453 HOH A O   1 
HETATM 1555 O O   . HOH G 5 .   ? -17.069 -4.757  5.506   1.00 45.60  ? 454 HOH A O   1 
HETATM 1556 O O   . HOH G 5 .   ? -14.285 -7.746  -2.042  1.00 39.83  ? 455 HOH A O   1 
HETATM 1557 O O   . HOH G 5 .   ? -10.202 8.945   4.475   1.00 45.64  ? 456 HOH A O   1 
HETATM 1558 O O   . HOH G 5 .   ? -2.735  -5.817  19.000  1.00 44.17  ? 457 HOH A O   1 
HETATM 1559 O O   . HOH G 5 .   ? -0.320  6.760   12.361  1.00 48.91  ? 458 HOH A O   1 
HETATM 1560 O O   . HOH G 5 .   ? 7.717   16.503  -11.360 1.00 77.41  ? 459 HOH A O   1 
HETATM 1561 O O   . HOH G 5 .   ? -7.381  6.696   -8.660  1.00 42.51  ? 460 HOH A O   1 
HETATM 1562 O O   . HOH G 5 .   ? -0.930  18.233  -7.402  1.00 57.92  ? 461 HOH A O   1 
HETATM 1563 O O   . HOH G 5 .   ? -18.260 -1.075  3.208   1.00 44.96  ? 462 HOH A O   1 
HETATM 1564 O O   . HOH G 5 .   ? 10.673  -5.499  -7.900  1.00 26.32  ? 463 HOH A O   1 
HETATM 1565 O O   . HOH G 5 .   ? 8.551   19.689  -1.779  1.00 56.80  ? 464 HOH A O   1 
HETATM 1566 O O   . HOH G 5 .   ? 17.008  -8.036  -4.897  1.00 58.25  ? 465 HOH A O   1 
HETATM 1567 O O   . HOH G 5 .   ? -6.220  -11.057 11.763  1.00 37.32  ? 466 HOH A O   1 
HETATM 1568 O O   . HOH G 5 .   ? 5.657   -2.909  15.060  1.00 43.36  ? 467 HOH A O   1 
HETATM 1569 O O   . HOH G 5 .   ? 1.965   18.854  3.635   1.00 38.96  ? 468 HOH A O   1 
HETATM 1570 O O   . HOH G 5 .   ? -0.922  1.875   14.147  1.00 37.20  ? 469 HOH A O   1 
HETATM 1571 O O   . HOH G 5 .   ? -11.325 18.173  4.817   1.00 40.55  ? 470 HOH A O   1 
HETATM 1572 O O   . HOH G 5 .   ? 19.227  4.788   0.204   1.00 38.87  ? 471 HOH A O   1 
HETATM 1573 O O   . HOH G 5 .   ? 2.501   -20.815 4.177   1.00 52.44  ? 472 HOH A O   1 
HETATM 1574 O O   . HOH G 5 .   ? -21.150 -1.842  -5.142  1.00 51.22  ? 473 HOH A O   1 
HETATM 1575 O O   . HOH G 5 .   ? 10.335  4.483   5.567   1.00 34.71  ? 474 HOH A O   1 
HETATM 1576 O O   . HOH G 5 .   ? 1.313   -10.531 -12.213 1.00 38.43  ? 475 HOH A O   1 
HETATM 1577 O O   . HOH G 5 .   ? -17.633 -15.017 12.085  1.00 33.22  ? 476 HOH A O   1 
HETATM 1578 O O   . HOH G 5 .   ? -19.428 -4.898  -2.729  1.00 52.12  ? 477 HOH A O   1 
HETATM 1579 O O   . HOH G 5 .   ? -0.028  1.229   -5.650  1.00 26.42  ? 478 HOH A O   1 
HETATM 1580 O O   . HOH G 5 .   ? -13.154 11.119  -6.565  1.00 57.65  ? 479 HOH A O   1 
HETATM 1581 O O   . HOH G 5 .   ? -4.449  3.280   -10.472 1.00 48.00  ? 480 HOH A O   1 
HETATM 1582 O O   . HOH G 5 .   ? -3.722  -14.955 13.211  1.00 46.71  ? 481 HOH A O   1 
HETATM 1583 O O   . HOH G 5 .   ? 2.102   11.423  18.464  1.00 68.41  ? 482 HOH A O   1 
HETATM 1584 O O   . HOH G 5 .   ? 15.688  2.430   2.509   1.00 30.85  ? 483 HOH A O   1 
HETATM 1585 O O   . HOH G 5 .   ? -18.670 6.231   -1.754  1.00 52.57  ? 484 HOH A O   1 
HETATM 1586 O O   . HOH G 5 .   ? 5.638   -0.356  13.764  1.00 37.79  ? 485 HOH A O   1 
HETATM 1587 O O   . HOH G 5 .   ? 16.981  -9.141  1.487   1.00 66.55  ? 486 HOH A O   1 
HETATM 1588 O O   . HOH G 5 .   ? 15.377  -1.794  -12.276 1.00 35.92  ? 487 HOH A O   1 
HETATM 1589 O O   . HOH G 5 .   ? 16.183  -3.344  3.864   1.00 46.75  ? 488 HOH A O   1 
HETATM 1590 O O   . HOH G 5 .   ? -11.210 -2.318  9.231   1.00 28.24  ? 489 HOH A O   1 
HETATM 1591 O O   . HOH G 5 .   ? 10.042  -9.918  -5.690  1.00 47.56  ? 490 HOH A O   1 
HETATM 1592 O O   . HOH G 5 .   ? 7.475   1.121   14.862  1.00 51.39  ? 491 HOH A O   1 
HETATM 1593 O O   . HOH G 5 .   ? 13.089  -9.160  -9.976  1.00 30.99  ? 492 HOH A O   1 
HETATM 1594 O O   . HOH G 5 .   ? 16.413  -8.665  -18.959 1.00 47.36  ? 493 HOH A O   1 
HETATM 1595 O O   . HOH G 5 .   ? 14.162  8.788   1.657   1.00 38.16  ? 494 HOH A O   1 
HETATM 1596 O O   . HOH G 5 .   ? 12.040  -0.542  9.127   1.00 43.53  ? 495 HOH A O   1 
HETATM 1597 O O   . HOH G 5 .   ? -2.869  -0.587  -12.318 1.00 40.41  ? 496 HOH A O   1 
HETATM 1598 O O   . HOH G 5 .   ? 11.173  1.365   -15.822 1.00 56.29  ? 497 HOH A O   1 
HETATM 1599 O O   . HOH G 5 .   ? 6.737   7.475   15.918  1.00 37.66  ? 498 HOH A O   1 
HETATM 1600 O O   . HOH G 5 .   ? 15.444  -7.905  -2.709  1.00 36.45  ? 499 HOH A O   1 
HETATM 1601 O O   . HOH G 5 .   ? 13.285  11.217  2.423   1.00 44.80  ? 500 HOH A O   1 
HETATM 1602 O O   . HOH G 5 .   ? 11.190  -3.285  9.287   1.00 41.46  ? 501 HOH A O   1 
HETATM 1603 O O   . HOH G 5 .   ? 13.645  -7.155  0.336   1.00 34.52  ? 502 HOH A O   1 
HETATM 1604 O O   . HOH G 5 .   ? -13.144 -10.106 10.354  1.00 34.28  ? 503 HOH A O   1 
HETATM 1605 O O   . HOH G 5 .   ? 10.108  -7.151  -23.476 1.00 51.33  ? 504 HOH A O   1 
HETATM 1606 O O   . HOH G 5 .   ? -15.437 14.548  -3.289  1.00 57.22  ? 505 HOH A O   1 
HETATM 1607 O O   . HOH G 5 .   ? -17.753 5.072   1.428   1.00 38.34  ? 506 HOH A O   1 
HETATM 1608 O O   . HOH G 5 .   ? -21.777 -11.026 14.817  1.00 46.47  ? 507 HOH A O   1 
HETATM 1609 O O   . HOH G 5 .   ? 0.800   -5.970  -18.566 1.00 50.37  ? 508 HOH A O   1 
HETATM 1610 O O   . HOH G 5 .   ? -13.548 -1.174  9.931   1.00 40.58  ? 509 HOH A O   1 
HETATM 1611 O O   . HOH G 5 .   ? 9.541   13.875  3.133   1.00 42.04  ? 510 HOH A O   1 
HETATM 1612 O O   . HOH G 5 .   ? 7.176   -18.930 -1.880  1.00 70.99  ? 511 HOH A O   1 
HETATM 1613 O O   . HOH G 5 .   ? 16.551  4.605   -10.184 1.00 55.48  ? 512 HOH A O   1 
HETATM 1614 O O   . HOH G 5 .   ? -7.718  10.131  6.237   1.00 28.14  ? 513 HOH A O   1 
HETATM 1615 O O   . HOH G 5 .   ? 17.675  -7.922  -11.032 1.00 55.66  ? 514 HOH A O   1 
HETATM 1616 O O   . HOH G 5 .   ? -12.380 5.052   10.167  1.00 56.67  ? 515 HOH A O   1 
HETATM 1617 O O   . HOH G 5 .   ? 11.155  -8.483  -21.509 1.00 42.10  ? 516 HOH A O   1 
HETATM 1618 O O   . HOH G 5 .   ? 17.767  -7.443  -8.434  1.00 71.32  ? 517 HOH A O   1 
HETATM 1619 O O   . HOH G 5 .   ? 15.296  8.750   11.278  1.00 59.53  ? 518 HOH A O   1 
HETATM 1620 O O   . HOH G 5 .   ? 14.261  8.933   -2.403  1.00 48.13  ? 519 HOH A O   1 
HETATM 1621 O O   . HOH G 5 .   ? 0.183   8.864   22.145  1.00 55.66  ? 520 HOH A O   1 
HETATM 1622 O O   . HOH G 5 .   ? 3.828   6.086   -5.421  1.00 72.13  ? 521 HOH A O   1 
HETATM 1623 O O   . HOH G 5 .   ? 0.648   -9.947  -16.292 1.00 48.89  ? 522 HOH A O   1 
HETATM 1624 O O   . HOH G 5 .   ? 19.270  -7.548  -3.437  1.00 42.34  ? 523 HOH A O   1 
HETATM 1625 O O   . HOH G 5 .   ? -9.795  -4.530  11.360  1.00 33.32  ? 524 HOH A O   1 
HETATM 1626 O O   . HOH G 5 .   ? -15.624 -9.989  -0.602  1.00 65.47  ? 525 HOH A O   1 
HETATM 1627 O O   . HOH G 5 .   ? 16.615  7.095   7.197   1.00 59.80  ? 526 HOH A O   1 
HETATM 1628 O O   . HOH G 5 .   ? 3.771   -16.048 12.882  1.00 63.01  ? 527 HOH A O   1 
HETATM 1629 O O   . HOH G 5 .   ? -6.228  -13.571 13.217  1.00 62.14  ? 528 HOH A O   1 
HETATM 1630 O O   . HOH G 5 .   ? 6.833   18.205  2.919   1.00 74.06  ? 529 HOH A O   1 
HETATM 1631 O O   . HOH G 5 .   ? 13.378  -7.178  -19.038 1.00 58.67  ? 530 HOH A O   1 
HETATM 1632 O O   . HOH G 5 .   ? -7.494  0.682   -13.820 1.00 63.55  ? 531 HOH A O   1 
HETATM 1633 O O   . HOH G 5 .   ? -14.870 4.461   9.711   1.00 51.72  ? 532 HOH A O   1 
HETATM 1634 O O   . HOH G 5 .   ? 19.282  0.151   -9.516  1.00 45.04  ? 533 HOH A O   1 
HETATM 1635 O O   . HOH G 5 .   ? 14.583  6.301   11.829  1.00 55.76  ? 534 HOH A O   1 
HETATM 1636 O O   . HOH G 5 .   ? -1.480  7.658   19.393  1.00 47.12  ? 535 HOH A O   1 
HETATM 1637 O O   . HOH G 5 .   ? -5.848  6.149   -10.215 1.00 59.54  ? 536 HOH A O   1 
HETATM 1638 O O   . HOH G 5 .   ? 18.077  -4.479  -8.879  1.00 51.88  ? 537 HOH A O   1 
HETATM 1639 O O   . HOH G 5 .   ? 5.358   3.388   -7.717  1.00 55.56  ? 538 HOH A O   1 
HETATM 1640 O O   . HOH G 5 .   ? -2.899  -19.512 5.149   1.00 51.36  ? 539 HOH A O   1 
HETATM 1641 O O   . HOH G 5 .   ? 15.781  6.897   3.103   1.00 55.42  ? 540 HOH A O   1 
HETATM 1642 O O   . HOH G 5 .   ? -2.508  -17.134 11.809  1.00 56.91  ? 541 HOH A O   1 
HETATM 1643 O O   . HOH G 5 .   ? 17.104  -3.689  -11.630 1.00 66.61  ? 542 HOH A O   1 
HETATM 1644 O O   . HOH G 5 .   ? -18.382 -15.538 14.608  1.00 57.05  ? 543 HOH A O   1 
HETATM 1645 O O   . HOH G 5 .   ? -1.186  17.964  1.387   1.00 37.46  ? 544 HOH A O   1 
HETATM 1646 O O   . HOH G 5 .   ? -20.027 14.699  5.248   1.00 60.99  ? 545 HOH A O   1 
HETATM 1647 O O   . HOH G 5 .   ? 12.618  -9.372  -1.131  1.00 46.27  ? 546 HOH A O   1 
HETATM 1648 O O   . HOH G 5 .   ? 3.989   -18.019 9.193   1.00 73.04  ? 547 HOH A O   1 
HETATM 1649 O O   . HOH G 5 .   ? -22.595 -9.252  0.230   1.00 65.89  ? 548 HOH A O   1 
HETATM 1650 O O   . HOH G 5 .   ? -20.969 -15.199 15.115  1.00 48.94  ? 549 HOH A O   1 
HETATM 1651 O O   . HOH G 5 .   ? 0.878   -5.197  -12.118 1.00 84.39  ? 550 HOH A O   1 
HETATM 1652 O O   . HOH G 5 .   ? -11.349 -9.096  12.306  1.00 70.41  ? 551 HOH A O   1 
HETATM 1653 O O   . HOH G 5 .   ? -15.589 -0.221  7.346   1.00 51.06  ? 552 HOH A O   1 
HETATM 1654 O O   . HOH G 5 .   ? -0.202  19.501  -2.868  1.00 47.55  ? 553 HOH A O   1 
HETATM 1655 O O   . HOH G 5 .   ? 4.380   15.369  14.928  1.00 70.59  ? 554 HOH A O   1 
HETATM 1656 O O   . HOH G 5 .   ? 15.376  -9.764  -0.895  1.00 59.16  ? 555 HOH A O   1 
HETATM 1657 O O   . HOH G 5 .   ? 15.799  9.423   -0.350  1.00 43.39  ? 556 HOH A O   1 
HETATM 1658 O O   . HOH G 5 .   ? 17.267  3.644   -13.070 1.00 77.96  ? 557 HOH A O   1 
HETATM 1659 O O   . HOH G 5 .   ? 9.900   -8.927  4.284   1.00 55.06  ? 558 HOH A O   1 
HETATM 1660 O O   . HOH G 5 .   ? 12.805  -7.950  2.968   1.00 61.06  ? 559 HOH A O   1 
HETATM 1661 O O   . HOH G 5 .   ? -1.953  -5.211  -12.133 1.00 63.99  ? 560 HOH A O   1 
HETATM 1662 O O   . HOH G 5 .   ? -6.000  -1.927  -14.322 1.00 70.81  ? 561 HOH A O   1 
HETATM 1663 O O   . HOH G 5 .   ? -8.450  -6.858  12.882  1.00 48.60  ? 562 HOH A O   1 
HETATM 1664 O O   . HOH G 5 .   ? -15.708 1.663   5.709   1.00 41.95  ? 563 HOH A O   1 
HETATM 1665 O O   . HOH G 5 .   ? -15.197 -3.045  10.846  1.00 45.14  ? 564 HOH A O   1 
HETATM 1666 O O   . HOH G 5 .   ? -16.300 -6.549  8.223   1.00 48.43  ? 565 HOH A O   1 
HETATM 1667 O O   . HOH G 5 .   ? -12.730 -5.306  10.753  1.00 42.88  ? 566 HOH A O   1 
HETATM 1668 O O   . HOH G 5 .   ? -17.877 1.208   4.190   1.00 61.51  ? 567 HOH A O   1 
HETATM 1669 O O   . HOH G 5 .   ? 12.999  -3.910  5.586   1.00 59.62  ? 568 HOH A O   1 
HETATM 1670 O O   . HOH G 5 .   ? -14.016 -7.432  9.312   1.00 38.40  ? 569 HOH A O   1 
HETATM 1671 O O   . HOH G 5 .   ? -17.014 -4.440  9.586   1.00 40.88  ? 570 HOH A O   1 
# 
loop_
_pdbx_poly_seq_scheme.asym_id 
_pdbx_poly_seq_scheme.entity_id 
_pdbx_poly_seq_scheme.seq_id 
_pdbx_poly_seq_scheme.mon_id 
_pdbx_poly_seq_scheme.ndb_seq_num 
_pdbx_poly_seq_scheme.pdb_seq_num 
_pdbx_poly_seq_scheme.auth_seq_num 
_pdbx_poly_seq_scheme.pdb_mon_id 
_pdbx_poly_seq_scheme.auth_mon_id 
_pdbx_poly_seq_scheme.pdb_strand_id 
_pdbx_poly_seq_scheme.pdb_ins_code 
_pdbx_poly_seq_scheme.hetero 
A 1 1   SER 1   15  15  SER SER A . n 
A 1 2   MET 2   16  16  MET MET A . n 
A 1 3   LEU 3   17  17  LEU LEU A . n 
A 1 4   ASP 4   18  18  ASP ASP A . n 
A 1 5   ASP 5   19  19  ASP ASP A . n 
A 1 6   ALA 6   20  20  ALA ALA A . n 
A 1 7   LYS 7   21  21  LYS LYS A . n 
A 1 8   ALA 8   22  22  ALA ALA A . n 
A 1 9   ARG 9   23  23  ARG ARG A . n 
A 1 10  LEU 10  24  24  LEU LEU A . n 
A 1 11  ARG 11  25  25  ARG ARG A . n 
A 1 12  LYS 12  26  26  LYS LYS A . n 
A 1 13  TYR 13  27  27  TYR TYR A . n 
A 1 14  ASP 14  28  28  ASP ASP A . n 
A 1 15  ILE 15  29  29  ILE ILE A . n 
A 1 16  GLY 16  30  30  GLY GLY A . n 
A 1 17  GLY 17  31  31  GLY GLY A . n 
A 1 18  LYS 18  32  32  LYS LYS A . n 
A 1 19  TYR 19  33  33  TYR TYR A . n 
A 1 20  SER 20  34  34  SER SER A . n 
A 1 21  HIS 21  35  35  HIS HIS A . n 
A 1 22  LEU 22  36  36  LEU LEU A . n 
A 1 23  PRO 23  37  37  PRO PRO A . n 
A 1 24  TYR 24  38  38  TYR TYR A . n 
A 1 25  ASN 25  39  39  ASN ASN A . n 
A 1 26  LYS 26  40  40  LYS LYS A . n 
A 1 27  TYR 27  41  41  TYR TYR A . n 
A 1 28  SER 28  42  42  SER SER A . n 
A 1 29  VAL 29  43  43  VAL VAL A . n 
A 1 30  LEU 30  44  44  LEU LEU A . n 
A 1 31  LEU 31  45  45  LEU LEU A . n 
A 1 32  PRO 32  46  46  PRO PRO A . n 
A 1 33  LEU 33  47  47  LEU LEU A . n 
A 1 34  VAL 34  48  48  VAL VAL A . n 
A 1 35  ALA 35  49  49  ALA ALA A . n 
A 1 36  LYS 36  50  50  LYS LYS A . n 
A 1 37  GLU 37  51  51  GLU GLU A . n 
A 1 38  GLY 38  52  52  GLY GLY A . n 
A 1 39  LYS 39  53  53  LYS LYS A . n 
A 1 40  LEU 40  54  54  LEU LEU A . n 
A 1 41  HIS 41  55  55  HIS HIS A . n 
A 1 42  LEU 42  56  56  LEU LEU A . n 
A 1 43  LEU 43  57  57  LEU LEU A . n 
A 1 44  PHE 44  58  58  PHE PHE A . n 
A 1 45  THR 45  59  59  THR THR A . n 
A 1 46  VAL 46  60  60  VAL VAL A . n 
A 1 47  ARG 47  61  61  ARG ARG A . n 
A 1 48  SER 48  62  62  SER SER A . n 
A 1 49  GLU 49  63  63  GLU GLU A . n 
A 1 50  LYS 50  64  64  LYS LYS A . n 
A 1 51  LEU 51  65  65  LEU LEU A . n 
A 1 52  ARG 52  66  66  ARG ARG A . n 
A 1 53  ARG 53  67  67  ARG ARG A . n 
A 1 54  ALA 54  68  68  ALA ALA A . n 
A 1 55  PRO 55  69  69  PRO PRO A . n 
A 1 56  GLY 56  70  70  GLY GLY A . n 
A 1 57  GLU 57  71  71  GLU GLU A . n 
A 1 58  VAL 58  72  72  VAL VAL A . n 
A 1 59  CYS 59  73  73  CYS CYS A . n 
A 1 60  PHE 60  74  74  PHE PHE A . n 
A 1 61  PRO 61  75  75  PRO PRO A . n 
A 1 62  GLY 62  76  76  GLY GLY A . n 
A 1 63  GLY 63  77  77  GLY GLY A . n 
A 1 64  LYS 64  78  78  LYS LYS A . n 
A 1 65  ARG 65  79  79  ARG ARG A . n 
A 1 66  ASP 66  80  80  ASP ASP A . n 
A 1 67  PRO 67  81  81  PRO PRO A . n 
A 1 68  THR 68  82  82  THR THR A . n 
A 1 69  ASP 69  83  83  ASP ASP A . n 
A 1 70  MET 70  84  84  MET MET A . n 
A 1 71  ASP 71  85  85  ASP ASP A . n 
A 1 72  ASP 72  86  86  ASP ASP A . n 
A 1 73  ALA 73  87  87  ALA ALA A . n 
A 1 74  ALA 74  88  88  ALA ALA A . n 
A 1 75  THR 75  89  89  THR THR A . n 
A 1 76  ALA 76  90  90  ALA ALA A . n 
A 1 77  LEU 77  91  91  LEU LEU A . n 
A 1 78  ARG 78  92  92  ARG ARG A . n 
A 1 79  GLU 79  93  93  GLU GLU A . n 
A 1 80  ALA 80  94  94  ALA ALA A . n 
A 1 81  GLN 81  95  95  GLN GLN A . n 
A 1 82  GLU 82  96  96  GLU GLU A . n 
A 1 83  GLU 83  97  97  GLU GLU A . n 
A 1 84  VAL 84  98  98  VAL VAL A . n 
A 1 85  GLY 85  99  99  GLY GLY A . n 
A 1 86  LEU 86  100 100 LEU LEU A . n 
A 1 87  ARG 87  101 101 ARG ARG A . n 
A 1 88  HYP 88  102 102 HYP HYP A . n 
A 1 89  HIS 89  103 103 HIS HIS A . n 
A 1 90  GLN 90  104 104 GLN GLN A . n 
A 1 91  VAL 91  105 105 VAL VAL A . n 
A 1 92  GLU 92  106 106 GLU GLU A . n 
A 1 93  VAL 93  107 107 VAL VAL A . n 
A 1 94  VAL 94  108 108 VAL VAL A . n 
A 1 95  CSO 95  109 109 CSO CSO A . n 
A 1 96  CYS 96  110 110 CYS CYS A . n 
A 1 97  LEU 97  111 111 LEU LEU A . n 
A 1 98  VAL 98  112 112 VAL VAL A . n 
A 1 99  PRO 99  113 113 PRO PRO A . n 
A 1 100 CYS 100 114 114 CYS CYS A . n 
A 1 101 LEU 101 115 115 LEU LEU A . n 
A 1 102 ILE 102 116 116 ILE ILE A . n 
A 1 103 ASP 103 117 117 ASP ASP A . n 
A 1 104 THR 104 118 118 THR THR A . n 
A 1 105 ASP 105 119 119 ASP ASP A . n 
A 1 106 THR 106 120 120 THR THR A . n 
A 1 107 LEU 107 121 121 LEU LEU A . n 
A 1 108 ILE 108 122 122 ILE ILE A . n 
A 1 109 THR 109 123 123 THR THR A . n 
A 1 110 PRO 110 124 124 PRO PRO A . n 
A 1 111 PHE 111 125 125 PHE PHE A . n 
A 1 112 VAL 112 126 126 VAL VAL A . n 
A 1 113 GLY 113 127 127 GLY GLY A . n 
A 1 114 LEU 114 128 128 LEU LEU A . n 
A 1 115 ILE 115 129 129 ILE ILE A . n 
A 1 116 ASP 116 130 130 ASP ASP A . n 
A 1 117 HIS 117 131 131 HIS HIS A . n 
A 1 118 ASN 118 132 132 ASN ASN A . n 
A 1 119 PHE 119 133 133 PHE PHE A . n 
A 1 120 GLN 120 134 134 GLN GLN A . n 
A 1 121 ALA 121 135 135 ALA ALA A . n 
A 1 122 GLN 122 136 136 GLN GLN A . n 
A 1 123 PRO 123 137 137 PRO PRO A . n 
A 1 124 ASN 124 138 138 ASN ASN A . n 
A 1 125 PRO 125 139 139 PRO PRO A . n 
A 1 126 ALA 126 140 140 ALA ALA A . n 
A 1 127 GLU 127 141 141 GLU GLU A . n 
A 1 128 VAL 128 142 142 VAL VAL A . n 
A 1 129 LYS 129 143 143 LYS LYS A . n 
A 1 130 ASP 130 144 144 ASP ASP A . n 
A 1 131 VAL 131 145 145 VAL VAL A . n 
A 1 132 PHE 132 146 146 PHE PHE A . n 
A 1 133 LEU 133 147 147 LEU LEU A . n 
A 1 134 VAL 134 148 148 VAL VAL A . n 
A 1 135 PRO 135 149 149 PRO PRO A . n 
A 1 136 LEU 136 150 150 LEU LEU A . n 
A 1 137 ALA 137 151 151 ALA ALA A . n 
A 1 138 TYR 138 152 152 TYR TYR A . n 
A 1 139 PHE 139 153 153 PHE PHE A . n 
A 1 140 LEU 140 154 154 LEU LEU A . n 
A 1 141 HIS 141 155 155 HIS HIS A . n 
A 1 142 PRO 142 156 156 PRO PRO A . n 
A 1 143 GLN 143 157 157 GLN GLN A . n 
A 1 144 VAL 144 158 158 VAL VAL A . n 
A 1 145 HIS 145 159 159 HIS HIS A . n 
A 1 146 ASP 146 160 160 ASP ASP A . n 
A 1 147 GLN 147 161 161 GLN GLN A . n 
A 1 148 HIS 148 162 ?   ?   ?   A . n 
A 1 149 TYR 149 163 ?   ?   ?   A . n 
A 1 150 VAL 150 164 ?   ?   ?   A . n 
A 1 151 THR 151 165 ?   ?   ?   A . n 
A 1 152 ARG 152 166 ?   ?   ?   A . n 
A 1 153 LEU 153 167 ?   ?   ?   A . n 
A 1 154 GLY 154 168 ?   ?   ?   A . n 
A 1 155 HIS 155 169 ?   ?   ?   A . n 
A 1 156 ARG 156 170 ?   ?   ?   A . n 
A 1 157 PHE 157 171 ?   ?   ?   A . n 
A 1 158 ILE 158 172 172 ILE ILE A . n 
A 1 159 ASN 159 173 173 ASN ASN A . n 
A 1 160 HIS 160 174 174 HIS HIS A . n 
A 1 161 ILE 161 175 175 ILE ILE A . n 
A 1 162 PHE 162 176 176 PHE PHE A . n 
A 1 163 GLU 163 177 177 GLU GLU A . n 
A 1 164 TYR 164 178 178 TYR TYR A . n 
A 1 165 THR 165 179 179 THR THR A . n 
A 1 166 ASN 166 180 180 ASN ASN A . n 
A 1 167 PRO 167 181 181 PRO PRO A . n 
A 1 168 GLU 168 182 182 GLU GLU A . n 
A 1 169 ASP 169 183 183 ASP ASP A . n 
A 1 170 GLY 170 184 184 GLY GLY A . n 
A 1 171 VAL 171 185 185 VAL VAL A . n 
A 1 172 THR 172 186 186 THR THR A . n 
A 1 173 TYR 173 187 187 TYR TYR A . n 
A 1 174 GLN 174 188 188 GLN GLN A . n 
A 1 175 ILE 175 189 189 ILE ILE A . n 
A 1 176 LYS 176 190 190 LYS LYS A . n 
A 1 177 GLY 177 191 191 GLY GLY A . n 
A 1 178 MET 178 192 192 MET MET A . n 
A 1 179 THR 179 193 193 THR THR A . n 
A 1 180 ALA 180 194 194 ALA ALA A . n 
A 1 181 ASN 181 195 195 ASN ASN A . n 
A 1 182 LEU 182 196 196 LEU LEU A . n 
A 1 183 ALA 183 197 197 ALA ALA A . n 
A 1 184 VAL 184 198 198 VAL VAL A . n 
A 1 185 LEU 185 199 199 LEU LEU A . n 
A 1 186 VAL 186 200 200 VAL VAL A . n 
A 1 187 ALA 187 201 201 ALA ALA A . n 
A 1 188 PHE 188 202 202 PHE PHE A . n 
A 1 189 ILE 189 203 203 ILE ILE A . n 
A 1 190 ILE 190 204 204 ILE ILE A . n 
A 1 191 LEU 191 205 205 LEU LEU A . n 
A 1 192 GLU 192 206 206 GLU GLU A . n 
A 1 193 LYS 193 207 207 LYS LYS A . n 
A 1 194 LYS 194 208 208 LYS LYS A . n 
A 1 195 PRO 195 209 209 PRO PRO A . n 
A 1 196 THR 196 210 210 THR THR A . n 
# 
loop_
_pdbx_nonpoly_scheme.asym_id 
_pdbx_nonpoly_scheme.entity_id 
_pdbx_nonpoly_scheme.mon_id 
_pdbx_nonpoly_scheme.ndb_seq_num 
_pdbx_nonpoly_scheme.pdb_seq_num 
_pdbx_nonpoly_scheme.auth_seq_num 
_pdbx_nonpoly_scheme.pdb_mon_id 
_pdbx_nonpoly_scheme.auth_mon_id 
_pdbx_nonpoly_scheme.pdb_strand_id 
_pdbx_nonpoly_scheme.pdb_ins_code 
B 2 H4A 1   301 1   H4A LIG A . 
C 3 ACT 1   302 1   ACT ACT A . 
D 3 ACT 1   303 2   ACT ACT A . 
E 4 DMS 1   304 1   DMS DMS A . 
F 4 DMS 1   305 2   DMS DMS A . 
G 5 HOH 1   401 9   HOH HOH A . 
G 5 HOH 2   402 69  HOH HOH A . 
G 5 HOH 3   403 94  HOH HOH A . 
G 5 HOH 4   404 140 HOH HOH A . 
G 5 HOH 5   405 143 HOH HOH A . 
G 5 HOH 6   406 199 HOH HOH A . 
G 5 HOH 7   407 53  HOH HOH A . 
G 5 HOH 8   408 20  HOH HOH A . 
G 5 HOH 9   409 89  HOH HOH A . 
G 5 HOH 10  410 157 HOH HOH A . 
G 5 HOH 11  411 77  HOH HOH A . 
G 5 HOH 12  412 124 HOH HOH A . 
G 5 HOH 13  413 80  HOH HOH A . 
G 5 HOH 14  414 156 HOH HOH A . 
G 5 HOH 15  415 76  HOH HOH A . 
G 5 HOH 16  416 13  HOH HOH A . 
G 5 HOH 17  417 64  HOH HOH A . 
G 5 HOH 18  418 167 HOH HOH A . 
G 5 HOH 19  419 105 HOH HOH A . 
G 5 HOH 20  420 112 HOH HOH A . 
G 5 HOH 21  421 36  HOH HOH A . 
G 5 HOH 22  422 125 HOH HOH A . 
G 5 HOH 23  423 166 HOH HOH A . 
G 5 HOH 24  424 91  HOH HOH A . 
G 5 HOH 25  425 51  HOH HOH A . 
G 5 HOH 26  426 11  HOH HOH A . 
G 5 HOH 27  427 79  HOH HOH A . 
G 5 HOH 28  428 109 HOH HOH A . 
G 5 HOH 29  429 14  HOH HOH A . 
G 5 HOH 30  430 48  HOH HOH A . 
G 5 HOH 31  431 137 HOH HOH A . 
G 5 HOH 32  432 198 HOH HOH A . 
G 5 HOH 33  433 49  HOH HOH A . 
G 5 HOH 34  434 162 HOH HOH A . 
G 5 HOH 35  435 26  HOH HOH A . 
G 5 HOH 36  436 97  HOH HOH A . 
G 5 HOH 37  437 6   HOH HOH A . 
G 5 HOH 38  438 24  HOH HOH A . 
G 5 HOH 39  439 134 HOH HOH A . 
G 5 HOH 40  440 101 HOH HOH A . 
G 5 HOH 41  441 150 HOH HOH A . 
G 5 HOH 42  442 15  HOH HOH A . 
G 5 HOH 43  443 113 HOH HOH A . 
G 5 HOH 44  444 62  HOH HOH A . 
G 5 HOH 45  445 35  HOH HOH A . 
G 5 HOH 46  446 25  HOH HOH A . 
G 5 HOH 47  447 159 HOH HOH A . 
G 5 HOH 48  448 10  HOH HOH A . 
G 5 HOH 49  449 103 HOH HOH A . 
G 5 HOH 50  450 56  HOH HOH A . 
G 5 HOH 51  451 183 HOH HOH A . 
G 5 HOH 52  452 128 HOH HOH A . 
G 5 HOH 53  453 38  HOH HOH A . 
G 5 HOH 54  454 197 HOH HOH A . 
G 5 HOH 55  455 104 HOH HOH A . 
G 5 HOH 56  456 179 HOH HOH A . 
G 5 HOH 57  457 193 HOH HOH A . 
G 5 HOH 58  458 58  HOH HOH A . 
G 5 HOH 59  459 47  HOH HOH A . 
G 5 HOH 60  460 102 HOH HOH A . 
G 5 HOH 61  461 46  HOH HOH A . 
G 5 HOH 62  462 117 HOH HOH A . 
G 5 HOH 63  463 8   HOH HOH A . 
G 5 HOH 64  464 61  HOH HOH A . 
G 5 HOH 65  465 75  HOH HOH A . 
G 5 HOH 66  466 99  HOH HOH A . 
G 5 HOH 67  467 85  HOH HOH A . 
G 5 HOH 68  468 110 HOH HOH A . 
G 5 HOH 69  469 108 HOH HOH A . 
G 5 HOH 70  470 116 HOH HOH A . 
G 5 HOH 71  471 19  HOH HOH A . 
G 5 HOH 72  472 146 HOH HOH A . 
G 5 HOH 73  473 139 HOH HOH A . 
G 5 HOH 74  474 39  HOH HOH A . 
G 5 HOH 75  475 7   HOH HOH A . 
G 5 HOH 76  476 12  HOH HOH A . 
G 5 HOH 77  477 118 HOH HOH A . 
G 5 HOH 78  478 3   HOH HOH A . 
G 5 HOH 79  479 186 HOH HOH A . 
G 5 HOH 80  480 18  HOH HOH A . 
G 5 HOH 81  481 153 HOH HOH A . 
G 5 HOH 82  482 71  HOH HOH A . 
G 5 HOH 83  483 1   HOH HOH A . 
G 5 HOH 84  484 158 HOH HOH A . 
G 5 HOH 85  485 28  HOH HOH A . 
G 5 HOH 86  486 78  HOH HOH A . 
G 5 HOH 87  487 17  HOH HOH A . 
G 5 HOH 88  488 34  HOH HOH A . 
G 5 HOH 89  489 98  HOH HOH A . 
G 5 HOH 90  490 59  HOH HOH A . 
G 5 HOH 91  491 145 HOH HOH A . 
G 5 HOH 92  492 2   HOH HOH A . 
G 5 HOH 93  493 152 HOH HOH A . 
G 5 HOH 94  494 55  HOH HOH A . 
G 5 HOH 95  495 22  HOH HOH A . 
G 5 HOH 96  496 30  HOH HOH A . 
G 5 HOH 97  497 141 HOH HOH A . 
G 5 HOH 98  498 27  HOH HOH A . 
G 5 HOH 99  499 31  HOH HOH A . 
G 5 HOH 100 500 66  HOH HOH A . 
G 5 HOH 101 501 37  HOH HOH A . 
G 5 HOH 102 502 21  HOH HOH A . 
G 5 HOH 103 503 45  HOH HOH A . 
G 5 HOH 104 504 72  HOH HOH A . 
G 5 HOH 105 505 154 HOH HOH A . 
G 5 HOH 106 506 121 HOH HOH A . 
G 5 HOH 107 507 191 HOH HOH A . 
G 5 HOH 108 508 43  HOH HOH A . 
G 5 HOH 109 509 106 HOH HOH A . 
G 5 HOH 110 510 5   HOH HOH A . 
G 5 HOH 111 511 187 HOH HOH A . 
G 5 HOH 112 512 42  HOH HOH A . 
G 5 HOH 113 513 96  HOH HOH A . 
G 5 HOH 114 514 149 HOH HOH A . 
G 5 HOH 115 515 176 HOH HOH A . 
G 5 HOH 116 516 138 HOH HOH A . 
G 5 HOH 117 517 173 HOH HOH A . 
G 5 HOH 118 518 88  HOH HOH A . 
G 5 HOH 119 519 50  HOH HOH A . 
G 5 HOH 120 520 155 HOH HOH A . 
G 5 HOH 121 521 33  HOH HOH A . 
G 5 HOH 122 522 23  HOH HOH A . 
G 5 HOH 123 523 63  HOH HOH A . 
G 5 HOH 124 524 170 HOH HOH A . 
G 5 HOH 125 525 147 HOH HOH A . 
G 5 HOH 126 526 182 HOH HOH A . 
G 5 HOH 127 527 126 HOH HOH A . 
G 5 HOH 128 528 161 HOH HOH A . 
G 5 HOH 129 529 65  HOH HOH A . 
G 5 HOH 130 530 194 HOH HOH A . 
G 5 HOH 131 531 178 HOH HOH A . 
G 5 HOH 132 532 184 HOH HOH A . 
G 5 HOH 133 533 129 HOH HOH A . 
G 5 HOH 134 534 111 HOH HOH A . 
G 5 HOH 135 535 122 HOH HOH A . 
G 5 HOH 136 536 52  HOH HOH A . 
G 5 HOH 137 537 175 HOH HOH A . 
G 5 HOH 138 538 189 HOH HOH A . 
G 5 HOH 139 539 119 HOH HOH A . 
G 5 HOH 140 540 169 HOH HOH A . 
G 5 HOH 141 541 123 HOH HOH A . 
G 5 HOH 142 542 144 HOH HOH A . 
G 5 HOH 143 543 57  HOH HOH A . 
G 5 HOH 144 544 16  HOH HOH A . 
G 5 HOH 145 545 172 HOH HOH A . 
G 5 HOH 146 546 44  HOH HOH A . 
G 5 HOH 147 547 168 HOH HOH A . 
G 5 HOH 148 548 177 HOH HOH A . 
G 5 HOH 149 549 174 HOH HOH A . 
G 5 HOH 150 550 160 HOH HOH A . 
G 5 HOH 151 551 180 HOH HOH A . 
G 5 HOH 152 552 192 HOH HOH A . 
G 5 HOH 153 553 29  HOH HOH A . 
G 5 HOH 154 554 82  HOH HOH A . 
G 5 HOH 155 555 90  HOH HOH A . 
G 5 HOH 156 556 131 HOH HOH A . 
G 5 HOH 157 557 181 HOH HOH A . 
G 5 HOH 158 558 190 HOH HOH A . 
G 5 HOH 159 559 132 HOH HOH A . 
G 5 HOH 160 560 195 HOH HOH A . 
G 5 HOH 161 561 185 HOH HOH A . 
G 5 HOH 162 562 127 HOH HOH A . 
G 5 HOH 163 563 188 HOH HOH A . 
G 5 HOH 164 564 148 HOH HOH A . 
G 5 HOH 165 565 165 HOH HOH A . 
G 5 HOH 166 566 171 HOH HOH A . 
G 5 HOH 167 567 130 HOH HOH A . 
G 5 HOH 168 568 164 HOH HOH A . 
G 5 HOH 169 569 68  HOH HOH A . 
G 5 HOH 170 570 115 HOH HOH A . 
# 
loop_
_pdbx_struct_mod_residue.id 
_pdbx_struct_mod_residue.label_asym_id 
_pdbx_struct_mod_residue.label_comp_id 
_pdbx_struct_mod_residue.label_seq_id 
_pdbx_struct_mod_residue.auth_asym_id 
_pdbx_struct_mod_residue.auth_comp_id 
_pdbx_struct_mod_residue.auth_seq_id 
_pdbx_struct_mod_residue.PDB_ins_code 
_pdbx_struct_mod_residue.parent_comp_id 
_pdbx_struct_mod_residue.details 
1 A HYP 88 A HYP 102 ? PRO 'modified residue' 
2 A CSO 95 A CSO 109 ? CYS 'modified residue' 
# 
_pdbx_struct_assembly.id                   1 
_pdbx_struct_assembly.details              author_and_software_defined_assembly 
_pdbx_struct_assembly.method_details       PISA 
_pdbx_struct_assembly.oligomeric_details   monomeric 
_pdbx_struct_assembly.oligomeric_count     1 
# 
_pdbx_struct_assembly_gen.assembly_id       1 
_pdbx_struct_assembly_gen.oper_expression   1 
_pdbx_struct_assembly_gen.asym_id_list      A,B,C,D,E,F,G 
# 
loop_
_pdbx_struct_assembly_prop.biol_id 
_pdbx_struct_assembly_prop.type 
_pdbx_struct_assembly_prop.value 
_pdbx_struct_assembly_prop.details 
1 'ABSA (A^2)' 750   ? 
1 MORE         5     ? 
1 'SSA (A^2)'  10450 ? 
# 
_pdbx_struct_oper_list.id                   1 
_pdbx_struct_oper_list.type                 'identity operation' 
_pdbx_struct_oper_list.name                 1_555 
_pdbx_struct_oper_list.symmetry_operation   x,y,z 
_pdbx_struct_oper_list.matrix[1][1]         1.0000000000 
_pdbx_struct_oper_list.matrix[1][2]         0.0000000000 
_pdbx_struct_oper_list.matrix[1][3]         0.0000000000 
_pdbx_struct_oper_list.vector[1]            0.0000000000 
_pdbx_struct_oper_list.matrix[2][1]         0.0000000000 
_pdbx_struct_oper_list.matrix[2][2]         1.0000000000 
_pdbx_struct_oper_list.matrix[2][3]         0.0000000000 
_pdbx_struct_oper_list.vector[2]            0.0000000000 
_pdbx_struct_oper_list.matrix[3][1]         0.0000000000 
_pdbx_struct_oper_list.matrix[3][2]         0.0000000000 
_pdbx_struct_oper_list.matrix[3][3]         1.0000000000 
_pdbx_struct_oper_list.vector[3]            0.0000000000 
# 
loop_
_pdbx_audit_revision_history.ordinal 
_pdbx_audit_revision_history.data_content_type 
_pdbx_audit_revision_history.major_revision 
_pdbx_audit_revision_history.minor_revision 
_pdbx_audit_revision_history.revision_date 
1 'Structure model' 1 0 2019-03-27 
2 'Structure model' 1 1 2023-11-15 
# 
_pdbx_audit_revision_details.ordinal             1 
_pdbx_audit_revision_details.revision_ordinal    1 
_pdbx_audit_revision_details.data_content_type   'Structure model' 
_pdbx_audit_revision_details.provider            repository 
_pdbx_audit_revision_details.type                'Initial release' 
_pdbx_audit_revision_details.description         ? 
_pdbx_audit_revision_details.details             ? 
# 
loop_
_pdbx_audit_revision_group.ordinal 
_pdbx_audit_revision_group.revision_ordinal 
_pdbx_audit_revision_group.data_content_type 
_pdbx_audit_revision_group.group 
1 2 'Structure model' 'Data collection'     
2 2 'Structure model' 'Database references' 
# 
loop_
_pdbx_audit_revision_category.ordinal 
_pdbx_audit_revision_category.revision_ordinal 
_pdbx_audit_revision_category.data_content_type 
_pdbx_audit_revision_category.category 
1 2 'Structure model' chem_comp_atom 
2 2 'Structure model' chem_comp_bond 
3 2 'Structure model' database_2     
# 
loop_
_pdbx_audit_revision_item.ordinal 
_pdbx_audit_revision_item.revision_ordinal 
_pdbx_audit_revision_item.data_content_type 
_pdbx_audit_revision_item.item 
1 2 'Structure model' '_database_2.pdbx_DOI'                
2 2 'Structure model' '_database_2.pdbx_database_accession' 
# 
_phasing.method   MR 
# 
loop_
_software.pdbx_ordinal 
_software.name 
_software.version 
_software.date 
_software.type 
_software.contact_author 
_software.contact_author_email 
_software.classification 
_software.location 
_software.language 
_software.citation_id 
1 REFMAC      5.8.0189 ?               program 'Garib N. Murshudov' garib@ysbl.york.ac.uk    refinement        
http://www.ccp4.ac.uk/dist/html/refmac5.html        Fortran_77 ? 
2 Aimless     0.5.31   12/12/16        program 'Phil Evans'         ?                        'data scaling'    
http://www.mrc-lmb.cam.ac.uk/harry/pre/aimless.html ?          ? 
3 PDB_EXTRACT 3.23     'SEP. 23, 2016' package PDB                  deposit@deposit.rcsb.org 'data extraction' 
http://sw-tools.pdb.org/apps/PDB_EXTRACT/           C++        ? 
4 XDS         .        ?               program ?                    ?                        'data reduction'  ? ?          ? 
5 REFMAC      .        ?               program ?                    ?                        phasing           ? ?          ? 
# 
loop_
_pdbx_validate_symm_contact.id 
_pdbx_validate_symm_contact.PDB_model_num 
_pdbx_validate_symm_contact.auth_atom_id_1 
_pdbx_validate_symm_contact.auth_asym_id_1 
_pdbx_validate_symm_contact.auth_comp_id_1 
_pdbx_validate_symm_contact.auth_seq_id_1 
_pdbx_validate_symm_contact.PDB_ins_code_1 
_pdbx_validate_symm_contact.label_alt_id_1 
_pdbx_validate_symm_contact.site_symmetry_1 
_pdbx_validate_symm_contact.auth_atom_id_2 
_pdbx_validate_symm_contact.auth_asym_id_2 
_pdbx_validate_symm_contact.auth_comp_id_2 
_pdbx_validate_symm_contact.auth_seq_id_2 
_pdbx_validate_symm_contact.PDB_ins_code_2 
_pdbx_validate_symm_contact.label_alt_id_2 
_pdbx_validate_symm_contact.site_symmetry_2 
_pdbx_validate_symm_contact.dist 
1 1 O   A HOH 511 ? ? 1_555 O   A HOH 511 ? ? 6_559 1.30 
2 1 NE2 A GLN 134 ? ? 1_555 NE2 A GLN 134 ? ? 2_545 2.17 
# 
_pdbx_validate_rmsd_angle.id                         1 
_pdbx_validate_rmsd_angle.PDB_model_num              1 
_pdbx_validate_rmsd_angle.auth_atom_id_1             NE 
_pdbx_validate_rmsd_angle.auth_asym_id_1             A 
_pdbx_validate_rmsd_angle.auth_comp_id_1             ARG 
_pdbx_validate_rmsd_angle.auth_seq_id_1              92 
_pdbx_validate_rmsd_angle.PDB_ins_code_1             ? 
_pdbx_validate_rmsd_angle.label_alt_id_1             ? 
_pdbx_validate_rmsd_angle.auth_atom_id_2             CZ 
_pdbx_validate_rmsd_angle.auth_asym_id_2             A 
_pdbx_validate_rmsd_angle.auth_comp_id_2             ARG 
_pdbx_validate_rmsd_angle.auth_seq_id_2              92 
_pdbx_validate_rmsd_angle.PDB_ins_code_2             ? 
_pdbx_validate_rmsd_angle.label_alt_id_2             ? 
_pdbx_validate_rmsd_angle.auth_atom_id_3             NH1 
_pdbx_validate_rmsd_angle.auth_asym_id_3             A 
_pdbx_validate_rmsd_angle.auth_comp_id_3             ARG 
_pdbx_validate_rmsd_angle.auth_seq_id_3              92 
_pdbx_validate_rmsd_angle.PDB_ins_code_3             ? 
_pdbx_validate_rmsd_angle.label_alt_id_3             ? 
_pdbx_validate_rmsd_angle.angle_value                123.38 
_pdbx_validate_rmsd_angle.angle_target_value         120.30 
_pdbx_validate_rmsd_angle.angle_deviation            3.08 
_pdbx_validate_rmsd_angle.angle_standard_deviation   0.50 
_pdbx_validate_rmsd_angle.linker_flag                N 
# 
loop_
_pdbx_validate_torsion.id 
_pdbx_validate_torsion.PDB_model_num 
_pdbx_validate_torsion.auth_comp_id 
_pdbx_validate_torsion.auth_asym_id 
_pdbx_validate_torsion.auth_seq_id 
_pdbx_validate_torsion.PDB_ins_code 
_pdbx_validate_torsion.label_alt_id 
_pdbx_validate_torsion.phi 
_pdbx_validate_torsion.psi 
1 1 ALA A 68  ? ? 74.58 48.69  
2 1 THR A 118 ? ? 69.90 -18.11 
# 
loop_
_pdbx_unobs_or_zero_occ_atoms.id 
_pdbx_unobs_or_zero_occ_atoms.PDB_model_num 
_pdbx_unobs_or_zero_occ_atoms.polymer_flag 
_pdbx_unobs_or_zero_occ_atoms.occupancy_flag 
_pdbx_unobs_or_zero_occ_atoms.auth_asym_id 
_pdbx_unobs_or_zero_occ_atoms.auth_comp_id 
_pdbx_unobs_or_zero_occ_atoms.auth_seq_id 
_pdbx_unobs_or_zero_occ_atoms.PDB_ins_code 
_pdbx_unobs_or_zero_occ_atoms.auth_atom_id 
_pdbx_unobs_or_zero_occ_atoms.label_alt_id 
_pdbx_unobs_or_zero_occ_atoms.label_asym_id 
_pdbx_unobs_or_zero_occ_atoms.label_comp_id 
_pdbx_unobs_or_zero_occ_atoms.label_seq_id 
_pdbx_unobs_or_zero_occ_atoms.label_atom_id 
1 1 Y 1 A GLN 161 ? CG  ? A GLN 147 CG  
2 1 Y 1 A GLN 161 ? CD  ? A GLN 147 CD  
3 1 Y 1 A GLN 161 ? OE1 ? A GLN 147 OE1 
4 1 Y 1 A GLN 161 ? NE2 ? A GLN 147 NE2 
# 
loop_
_pdbx_unobs_or_zero_occ_residues.id 
_pdbx_unobs_or_zero_occ_residues.PDB_model_num 
_pdbx_unobs_or_zero_occ_residues.polymer_flag 
_pdbx_unobs_or_zero_occ_residues.occupancy_flag 
_pdbx_unobs_or_zero_occ_residues.auth_asym_id 
_pdbx_unobs_or_zero_occ_residues.auth_comp_id 
_pdbx_unobs_or_zero_occ_residues.auth_seq_id 
_pdbx_unobs_or_zero_occ_residues.PDB_ins_code 
_pdbx_unobs_or_zero_occ_residues.label_asym_id 
_pdbx_unobs_or_zero_occ_residues.label_comp_id 
_pdbx_unobs_or_zero_occ_residues.label_seq_id 
1  1 Y 1 A HIS 162 ? A HIS 148 
2  1 Y 1 A TYR 163 ? A TYR 149 
3  1 Y 1 A VAL 164 ? A VAL 150 
4  1 Y 1 A THR 165 ? A THR 151 
5  1 Y 1 A ARG 166 ? A ARG 152 
6  1 Y 1 A LEU 167 ? A LEU 153 
7  1 Y 1 A GLY 168 ? A GLY 154 
8  1 Y 1 A HIS 169 ? A HIS 155 
9  1 Y 1 A ARG 170 ? A ARG 156 
10 1 Y 1 A PHE 171 ? A PHE 157 
# 
loop_
_chem_comp_atom.comp_id 
_chem_comp_atom.atom_id 
_chem_comp_atom.type_symbol 
_chem_comp_atom.pdbx_aromatic_flag 
_chem_comp_atom.pdbx_stereo_config 
_chem_comp_atom.pdbx_ordinal 
ACT C    C N N 1   
ACT O    O N N 2   
ACT OXT  O N N 3   
ACT CH3  C N N 4   
ACT H1   H N N 5   
ACT H2   H N N 6   
ACT H3   H N N 7   
ALA N    N N N 8   
ALA CA   C N S 9   
ALA C    C N N 10  
ALA O    O N N 11  
ALA CB   C N N 12  
ALA OXT  O N N 13  
ALA H    H N N 14  
ALA H2   H N N 15  
ALA HA   H N N 16  
ALA HB1  H N N 17  
ALA HB2  H N N 18  
ALA HB3  H N N 19  
ALA HXT  H N N 20  
ARG N    N N N 21  
ARG CA   C N S 22  
ARG C    C N N 23  
ARG O    O N N 24  
ARG CB   C N N 25  
ARG CG   C N N 26  
ARG CD   C N N 27  
ARG NE   N N N 28  
ARG CZ   C N N 29  
ARG NH1  N N N 30  
ARG NH2  N N N 31  
ARG OXT  O N N 32  
ARG H    H N N 33  
ARG H2   H N N 34  
ARG HA   H N N 35  
ARG HB2  H N N 36  
ARG HB3  H N N 37  
ARG HG2  H N N 38  
ARG HG3  H N N 39  
ARG HD2  H N N 40  
ARG HD3  H N N 41  
ARG HE   H N N 42  
ARG HH11 H N N 43  
ARG HH12 H N N 44  
ARG HH21 H N N 45  
ARG HH22 H N N 46  
ARG HXT  H N N 47  
ASN N    N N N 48  
ASN CA   C N S 49  
ASN C    C N N 50  
ASN O    O N N 51  
ASN CB   C N N 52  
ASN CG   C N N 53  
ASN OD1  O N N 54  
ASN ND2  N N N 55  
ASN OXT  O N N 56  
ASN H    H N N 57  
ASN H2   H N N 58  
ASN HA   H N N 59  
ASN HB2  H N N 60  
ASN HB3  H N N 61  
ASN HD21 H N N 62  
ASN HD22 H N N 63  
ASN HXT  H N N 64  
ASP N    N N N 65  
ASP CA   C N S 66  
ASP C    C N N 67  
ASP O    O N N 68  
ASP CB   C N N 69  
ASP CG   C N N 70  
ASP OD1  O N N 71  
ASP OD2  O N N 72  
ASP OXT  O N N 73  
ASP H    H N N 74  
ASP H2   H N N 75  
ASP HA   H N N 76  
ASP HB2  H N N 77  
ASP HB3  H N N 78  
ASP HD2  H N N 79  
ASP HXT  H N N 80  
CSO N    N N N 81  
CSO CA   C N R 82  
CSO CB   C N N 83  
CSO SG   S N N 84  
CSO C    C N N 85  
CSO O    O N N 86  
CSO OXT  O N N 87  
CSO OD   O N N 88  
CSO H    H N N 89  
CSO H2   H N N 90  
CSO HA   H N N 91  
CSO HB2  H N N 92  
CSO HB3  H N N 93  
CSO HXT  H N N 94  
CSO HD   H N N 95  
CYS N    N N N 96  
CYS CA   C N R 97  
CYS C    C N N 98  
CYS O    O N N 99  
CYS CB   C N N 100 
CYS SG   S N N 101 
CYS OXT  O N N 102 
CYS H    H N N 103 
CYS H2   H N N 104 
CYS HA   H N N 105 
CYS HB2  H N N 106 
CYS HB3  H N N 107 
CYS HG   H N N 108 
CYS HXT  H N N 109 
DMS S    S N N 110 
DMS O    O N N 111 
DMS C1   C N N 112 
DMS C2   C N N 113 
DMS H11  H N N 114 
DMS H12  H N N 115 
DMS H13  H N N 116 
DMS H21  H N N 117 
DMS H22  H N N 118 
DMS H23  H N N 119 
GLN N    N N N 120 
GLN CA   C N S 121 
GLN C    C N N 122 
GLN O    O N N 123 
GLN CB   C N N 124 
GLN CG   C N N 125 
GLN CD   C N N 126 
GLN OE1  O N N 127 
GLN NE2  N N N 128 
GLN OXT  O N N 129 
GLN H    H N N 130 
GLN H2   H N N 131 
GLN HA   H N N 132 
GLN HB2  H N N 133 
GLN HB3  H N N 134 
GLN HG2  H N N 135 
GLN HG3  H N N 136 
GLN HE21 H N N 137 
GLN HE22 H N N 138 
GLN HXT  H N N 139 
GLU N    N N N 140 
GLU CA   C N S 141 
GLU C    C N N 142 
GLU O    O N N 143 
GLU CB   C N N 144 
GLU CG   C N N 145 
GLU CD   C N N 146 
GLU OE1  O N N 147 
GLU OE2  O N N 148 
GLU OXT  O N N 149 
GLU H    H N N 150 
GLU H2   H N N 151 
GLU HA   H N N 152 
GLU HB2  H N N 153 
GLU HB3  H N N 154 
GLU HG2  H N N 155 
GLU HG3  H N N 156 
GLU HE2  H N N 157 
GLU HXT  H N N 158 
GLY N    N N N 159 
GLY CA   C N N 160 
GLY C    C N N 161 
GLY O    O N N 162 
GLY OXT  O N N 163 
GLY H    H N N 164 
GLY H2   H N N 165 
GLY HA2  H N N 166 
GLY HA3  H N N 167 
GLY HXT  H N N 168 
H4A N1   N N N 169 
H4A C4   C Y N 170 
H4A C5   C Y N 171 
H4A C6   C Y N 172 
H4A C7   C Y N 173 
H4A C8   C Y N 174 
H4A C10  C N R 175 
H4A C13  C N N 176 
H4A C15  C N R 177 
H4A O1   O N N 178 
H4A C1   C N R 179 
H4A C2   C N N 180 
H4A C3   C N R 181 
H4A C9   C Y N 182 
H4A C11  C N N 183 
H4A C12  C N R 184 
H4A C14  C N N 185 
H4A N2   N N N 186 
H4A H1   H N N 187 
H4A H3   H N N 188 
H4A H4   H N N 189 
H4A H5   H N N 190 
H4A H6   H N N 191 
H4A H7   H N N 192 
H4A H8   H N N 193 
H4A H9   H N N 194 
H4A H10  H N N 195 
H4A H11  H N N 196 
H4A H12  H N N 197 
H4A H13  H N N 198 
H4A H14  H N N 199 
H4A H15  H N N 200 
H4A H16  H N N 201 
H4A H17  H N N 202 
H4A H18  H N N 203 
H4A H19  H N N 204 
H4A H20  H N N 205 
H4A H21  H N N 206 
HIS N    N N N 207 
HIS CA   C N S 208 
HIS C    C N N 209 
HIS O    O N N 210 
HIS CB   C N N 211 
HIS CG   C Y N 212 
HIS ND1  N Y N 213 
HIS CD2  C Y N 214 
HIS CE1  C Y N 215 
HIS NE2  N Y N 216 
HIS OXT  O N N 217 
HIS H    H N N 218 
HIS H2   H N N 219 
HIS HA   H N N 220 
HIS HB2  H N N 221 
HIS HB3  H N N 222 
HIS HD1  H N N 223 
HIS HD2  H N N 224 
HIS HE1  H N N 225 
HIS HE2  H N N 226 
HIS HXT  H N N 227 
HOH O    O N N 228 
HOH H1   H N N 229 
HOH H2   H N N 230 
HYP N    N N N 231 
HYP CA   C N S 232 
HYP C    C N N 233 
HYP O    O N N 234 
HYP CB   C N N 235 
HYP CG   C N R 236 
HYP CD   C N N 237 
HYP OD1  O N N 238 
HYP OXT  O N N 239 
HYP H    H N N 240 
HYP HA   H N N 241 
HYP HB2  H N N 242 
HYP HB3  H N N 243 
HYP HG   H N N 244 
HYP HD22 H N N 245 
HYP HD23 H N N 246 
HYP HD1  H N N 247 
HYP HXT  H N N 248 
ILE N    N N N 249 
ILE CA   C N S 250 
ILE C    C N N 251 
ILE O    O N N 252 
ILE CB   C N S 253 
ILE CG1  C N N 254 
ILE CG2  C N N 255 
ILE CD1  C N N 256 
ILE OXT  O N N 257 
ILE H    H N N 258 
ILE H2   H N N 259 
ILE HA   H N N 260 
ILE HB   H N N 261 
ILE HG12 H N N 262 
ILE HG13 H N N 263 
ILE HG21 H N N 264 
ILE HG22 H N N 265 
ILE HG23 H N N 266 
ILE HD11 H N N 267 
ILE HD12 H N N 268 
ILE HD13 H N N 269 
ILE HXT  H N N 270 
LEU N    N N N 271 
LEU CA   C N S 272 
LEU C    C N N 273 
LEU O    O N N 274 
LEU CB   C N N 275 
LEU CG   C N N 276 
LEU CD1  C N N 277 
LEU CD2  C N N 278 
LEU OXT  O N N 279 
LEU H    H N N 280 
LEU H2   H N N 281 
LEU HA   H N N 282 
LEU HB2  H N N 283 
LEU HB3  H N N 284 
LEU HG   H N N 285 
LEU HD11 H N N 286 
LEU HD12 H N N 287 
LEU HD13 H N N 288 
LEU HD21 H N N 289 
LEU HD22 H N N 290 
LEU HD23 H N N 291 
LEU HXT  H N N 292 
LYS N    N N N 293 
LYS CA   C N S 294 
LYS C    C N N 295 
LYS O    O N N 296 
LYS CB   C N N 297 
LYS CG   C N N 298 
LYS CD   C N N 299 
LYS CE   C N N 300 
LYS NZ   N N N 301 
LYS OXT  O N N 302 
LYS H    H N N 303 
LYS H2   H N N 304 
LYS HA   H N N 305 
LYS HB2  H N N 306 
LYS HB3  H N N 307 
LYS HG2  H N N 308 
LYS HG3  H N N 309 
LYS HD2  H N N 310 
LYS HD3  H N N 311 
LYS HE2  H N N 312 
LYS HE3  H N N 313 
LYS HZ1  H N N 314 
LYS HZ2  H N N 315 
LYS HZ3  H N N 316 
LYS HXT  H N N 317 
MET N    N N N 318 
MET CA   C N S 319 
MET C    C N N 320 
MET O    O N N 321 
MET CB   C N N 322 
MET CG   C N N 323 
MET SD   S N N 324 
MET CE   C N N 325 
MET OXT  O N N 326 
MET H    H N N 327 
MET H2   H N N 328 
MET HA   H N N 329 
MET HB2  H N N 330 
MET HB3  H N N 331 
MET HG2  H N N 332 
MET HG3  H N N 333 
MET HE1  H N N 334 
MET HE2  H N N 335 
MET HE3  H N N 336 
MET HXT  H N N 337 
PHE N    N N N 338 
PHE CA   C N S 339 
PHE C    C N N 340 
PHE O    O N N 341 
PHE CB   C N N 342 
PHE CG   C Y N 343 
PHE CD1  C Y N 344 
PHE CD2  C Y N 345 
PHE CE1  C Y N 346 
PHE CE2  C Y N 347 
PHE CZ   C Y N 348 
PHE OXT  O N N 349 
PHE H    H N N 350 
PHE H2   H N N 351 
PHE HA   H N N 352 
PHE HB2  H N N 353 
PHE HB3  H N N 354 
PHE HD1  H N N 355 
PHE HD2  H N N 356 
PHE HE1  H N N 357 
PHE HE2  H N N 358 
PHE HZ   H N N 359 
PHE HXT  H N N 360 
PRO N    N N N 361 
PRO CA   C N S 362 
PRO C    C N N 363 
PRO O    O N N 364 
PRO CB   C N N 365 
PRO CG   C N N 366 
PRO CD   C N N 367 
PRO OXT  O N N 368 
PRO H    H N N 369 
PRO HA   H N N 370 
PRO HB2  H N N 371 
PRO HB3  H N N 372 
PRO HG2  H N N 373 
PRO HG3  H N N 374 
PRO HD2  H N N 375 
PRO HD3  H N N 376 
PRO HXT  H N N 377 
SER N    N N N 378 
SER CA   C N S 379 
SER C    C N N 380 
SER O    O N N 381 
SER CB   C N N 382 
SER OG   O N N 383 
SER OXT  O N N 384 
SER H    H N N 385 
SER H2   H N N 386 
SER HA   H N N 387 
SER HB2  H N N 388 
SER HB3  H N N 389 
SER HG   H N N 390 
SER HXT  H N N 391 
THR N    N N N 392 
THR CA   C N S 393 
THR C    C N N 394 
THR O    O N N 395 
THR CB   C N R 396 
THR OG1  O N N 397 
THR CG2  C N N 398 
THR OXT  O N N 399 
THR H    H N N 400 
THR H2   H N N 401 
THR HA   H N N 402 
THR HB   H N N 403 
THR HG1  H N N 404 
THR HG21 H N N 405 
THR HG22 H N N 406 
THR HG23 H N N 407 
THR HXT  H N N 408 
TYR N    N N N 409 
TYR CA   C N S 410 
TYR C    C N N 411 
TYR O    O N N 412 
TYR CB   C N N 413 
TYR CG   C Y N 414 
TYR CD1  C Y N 415 
TYR CD2  C Y N 416 
TYR CE1  C Y N 417 
TYR CE2  C Y N 418 
TYR CZ   C Y N 419 
TYR OH   O N N 420 
TYR OXT  O N N 421 
TYR H    H N N 422 
TYR H2   H N N 423 
TYR HA   H N N 424 
TYR HB2  H N N 425 
TYR HB3  H N N 426 
TYR HD1  H N N 427 
TYR HD2  H N N 428 
TYR HE1  H N N 429 
TYR HE2  H N N 430 
TYR HH   H N N 431 
TYR HXT  H N N 432 
VAL N    N N N 433 
VAL CA   C N S 434 
VAL C    C N N 435 
VAL O    O N N 436 
VAL CB   C N N 437 
VAL CG1  C N N 438 
VAL CG2  C N N 439 
VAL OXT  O N N 440 
VAL H    H N N 441 
VAL H2   H N N 442 
VAL HA   H N N 443 
VAL HB   H N N 444 
VAL HG11 H N N 445 
VAL HG12 H N N 446 
VAL HG13 H N N 447 
VAL HG21 H N N 448 
VAL HG22 H N N 449 
VAL HG23 H N N 450 
VAL HXT  H N N 451 
# 
loop_
_chem_comp_bond.comp_id 
_chem_comp_bond.atom_id_1 
_chem_comp_bond.atom_id_2 
_chem_comp_bond.value_order 
_chem_comp_bond.pdbx_aromatic_flag 
_chem_comp_bond.pdbx_stereo_config 
_chem_comp_bond.pdbx_ordinal 
ACT C   O    doub N N 1   
ACT C   OXT  sing N N 2   
ACT C   CH3  sing N N 3   
ACT CH3 H1   sing N N 4   
ACT CH3 H2   sing N N 5   
ACT CH3 H3   sing N N 6   
ALA N   CA   sing N N 7   
ALA N   H    sing N N 8   
ALA N   H2   sing N N 9   
ALA CA  C    sing N N 10  
ALA CA  CB   sing N N 11  
ALA CA  HA   sing N N 12  
ALA C   O    doub N N 13  
ALA C   OXT  sing N N 14  
ALA CB  HB1  sing N N 15  
ALA CB  HB2  sing N N 16  
ALA CB  HB3  sing N N 17  
ALA OXT HXT  sing N N 18  
ARG N   CA   sing N N 19  
ARG N   H    sing N N 20  
ARG N   H2   sing N N 21  
ARG CA  C    sing N N 22  
ARG CA  CB   sing N N 23  
ARG CA  HA   sing N N 24  
ARG C   O    doub N N 25  
ARG C   OXT  sing N N 26  
ARG CB  CG   sing N N 27  
ARG CB  HB2  sing N N 28  
ARG CB  HB3  sing N N 29  
ARG CG  CD   sing N N 30  
ARG CG  HG2  sing N N 31  
ARG CG  HG3  sing N N 32  
ARG CD  NE   sing N N 33  
ARG CD  HD2  sing N N 34  
ARG CD  HD3  sing N N 35  
ARG NE  CZ   sing N N 36  
ARG NE  HE   sing N N 37  
ARG CZ  NH1  sing N N 38  
ARG CZ  NH2  doub N N 39  
ARG NH1 HH11 sing N N 40  
ARG NH1 HH12 sing N N 41  
ARG NH2 HH21 sing N N 42  
ARG NH2 HH22 sing N N 43  
ARG OXT HXT  sing N N 44  
ASN N   CA   sing N N 45  
ASN N   H    sing N N 46  
ASN N   H2   sing N N 47  
ASN CA  C    sing N N 48  
ASN CA  CB   sing N N 49  
ASN CA  HA   sing N N 50  
ASN C   O    doub N N 51  
ASN C   OXT  sing N N 52  
ASN CB  CG   sing N N 53  
ASN CB  HB2  sing N N 54  
ASN CB  HB3  sing N N 55  
ASN CG  OD1  doub N N 56  
ASN CG  ND2  sing N N 57  
ASN ND2 HD21 sing N N 58  
ASN ND2 HD22 sing N N 59  
ASN OXT HXT  sing N N 60  
ASP N   CA   sing N N 61  
ASP N   H    sing N N 62  
ASP N   H2   sing N N 63  
ASP CA  C    sing N N 64  
ASP CA  CB   sing N N 65  
ASP CA  HA   sing N N 66  
ASP C   O    doub N N 67  
ASP C   OXT  sing N N 68  
ASP CB  CG   sing N N 69  
ASP CB  HB2  sing N N 70  
ASP CB  HB3  sing N N 71  
ASP CG  OD1  doub N N 72  
ASP CG  OD2  sing N N 73  
ASP OD2 HD2  sing N N 74  
ASP OXT HXT  sing N N 75  
CSO N   CA   sing N N 76  
CSO N   H    sing N N 77  
CSO N   H2   sing N N 78  
CSO CA  CB   sing N N 79  
CSO CA  C    sing N N 80  
CSO CA  HA   sing N N 81  
CSO CB  SG   sing N N 82  
CSO CB  HB2  sing N N 83  
CSO CB  HB3  sing N N 84  
CSO SG  OD   sing N N 85  
CSO C   O    doub N N 86  
CSO C   OXT  sing N N 87  
CSO OXT HXT  sing N N 88  
CSO OD  HD   sing N N 89  
CYS N   CA   sing N N 90  
CYS N   H    sing N N 91  
CYS N   H2   sing N N 92  
CYS CA  C    sing N N 93  
CYS CA  CB   sing N N 94  
CYS CA  HA   sing N N 95  
CYS C   O    doub N N 96  
CYS C   OXT  sing N N 97  
CYS CB  SG   sing N N 98  
CYS CB  HB2  sing N N 99  
CYS CB  HB3  sing N N 100 
CYS SG  HG   sing N N 101 
CYS OXT HXT  sing N N 102 
DMS S   O    doub N N 103 
DMS S   C1   sing N N 104 
DMS S   C2   sing N N 105 
DMS C1  H11  sing N N 106 
DMS C1  H12  sing N N 107 
DMS C1  H13  sing N N 108 
DMS C2  H21  sing N N 109 
DMS C2  H22  sing N N 110 
DMS C2  H23  sing N N 111 
GLN N   CA   sing N N 112 
GLN N   H    sing N N 113 
GLN N   H2   sing N N 114 
GLN CA  C    sing N N 115 
GLN CA  CB   sing N N 116 
GLN CA  HA   sing N N 117 
GLN C   O    doub N N 118 
GLN C   OXT  sing N N 119 
GLN CB  CG   sing N N 120 
GLN CB  HB2  sing N N 121 
GLN CB  HB3  sing N N 122 
GLN CG  CD   sing N N 123 
GLN CG  HG2  sing N N 124 
GLN CG  HG3  sing N N 125 
GLN CD  OE1  doub N N 126 
GLN CD  NE2  sing N N 127 
GLN NE2 HE21 sing N N 128 
GLN NE2 HE22 sing N N 129 
GLN OXT HXT  sing N N 130 
GLU N   CA   sing N N 131 
GLU N   H    sing N N 132 
GLU N   H2   sing N N 133 
GLU CA  C    sing N N 134 
GLU CA  CB   sing N N 135 
GLU CA  HA   sing N N 136 
GLU C   O    doub N N 137 
GLU C   OXT  sing N N 138 
GLU CB  CG   sing N N 139 
GLU CB  HB2  sing N N 140 
GLU CB  HB3  sing N N 141 
GLU CG  CD   sing N N 142 
GLU CG  HG2  sing N N 143 
GLU CG  HG3  sing N N 144 
GLU CD  OE1  doub N N 145 
GLU CD  OE2  sing N N 146 
GLU OE2 HE2  sing N N 147 
GLU OXT HXT  sing N N 148 
GLY N   CA   sing N N 149 
GLY N   H    sing N N 150 
GLY N   H2   sing N N 151 
GLY CA  C    sing N N 152 
GLY CA  HA2  sing N N 153 
GLY CA  HA3  sing N N 154 
GLY C   O    doub N N 155 
GLY C   OXT  sing N N 156 
GLY OXT HXT  sing N N 157 
H4A C6  C7   doub Y N 158 
H4A C6  C5   sing Y N 159 
H4A C7  C8   sing Y N 160 
H4A C5  C4   doub Y N 161 
H4A C8  C9   doub Y N 162 
H4A O1  C1   sing N N 163 
H4A C4  C9   sing Y N 164 
H4A C4  C3   sing N N 165 
H4A C2  C1   sing N N 166 
H4A C2  C3   sing N N 167 
H4A C1  C15  sing N N 168 
H4A C3  C10  sing N N 169 
H4A N2  C15  sing N N 170 
H4A N2  C10  sing N N 171 
H4A C15 C14  sing N N 172 
H4A C15 C12  sing N N 173 
H4A C10 C11  sing N N 174 
H4A C14 N1   sing N N 175 
H4A C12 C11  sing N N 176 
H4A C12 C13  sing N N 177 
H4A N1  C13  sing N N 178 
H4A N1  H1   sing N N 179 
H4A C5  H3   sing N N 180 
H4A C6  H4   sing N N 181 
H4A C7  H5   sing N N 182 
H4A C8  H6   sing N N 183 
H4A C10 H7   sing N N 184 
H4A C13 H8   sing N N 185 
H4A C13 H9   sing N N 186 
H4A O1  H10  sing N N 187 
H4A C1  H11  sing N N 188 
H4A C2  H12  sing N N 189 
H4A C2  H13  sing N N 190 
H4A C3  H14  sing N N 191 
H4A C9  H15  sing N N 192 
H4A C11 H16  sing N N 193 
H4A C11 H17  sing N N 194 
H4A C12 H18  sing N N 195 
H4A C14 H19  sing N N 196 
H4A C14 H20  sing N N 197 
H4A N2  H21  sing N N 198 
HIS N   CA   sing N N 199 
HIS N   H    sing N N 200 
HIS N   H2   sing N N 201 
HIS CA  C    sing N N 202 
HIS CA  CB   sing N N 203 
HIS CA  HA   sing N N 204 
HIS C   O    doub N N 205 
HIS C   OXT  sing N N 206 
HIS CB  CG   sing N N 207 
HIS CB  HB2  sing N N 208 
HIS CB  HB3  sing N N 209 
HIS CG  ND1  sing Y N 210 
HIS CG  CD2  doub Y N 211 
HIS ND1 CE1  doub Y N 212 
HIS ND1 HD1  sing N N 213 
HIS CD2 NE2  sing Y N 214 
HIS CD2 HD2  sing N N 215 
HIS CE1 NE2  sing Y N 216 
HIS CE1 HE1  sing N N 217 
HIS NE2 HE2  sing N N 218 
HIS OXT HXT  sing N N 219 
HOH O   H1   sing N N 220 
HOH O   H2   sing N N 221 
HYP N   CA   sing N N 222 
HYP N   CD   sing N N 223 
HYP N   H    sing N N 224 
HYP CA  C    sing N N 225 
HYP CA  CB   sing N N 226 
HYP CA  HA   sing N N 227 
HYP C   O    doub N N 228 
HYP C   OXT  sing N N 229 
HYP CB  CG   sing N N 230 
HYP CB  HB2  sing N N 231 
HYP CB  HB3  sing N N 232 
HYP CG  CD   sing N N 233 
HYP CG  OD1  sing N N 234 
HYP CG  HG   sing N N 235 
HYP CD  HD22 sing N N 236 
HYP CD  HD23 sing N N 237 
HYP OD1 HD1  sing N N 238 
HYP OXT HXT  sing N N 239 
ILE N   CA   sing N N 240 
ILE N   H    sing N N 241 
ILE N   H2   sing N N 242 
ILE CA  C    sing N N 243 
ILE CA  CB   sing N N 244 
ILE CA  HA   sing N N 245 
ILE C   O    doub N N 246 
ILE C   OXT  sing N N 247 
ILE CB  CG1  sing N N 248 
ILE CB  CG2  sing N N 249 
ILE CB  HB   sing N N 250 
ILE CG1 CD1  sing N N 251 
ILE CG1 HG12 sing N N 252 
ILE CG1 HG13 sing N N 253 
ILE CG2 HG21 sing N N 254 
ILE CG2 HG22 sing N N 255 
ILE CG2 HG23 sing N N 256 
ILE CD1 HD11 sing N N 257 
ILE CD1 HD12 sing N N 258 
ILE CD1 HD13 sing N N 259 
ILE OXT HXT  sing N N 260 
LEU N   CA   sing N N 261 
LEU N   H    sing N N 262 
LEU N   H2   sing N N 263 
LEU CA  C    sing N N 264 
LEU CA  CB   sing N N 265 
LEU CA  HA   sing N N 266 
LEU C   O    doub N N 267 
LEU C   OXT  sing N N 268 
LEU CB  CG   sing N N 269 
LEU CB  HB2  sing N N 270 
LEU CB  HB3  sing N N 271 
LEU CG  CD1  sing N N 272 
LEU CG  CD2  sing N N 273 
LEU CG  HG   sing N N 274 
LEU CD1 HD11 sing N N 275 
LEU CD1 HD12 sing N N 276 
LEU CD1 HD13 sing N N 277 
LEU CD2 HD21 sing N N 278 
LEU CD2 HD22 sing N N 279 
LEU CD2 HD23 sing N N 280 
LEU OXT HXT  sing N N 281 
LYS N   CA   sing N N 282 
LYS N   H    sing N N 283 
LYS N   H2   sing N N 284 
LYS CA  C    sing N N 285 
LYS CA  CB   sing N N 286 
LYS CA  HA   sing N N 287 
LYS C   O    doub N N 288 
LYS C   OXT  sing N N 289 
LYS CB  CG   sing N N 290 
LYS CB  HB2  sing N N 291 
LYS CB  HB3  sing N N 292 
LYS CG  CD   sing N N 293 
LYS CG  HG2  sing N N 294 
LYS CG  HG3  sing N N 295 
LYS CD  CE   sing N N 296 
LYS CD  HD2  sing N N 297 
LYS CD  HD3  sing N N 298 
LYS CE  NZ   sing N N 299 
LYS CE  HE2  sing N N 300 
LYS CE  HE3  sing N N 301 
LYS NZ  HZ1  sing N N 302 
LYS NZ  HZ2  sing N N 303 
LYS NZ  HZ3  sing N N 304 
LYS OXT HXT  sing N N 305 
MET N   CA   sing N N 306 
MET N   H    sing N N 307 
MET N   H2   sing N N 308 
MET CA  C    sing N N 309 
MET CA  CB   sing N N 310 
MET CA  HA   sing N N 311 
MET C   O    doub N N 312 
MET C   OXT  sing N N 313 
MET CB  CG   sing N N 314 
MET CB  HB2  sing N N 315 
MET CB  HB3  sing N N 316 
MET CG  SD   sing N N 317 
MET CG  HG2  sing N N 318 
MET CG  HG3  sing N N 319 
MET SD  CE   sing N N 320 
MET CE  HE1  sing N N 321 
MET CE  HE2  sing N N 322 
MET CE  HE3  sing N N 323 
MET OXT HXT  sing N N 324 
PHE N   CA   sing N N 325 
PHE N   H    sing N N 326 
PHE N   H2   sing N N 327 
PHE CA  C    sing N N 328 
PHE CA  CB   sing N N 329 
PHE CA  HA   sing N N 330 
PHE C   O    doub N N 331 
PHE C   OXT  sing N N 332 
PHE CB  CG   sing N N 333 
PHE CB  HB2  sing N N 334 
PHE CB  HB3  sing N N 335 
PHE CG  CD1  doub Y N 336 
PHE CG  CD2  sing Y N 337 
PHE CD1 CE1  sing Y N 338 
PHE CD1 HD1  sing N N 339 
PHE CD2 CE2  doub Y N 340 
PHE CD2 HD2  sing N N 341 
PHE CE1 CZ   doub Y N 342 
PHE CE1 HE1  sing N N 343 
PHE CE2 CZ   sing Y N 344 
PHE CE2 HE2  sing N N 345 
PHE CZ  HZ   sing N N 346 
PHE OXT HXT  sing N N 347 
PRO N   CA   sing N N 348 
PRO N   CD   sing N N 349 
PRO N   H    sing N N 350 
PRO CA  C    sing N N 351 
PRO CA  CB   sing N N 352 
PRO CA  HA   sing N N 353 
PRO C   O    doub N N 354 
PRO C   OXT  sing N N 355 
PRO CB  CG   sing N N 356 
PRO CB  HB2  sing N N 357 
PRO CB  HB3  sing N N 358 
PRO CG  CD   sing N N 359 
PRO CG  HG2  sing N N 360 
PRO CG  HG3  sing N N 361 
PRO CD  HD2  sing N N 362 
PRO CD  HD3  sing N N 363 
PRO OXT HXT  sing N N 364 
SER N   CA   sing N N 365 
SER N   H    sing N N 366 
SER N   H2   sing N N 367 
SER CA  C    sing N N 368 
SER CA  CB   sing N N 369 
SER CA  HA   sing N N 370 
SER C   O    doub N N 371 
SER C   OXT  sing N N 372 
SER CB  OG   sing N N 373 
SER CB  HB2  sing N N 374 
SER CB  HB3  sing N N 375 
SER OG  HG   sing N N 376 
SER OXT HXT  sing N N 377 
THR N   CA   sing N N 378 
THR N   H    sing N N 379 
THR N   H2   sing N N 380 
THR CA  C    sing N N 381 
THR CA  CB   sing N N 382 
THR CA  HA   sing N N 383 
THR C   O    doub N N 384 
THR C   OXT  sing N N 385 
THR CB  OG1  sing N N 386 
THR CB  CG2  sing N N 387 
THR CB  HB   sing N N 388 
THR OG1 HG1  sing N N 389 
THR CG2 HG21 sing N N 390 
THR CG2 HG22 sing N N 391 
THR CG2 HG23 sing N N 392 
THR OXT HXT  sing N N 393 
TYR N   CA   sing N N 394 
TYR N   H    sing N N 395 
TYR N   H2   sing N N 396 
TYR CA  C    sing N N 397 
TYR CA  CB   sing N N 398 
TYR CA  HA   sing N N 399 
TYR C   O    doub N N 400 
TYR C   OXT  sing N N 401 
TYR CB  CG   sing N N 402 
TYR CB  HB2  sing N N 403 
TYR CB  HB3  sing N N 404 
TYR CG  CD1  doub Y N 405 
TYR CG  CD2  sing Y N 406 
TYR CD1 CE1  sing Y N 407 
TYR CD1 HD1  sing N N 408 
TYR CD2 CE2  doub Y N 409 
TYR CD2 HD2  sing N N 410 
TYR CE1 CZ   doub Y N 411 
TYR CE1 HE1  sing N N 412 
TYR CE2 CZ   sing Y N 413 
TYR CE2 HE2  sing N N 414 
TYR CZ  OH   sing N N 415 
TYR OH  HH   sing N N 416 
TYR OXT HXT  sing N N 417 
VAL N   CA   sing N N 418 
VAL N   H    sing N N 419 
VAL N   H2   sing N N 420 
VAL CA  C    sing N N 421 
VAL CA  CB   sing N N 422 
VAL CA  HA   sing N N 423 
VAL C   O    doub N N 424 
VAL C   OXT  sing N N 425 
VAL CB  CG1  sing N N 426 
VAL CB  CG2  sing N N 427 
VAL CB  HB   sing N N 428 
VAL CG1 HG11 sing N N 429 
VAL CG1 HG12 sing N N 430 
VAL CG1 HG13 sing N N 431 
VAL CG2 HG21 sing N N 432 
VAL CG2 HG22 sing N N 433 
VAL CG2 HG23 sing N N 434 
VAL OXT HXT  sing N N 435 
# 
_pdbx_deposit_group.group_id            G_1002045 
_pdbx_deposit_group.group_description   
;human NUDT7 screened against the 3D-Fragment Consortium Library by X-ray Crystallography at the XChem facility of Diamond Light Source beamline I04-1
;
_pdbx_deposit_group.group_title         'PanDDA analysis group deposition of models with modelled events (e.g. bound ligands)' 
_pdbx_deposit_group.group_type          'changed state' 
# 
loop_
_pdbx_entity_nonpoly.entity_id 
_pdbx_entity_nonpoly.name 
_pdbx_entity_nonpoly.comp_id 
2 '(3aR,4R,6R,7R,8aR)-6-phenyloctahydro-1H-3a,7-epiminocyclohepta[c]pyrrol-4-ol' H4A 
3 'ACETATE ION'                                                                  ACT 
4 'DIMETHYL SULFOXIDE'                                                           DMS 
5 water                                                                          HOH 
# 
_pdbx_related_exp_data_set.ordinal              1 
_pdbx_related_exp_data_set.data_reference       10.5281/zenodo.1244111 
_pdbx_related_exp_data_set.metadata_reference   10.5281/zenodo.1244111 
_pdbx_related_exp_data_set.data_set_type        'other data' 
_pdbx_related_exp_data_set.details              'Complete PanDDA analysis' 
# 
